data_5GZU
#
_entry.id   5GZU
#
_cell.length_a   111.981
_cell.length_b   127.990
_cell.length_c   162.078
_cell.angle_alpha   90.00
_cell.angle_beta   90.00
_cell.angle_gamma   90.00
#
_symmetry.space_group_name_H-M   'P 21 21 21'
#
loop_
_entity.id
_entity.type
_entity.pdbx_description
1 polymer Chitinase
2 non-polymer 'PHOSPHATE ION'
3 water water
#
_entity_poly.entity_id   1
_entity_poly.type   'polypeptide(L)'
_entity_poly.pdbx_seq_one_letter_code
;MNHKVHHHHHHIEGRHMELGTLEVQGKIVSYIPAWVDWAKDERGVDATKFTHLYYAFGRINNGKVVTIKEDAKWTEDPTI
TEADRIKRRNNPDESNLAYLTGLKAKNPNLKVLVSIGGWEAEGFSDAALTPESREVFANSALDFMNKYNLDGIDLDWEYP
VYGAWGVIKSRPEDKANFTALLKLLREKLDAQSTTTNKYYELAIAAGASKTYTDSVELTKITPYLDYINLMTYDLHGGWD
PATSHHTAVYSATNNQLSVDSTVKLYLNNGVPAEKLMVGGAFYSRVWQNVENKGTGLSEKAGSQAGSPGTIVYSELVNNY
INKNGYTRYWDDTAKAPYLFNGSTFISYEDTASAAYKAEYIKQNNLAGFMYWEYSQDSDSHELANTIYSRLYAKSGTPLS
VGTSVYAGTVTMATYTQLPAGTFILPLTQGTLKPVISASDVTVSGIPAGITYTVANAADHRNAVAVYVNGGTVASNVYDP
IDVRVVVKASAVLEANMTDSAPASVTIMPKFGPILLGYVPGWVDWTNSAYKVDATKLTHINYAFARIKDNKVVKISEDIN
WVNEFPSEEIREQRRNNPDDANFAYLKTLKQQNPSLKVLVSIGGWAAEGFSDAALTPETREELANSAIAFMHQYGFDGID
LDWEYPVYGAFGVIKSRPEDKQNFTALLKLFREKLDVEGALHGKYYELAIASAAAPIYINSVELDKIHQYLDYMSVMTYD
YHGSWESKTAHQASVYTSALSPGDFSADSVLTAYRKQGVPASKLVIGGAFYARGWVNVPNINHGLFQQAGDQAKNPGTPT
YNDLVKDYFDKGYTRYWDNSAKAPYLYNPDANGGTFITYDDEESLKYKAEYAKNQGLRGVMFWDYSQDISGKLLGAIFNE
LKAPK
;
_entity_poly.pdbx_strand_id   A,B
#
# COMPACT_ATOMS: atom_id res chain seq x y z
N GLY A 26 2.02 25.63 -3.76
CA GLY A 26 3.37 26.28 -3.70
C GLY A 26 4.30 25.33 -4.44
N LYS A 27 4.85 25.72 -5.59
CA LYS A 27 5.75 24.80 -6.29
C LYS A 27 7.27 24.96 -5.92
N ILE A 28 8.05 23.91 -6.20
CA ILE A 28 9.51 23.97 -6.08
C ILE A 28 10.07 23.35 -7.31
N VAL A 29 10.74 24.21 -8.09
CA VAL A 29 11.37 23.76 -9.31
C VAL A 29 12.84 23.54 -9.00
N SER A 30 13.31 22.30 -9.17
CA SER A 30 14.72 21.99 -9.00
C SER A 30 15.31 21.77 -10.38
N TYR A 31 16.26 22.60 -10.75
CA TYR A 31 17.05 22.31 -11.95
C TYR A 31 18.09 21.21 -11.60
N ILE A 32 18.17 20.18 -12.43
CA ILE A 32 19.01 18.99 -12.31
C ILE A 32 19.94 18.90 -13.55
N PRO A 33 21.28 18.87 -13.34
CA PRO A 33 22.13 18.95 -14.55
C PRO A 33 22.25 17.63 -15.31
N ALA A 34 22.20 17.75 -16.61
CA ALA A 34 22.47 16.64 -17.54
C ALA A 34 23.87 16.02 -17.41
N TRP A 35 24.83 16.79 -16.93
CA TRP A 35 26.23 16.39 -16.96
C TRP A 35 26.69 15.73 -15.70
N VAL A 36 25.78 15.37 -14.83
CA VAL A 36 26.06 14.42 -13.76
C VAL A 36 25.46 13.08 -14.21
N ASP A 37 26.15 11.97 -13.94
CA ASP A 37 25.63 10.61 -14.20
C ASP A 37 24.78 10.18 -13.00
N TRP A 38 23.47 10.41 -13.10
CA TRP A 38 22.62 10.21 -11.95
C TRP A 38 22.42 8.78 -11.47
N ALA A 39 22.40 7.82 -12.38
CA ALA A 39 22.40 6.39 -11.95
C ALA A 39 23.62 5.99 -11.10
N LYS A 40 24.79 6.54 -11.44
CA LYS A 40 26.00 6.30 -10.64
C LYS A 40 26.06 7.13 -9.36
N ASP A 41 25.51 8.35 -9.39
CA ASP A 41 25.72 9.27 -8.29
C ASP A 41 25.49 8.61 -6.93
N GLU A 42 26.44 8.80 -6.03
CA GLU A 42 26.49 8.07 -4.79
C GLU A 42 25.29 8.40 -3.93
N ARG A 43 24.96 9.70 -3.84
CA ARG A 43 23.84 10.27 -3.01
C ARG A 43 22.43 10.30 -3.72
N GLY A 44 22.39 10.20 -5.04
CA GLY A 44 21.13 10.32 -5.80
C GLY A 44 20.35 11.61 -5.49
N VAL A 45 19.06 11.58 -5.81
CA VAL A 45 18.17 12.75 -5.77
C VAL A 45 16.97 12.45 -4.89
N ASP A 46 16.73 13.27 -3.85
CA ASP A 46 15.58 13.16 -3.00
C ASP A 46 14.39 14.00 -3.51
N ALA A 47 13.57 13.43 -4.39
CA ALA A 47 12.52 14.17 -5.10
C ALA A 47 11.26 14.37 -4.29
N THR A 48 11.25 13.88 -3.05
CA THR A 48 10.27 14.28 -2.06
C THR A 48 10.38 15.72 -1.57
N LYS A 49 11.49 16.41 -1.86
CA LYS A 49 11.64 17.80 -1.45
C LYS A 49 11.31 18.84 -2.56
N PHE A 50 10.90 18.41 -3.74
CA PHE A 50 10.40 19.36 -4.67
C PHE A 50 9.25 18.80 -5.45
N THR A 51 8.67 19.66 -6.28
CA THR A 51 7.48 19.31 -7.05
C THR A 51 7.78 19.17 -8.49
N HIS A 52 8.88 19.81 -8.98
CA HIS A 52 9.20 19.78 -10.38
C HIS A 52 10.70 19.63 -10.55
N LEU A 53 11.07 18.77 -11.46
CA LEU A 53 12.45 18.51 -11.74
C LEU A 53 12.62 18.98 -13.17
N TYR A 54 13.44 20.01 -13.36
CA TYR A 54 13.78 20.43 -14.72
C TYR A 54 15.14 19.86 -15.18
N TYR A 55 15.17 19.15 -16.31
CA TYR A 55 16.40 18.51 -16.73
C TYR A 55 17.13 19.55 -17.58
N ALA A 56 18.28 20.03 -17.09
CA ALA A 56 19.06 21.08 -17.77
C ALA A 56 20.26 20.41 -18.52
N PHE A 57 20.21 20.26 -19.81
CA PHE A 57 19.29 20.90 -20.73
C PHE A 57 19.19 20.01 -21.97
N GLY A 58 18.13 20.17 -22.72
CA GLY A 58 18.13 19.83 -24.13
C GLY A 58 18.70 20.99 -24.93
N ARG A 59 19.28 20.66 -26.09
CA ARG A 59 19.83 21.68 -26.94
C ARG A 59 19.22 21.69 -28.33
N ILE A 60 19.57 22.70 -29.12
CA ILE A 60 18.99 22.86 -30.46
C ILE A 60 20.07 22.49 -31.51
N ASN A 61 19.72 21.71 -32.53
CA ASN A 61 20.71 21.29 -33.53
C ASN A 61 20.05 20.98 -34.88
N ASN A 62 20.36 21.82 -35.88
CA ASN A 62 19.59 21.88 -37.14
C ASN A 62 18.11 22.10 -36.89
N GLY A 63 17.80 23.15 -36.13
CA GLY A 63 16.42 23.50 -35.78
C GLY A 63 15.63 22.56 -34.88
N LYS A 64 16.21 21.46 -34.43
CA LYS A 64 15.51 20.42 -33.67
C LYS A 64 16.12 20.23 -32.27
N VAL A 65 15.27 19.82 -31.33
CA VAL A 65 15.65 19.63 -29.95
C VAL A 65 16.41 18.33 -29.91
N VAL A 66 17.52 18.33 -29.19
CA VAL A 66 18.31 17.16 -29.07
C VAL A 66 18.97 17.08 -27.67
N THR A 67 19.39 15.87 -27.37
CA THR A 67 20.18 15.56 -26.18
C THR A 67 21.49 16.42 -26.14
N ILE A 68 22.04 16.67 -24.96
CA ILE A 68 23.17 17.63 -24.83
C ILE A 68 24.46 17.00 -25.38
N LYS A 69 24.54 15.67 -25.29
CA LYS A 69 25.60 14.92 -25.94
C LYS A 69 25.71 15.10 -27.47
N GLU A 70 24.66 15.62 -28.12
CA GLU A 70 24.64 15.88 -29.55
C GLU A 70 24.76 17.38 -29.83
N ASP A 71 25.24 18.15 -28.86
CA ASP A 71 25.53 19.55 -29.06
C ASP A 71 27.05 19.67 -29.13
N ALA A 72 27.57 19.63 -30.35
CA ALA A 72 29.00 19.81 -30.64
C ALA A 72 29.67 21.01 -29.92
N LYS A 73 28.95 22.14 -29.88
CA LYS A 73 29.40 23.36 -29.16
C LYS A 73 29.69 23.10 -27.66
N TRP A 74 28.95 22.15 -27.09
CA TRP A 74 29.13 21.77 -25.71
C TRP A 74 30.19 20.67 -25.58
N THR A 75 30.02 19.59 -26.36
CA THR A 75 30.87 18.38 -26.28
C THR A 75 32.27 18.64 -26.84
N GLU A 76 32.51 19.79 -27.48
CA GLU A 76 33.90 20.18 -27.84
C GLU A 76 34.34 21.61 -27.47
N ASP A 77 34.06 22.04 -26.24
CA ASP A 77 34.52 23.35 -25.74
C ASP A 77 36.04 23.28 -25.50
N PRO A 78 36.81 24.28 -26.03
CA PRO A 78 38.20 24.51 -25.61
C PRO A 78 38.45 24.53 -24.07
N THR A 79 37.61 25.19 -23.27
CA THR A 79 37.90 25.54 -21.83
C THR A 79 38.53 24.49 -20.82
N ILE A 80 37.92 23.30 -20.61
CA ILE A 80 38.49 22.23 -19.70
C ILE A 80 39.03 20.98 -20.48
N THR A 81 38.68 20.90 -21.78
CA THR A 81 39.24 19.98 -22.80
C THR A 81 39.76 18.53 -22.44
N GLU A 82 40.24 17.88 -23.50
CA GLU A 82 40.43 16.44 -23.72
C GLU A 82 39.91 15.37 -22.75
N ALA A 83 40.60 15.14 -21.62
CA ALA A 83 40.23 14.06 -20.69
C ALA A 83 38.75 14.14 -20.30
N ASP A 84 38.30 15.37 -20.02
CA ASP A 84 36.91 15.65 -19.63
C ASP A 84 35.96 15.99 -20.81
N ARG A 85 36.50 15.99 -22.03
CA ARG A 85 35.75 16.21 -23.29
C ARG A 85 35.31 14.87 -23.99
N ILE A 86 35.99 13.77 -23.66
CA ILE A 86 35.63 12.45 -24.18
C ILE A 86 34.38 12.00 -23.43
N LYS A 87 34.40 12.26 -22.12
CA LYS A 87 33.24 12.25 -21.22
C LYS A 87 31.96 12.83 -21.90
N ARG A 88 32.05 14.10 -22.29
CA ARG A 88 30.87 14.81 -22.76
C ARG A 88 30.25 14.19 -23.99
N ARG A 89 31.09 13.69 -24.90
CA ARG A 89 30.58 13.02 -26.10
C ARG A 89 29.65 11.87 -25.76
N ASN A 90 29.98 11.09 -24.72
CA ASN A 90 29.10 9.98 -24.25
C ASN A 90 28.25 10.37 -23.00
N ASN A 91 27.78 11.62 -22.91
CA ASN A 91 26.94 12.00 -21.77
C ASN A 91 25.74 11.03 -21.68
N PRO A 92 25.47 10.48 -20.48
CA PRO A 92 24.44 9.42 -20.34
C PRO A 92 23.02 9.98 -20.20
N ASP A 93 22.59 10.75 -21.20
CA ASP A 93 21.31 11.40 -21.15
C ASP A 93 20.12 10.47 -21.03
N GLU A 94 20.15 9.37 -21.77
CA GLU A 94 19.02 8.43 -21.78
C GLU A 94 18.85 7.82 -20.39
N SER A 95 19.95 7.31 -19.85
CA SER A 95 19.97 6.76 -18.51
C SER A 95 19.55 7.81 -17.43
N ASN A 96 20.02 9.05 -17.59
CA ASN A 96 19.67 10.14 -16.65
C ASN A 96 18.14 10.33 -16.57
N LEU A 97 17.56 10.49 -17.73
CA LEU A 97 16.11 10.71 -17.91
C LEU A 97 15.31 9.54 -17.32
N ALA A 98 15.75 8.31 -17.57
CA ALA A 98 15.12 7.14 -16.93
C ALA A 98 15.25 7.16 -15.45
N TYR A 99 16.47 7.46 -14.93
CA TYR A 99 16.64 7.52 -13.48
C TYR A 99 15.71 8.60 -12.90
N LEU A 100 15.64 9.77 -13.56
CA LEU A 100 14.88 10.92 -12.94
C LEU A 100 13.38 10.69 -13.02
N THR A 101 12.88 10.32 -14.17
CA THR A 101 11.44 9.95 -14.20
C THR A 101 11.15 8.69 -13.36
N GLY A 102 12.15 7.86 -13.12
CA GLY A 102 12.04 6.82 -12.10
C GLY A 102 11.72 7.31 -10.70
N LEU A 103 12.08 8.55 -10.40
CA LEU A 103 11.91 9.07 -9.05
C LEU A 103 10.44 9.33 -8.64
N LYS A 104 9.54 9.25 -9.65
CA LYS A 104 8.07 9.16 -9.37
C LYS A 104 7.62 8.04 -8.39
N ALA A 105 8.33 6.91 -8.35
CA ALA A 105 8.08 5.89 -7.32
C ALA A 105 8.16 6.50 -5.93
N LYS A 106 9.09 7.43 -5.72
CA LYS A 106 9.25 8.01 -4.42
C LYS A 106 8.42 9.25 -4.17
N ASN A 107 8.19 10.04 -5.23
CA ASN A 107 7.23 11.16 -5.16
C ASN A 107 6.31 11.08 -6.40
N PRO A 108 5.10 10.47 -6.22
CA PRO A 108 4.17 10.19 -7.34
C PRO A 108 3.63 11.43 -8.04
N ASN A 109 3.51 12.55 -7.31
CA ASN A 109 3.08 13.82 -7.88
C ASN A 109 4.20 14.62 -8.59
N LEU A 110 5.40 14.05 -8.67
CA LEU A 110 6.59 14.75 -9.27
C LEU A 110 6.35 14.98 -10.73
N LYS A 111 6.64 16.18 -11.20
CA LYS A 111 6.68 16.40 -12.64
C LYS A 111 8.10 16.62 -13.05
N VAL A 112 8.47 16.03 -14.20
CA VAL A 112 9.79 16.17 -14.80
C VAL A 112 9.62 16.79 -16.17
N LEU A 113 10.27 17.93 -16.39
CA LEU A 113 10.27 18.61 -17.66
C LEU A 113 11.67 18.73 -18.21
N VAL A 114 11.73 18.89 -19.50
CA VAL A 114 12.97 19.16 -20.18
C VAL A 114 13.11 20.65 -20.25
N SER A 115 14.28 21.15 -19.88
CA SER A 115 14.58 22.55 -20.07
CA SER A 115 14.60 22.56 -20.06
C SER A 115 15.48 22.68 -21.31
N ILE A 116 15.05 23.46 -22.28
CA ILE A 116 15.80 23.62 -23.51
C ILE A 116 16.49 24.96 -23.54
N GLY A 117 17.84 24.92 -23.61
CA GLY A 117 18.66 26.13 -23.81
C GLY A 117 19.70 26.20 -22.73
N GLY A 118 19.63 27.24 -21.94
CA GLY A 118 20.60 27.56 -20.92
C GLY A 118 21.56 28.64 -21.40
N TRP A 119 22.49 28.98 -20.51
CA TRP A 119 23.55 29.91 -20.84
C TRP A 119 24.36 29.45 -22.10
N GLU A 120 24.54 30.36 -23.06
CA GLU A 120 25.32 30.11 -24.32
C GLU A 120 24.73 29.10 -25.31
N ALA A 121 23.48 28.69 -25.11
CA ALA A 121 22.92 27.67 -25.99
C ALA A 121 22.36 28.41 -27.21
N GLU A 122 22.77 27.93 -28.40
CA GLU A 122 22.51 28.65 -29.64
C GLU A 122 21.32 27.98 -30.34
N GLY A 123 20.79 28.66 -31.35
CA GLY A 123 19.72 28.11 -32.20
C GLY A 123 18.31 28.62 -31.95
N PHE A 124 18.03 29.33 -30.84
CA PHE A 124 16.62 29.84 -30.68
C PHE A 124 16.24 30.85 -31.75
N SER A 125 17.14 31.79 -32.05
CA SER A 125 16.75 32.89 -32.97
C SER A 125 16.39 32.31 -34.35
N ASP A 126 17.21 31.36 -34.81
CA ASP A 126 16.89 30.67 -36.09
C ASP A 126 15.67 29.76 -35.95
N ALA A 127 15.63 28.95 -34.90
CA ALA A 127 14.48 28.10 -34.68
C ALA A 127 13.14 28.88 -34.65
N ALA A 128 13.10 30.07 -34.06
CA ALA A 128 11.86 30.84 -33.92
C ALA A 128 11.51 31.73 -35.11
N LEU A 129 12.32 31.66 -36.18
CA LEU A 129 12.36 32.75 -37.16
C LEU A 129 11.12 32.82 -38.04
N THR A 130 10.72 31.64 -38.51
CA THR A 130 9.68 31.48 -39.53
C THR A 130 8.61 30.51 -39.03
N PRO A 131 7.36 30.65 -39.53
CA PRO A 131 6.33 29.62 -39.19
C PRO A 131 6.84 28.19 -39.42
N GLU A 132 7.65 28.01 -40.46
CA GLU A 132 8.25 26.70 -40.78
C GLU A 132 9.34 26.18 -39.81
N SER A 133 10.19 27.08 -39.34
CA SER A 133 11.33 26.65 -38.49
C SER A 133 10.71 26.43 -37.11
N ARG A 134 9.75 27.29 -36.75
CA ARG A 134 8.96 27.12 -35.54
C ARG A 134 8.24 25.76 -35.46
N GLU A 135 7.55 25.41 -36.54
CA GLU A 135 6.98 24.05 -36.73
C GLU A 135 8.01 22.93 -36.45
N VAL A 136 9.18 22.92 -37.11
CA VAL A 136 10.08 21.79 -36.84
C VAL A 136 10.69 21.80 -35.44
N PHE A 137 11.02 22.95 -34.88
CA PHE A 137 11.48 22.98 -33.48
C PHE A 137 10.40 22.39 -32.58
N ALA A 138 9.18 22.87 -32.73
CA ALA A 138 8.12 22.53 -31.77
C ALA A 138 7.69 21.04 -31.80
N ASN A 139 7.68 20.47 -33.01
CA ASN A 139 7.45 19.04 -33.22
C ASN A 139 8.55 18.23 -32.57
N SER A 140 9.82 18.62 -32.74
CA SER A 140 10.92 17.90 -32.07
C SER A 140 10.87 18.13 -30.56
N ALA A 141 10.39 19.30 -30.13
CA ALA A 141 10.24 19.51 -28.70
C ALA A 141 9.23 18.52 -28.06
N LEU A 142 8.09 18.36 -28.71
CA LEU A 142 7.12 17.34 -28.30
C LEU A 142 7.67 15.94 -28.40
N ASP A 143 8.35 15.64 -29.50
CA ASP A 143 8.99 14.32 -29.69
C ASP A 143 9.91 13.96 -28.54
N PHE A 144 10.68 14.95 -28.08
CA PHE A 144 11.58 14.77 -26.91
C PHE A 144 10.78 14.57 -25.67
N MET A 145 9.79 15.43 -25.47
CA MET A 145 8.89 15.34 -24.33
C MET A 145 8.22 13.96 -24.15
N ASN A 146 7.68 13.49 -25.26
CA ASN A 146 7.08 12.15 -25.34
C ASN A 146 8.07 10.99 -25.30
N LYS A 147 9.19 11.07 -25.98
CA LYS A 147 10.17 9.98 -25.92
C LYS A 147 10.66 9.61 -24.47
N TYR A 148 10.81 10.61 -23.61
CA TYR A 148 11.33 10.39 -22.29
C TYR A 148 10.33 10.48 -21.20
N ASN A 149 9.01 10.45 -21.53
CA ASN A 149 7.93 10.41 -20.56
C ASN A 149 7.87 11.62 -19.64
N LEU A 150 8.00 12.78 -20.27
CA LEU A 150 8.13 14.02 -19.58
C LEU A 150 6.80 14.76 -19.43
N ASP A 151 6.70 15.58 -18.43
CA ASP A 151 5.47 16.28 -18.10
C ASP A 151 5.30 17.70 -18.64
N GLY A 152 6.29 18.20 -19.35
CA GLY A 152 6.24 19.56 -19.85
C GLY A 152 7.55 19.93 -20.49
N ILE A 153 7.61 21.17 -20.99
CA ILE A 153 8.76 21.79 -21.69
C ILE A 153 9.02 23.14 -21.04
N ASP A 154 10.28 23.43 -20.81
CA ASP A 154 10.72 24.72 -20.29
C ASP A 154 11.73 25.28 -21.32
N LEU A 155 11.56 26.56 -21.72
CA LEU A 155 12.45 27.24 -22.66
C LEU A 155 13.31 28.26 -21.89
N ASP A 156 14.61 28.05 -21.92
CA ASP A 156 15.60 28.97 -21.29
C ASP A 156 16.42 29.59 -22.41
N TRP A 157 15.81 30.57 -23.07
CA TRP A 157 16.45 31.30 -24.17
C TRP A 157 17.11 32.50 -23.54
N GLU A 158 18.45 32.52 -23.53
CA GLU A 158 19.13 33.61 -22.82
C GLU A 158 20.01 34.46 -23.79
N TYR A 159 19.48 35.55 -24.35
CA TYR A 159 18.10 35.97 -24.21
C TYR A 159 17.66 36.46 -25.57
N PRO A 160 16.32 36.51 -25.82
CA PRO A 160 15.82 37.05 -27.10
C PRO A 160 16.29 38.53 -27.37
N VAL A 161 16.48 38.87 -28.63
CA VAL A 161 16.70 40.27 -29.10
C VAL A 161 18.14 40.75 -28.76
N TYR A 162 18.47 40.85 -27.48
CA TYR A 162 19.78 41.38 -27.13
C TYR A 162 20.80 40.28 -27.04
N GLY A 163 20.39 39.02 -27.05
CA GLY A 163 21.37 37.90 -27.19
C GLY A 163 22.42 37.78 -26.07
N ALA A 164 22.04 38.20 -24.88
CA ALA A 164 22.97 38.41 -23.78
C ALA A 164 24.16 39.29 -24.21
N TRP A 165 23.89 40.30 -25.04
CA TRP A 165 24.90 41.17 -25.67
C TRP A 165 25.99 40.36 -26.37
N GLY A 166 25.55 39.60 -27.36
CA GLY A 166 26.46 38.89 -28.24
C GLY A 166 26.94 37.53 -27.84
N VAL A 167 26.49 36.97 -26.68
CA VAL A 167 26.79 35.57 -26.38
C VAL A 167 26.12 34.62 -27.37
N ILE A 168 24.88 34.97 -27.79
CA ILE A 168 24.15 34.16 -28.76
C ILE A 168 23.62 35.03 -29.86
N LYS A 169 23.35 34.39 -31.01
CA LYS A 169 22.79 35.10 -32.15
C LYS A 169 21.44 35.65 -31.77
N SER A 170 21.17 36.88 -32.20
CA SER A 170 19.93 37.56 -31.94
C SER A 170 19.50 38.59 -33.00
N ARG A 171 18.20 38.84 -33.07
CA ARG A 171 17.55 39.69 -34.06
C ARG A 171 16.42 40.45 -33.39
N PRO A 172 16.06 41.66 -33.91
CA PRO A 172 14.95 42.39 -33.25
C PRO A 172 13.59 41.69 -33.33
N GLU A 173 13.43 40.78 -34.30
CA GLU A 173 12.19 40.02 -34.45
C GLU A 173 12.08 38.82 -33.48
N ASP A 174 13.14 38.50 -32.73
CA ASP A 174 13.05 37.54 -31.64
C ASP A 174 11.86 37.86 -30.68
N LYS A 175 11.54 39.14 -30.49
CA LYS A 175 10.53 39.54 -29.51
C LYS A 175 9.15 38.95 -29.87
N ALA A 176 8.72 39.18 -31.10
CA ALA A 176 7.49 38.61 -31.63
C ALA A 176 7.67 37.15 -31.98
N ASN A 177 8.83 36.73 -32.47
CA ASN A 177 9.00 35.31 -32.78
C ASN A 177 8.97 34.41 -31.52
N PHE A 178 9.35 34.95 -30.37
CA PHE A 178 9.27 34.20 -29.10
C PHE A 178 7.78 34.00 -28.77
N THR A 179 6.97 35.03 -28.92
CA THR A 179 5.53 34.89 -28.79
C THR A 179 4.87 33.82 -29.68
N ALA A 180 5.29 33.79 -30.94
CA ALA A 180 4.72 32.87 -31.85
C ALA A 180 5.18 31.49 -31.49
N LEU A 181 6.44 31.34 -31.10
CA LEU A 181 6.97 30.04 -30.74
C LEU A 181 6.20 29.43 -29.56
N LEU A 182 6.02 30.22 -28.52
CA LEU A 182 5.32 29.77 -27.31
C LEU A 182 3.83 29.48 -27.60
N LYS A 183 3.19 30.35 -28.38
CA LYS A 183 1.85 30.09 -28.92
C LYS A 183 1.75 28.73 -29.59
N LEU A 184 2.69 28.44 -30.47
CA LEU A 184 2.65 27.19 -31.18
C LEU A 184 2.88 25.99 -30.24
N LEU A 185 3.79 26.10 -29.29
CA LEU A 185 3.98 25.01 -28.35
C LEU A 185 2.73 24.73 -27.53
N ARG A 186 2.12 25.76 -26.98
CA ARG A 186 0.93 25.59 -26.17
C ARG A 186 -0.21 24.94 -26.96
N GLU A 187 -0.33 25.30 -28.26
CA GLU A 187 -1.30 24.69 -29.17
C GLU A 187 -1.08 23.25 -29.34
N LYS A 188 0.14 22.84 -29.48
CA LYS A 188 0.38 21.44 -29.70
C LYS A 188 0.30 20.63 -28.40
N LEU A 189 0.73 21.18 -27.27
CA LEU A 189 0.58 20.46 -25.99
C LEU A 189 -0.92 20.27 -25.67
N ASP A 190 -1.69 21.35 -25.77
CA ASP A 190 -3.12 21.31 -25.68
C ASP A 190 -3.75 20.26 -26.64
N ALA A 191 -3.35 20.23 -27.89
CA ALA A 191 -3.86 19.24 -28.81
C ALA A 191 -3.65 17.82 -28.30
N GLN A 192 -2.41 17.50 -27.94
CA GLN A 192 -2.07 16.24 -27.33
C GLN A 192 -2.90 15.97 -26.02
N SER A 193 -3.16 17.00 -25.22
CA SER A 193 -3.92 16.85 -24.00
C SER A 193 -5.38 16.44 -24.25
N THR A 194 -5.95 16.89 -25.35
CA THR A 194 -7.38 16.60 -25.63
C THR A 194 -7.53 15.13 -25.97
N THR A 195 -6.43 14.51 -26.42
CA THR A 195 -6.32 13.09 -26.73
C THR A 195 -5.77 12.24 -25.59
N THR A 196 -4.79 12.70 -24.82
CA THR A 196 -4.31 11.83 -23.75
C THR A 196 -5.03 12.09 -22.45
N ASN A 197 -5.74 13.19 -22.32
CA ASN A 197 -6.28 13.60 -20.99
C ASN A 197 -5.21 13.93 -19.96
N LYS A 198 -3.93 14.05 -20.36
CA LYS A 198 -2.83 14.48 -19.48
C LYS A 198 -2.55 15.96 -19.77
N TYR A 199 -2.48 16.80 -18.74
CA TYR A 199 -2.15 18.23 -18.88
C TYR A 199 -0.61 18.37 -18.92
N TYR A 200 -0.10 19.19 -19.86
CA TYR A 200 1.36 19.38 -20.08
C TYR A 200 1.74 20.81 -19.68
N GLU A 201 2.87 20.92 -18.99
CA GLU A 201 3.31 22.27 -18.61
C GLU A 201 4.17 22.90 -19.70
N LEU A 202 4.05 24.21 -19.80
CA LEU A 202 4.99 25.02 -20.57
C LEU A 202 5.46 26.11 -19.71
N ALA A 203 6.77 26.22 -19.61
CA ALA A 203 7.36 27.29 -18.83
C ALA A 203 8.58 27.91 -19.51
N ILE A 204 8.92 29.09 -19.01
CA ILE A 204 10.18 29.76 -19.32
C ILE A 204 10.95 30.19 -18.06
N ALA A 205 12.27 30.18 -18.23
CA ALA A 205 13.17 30.94 -17.36
C ALA A 205 13.29 32.38 -17.92
N ALA A 206 12.99 33.37 -17.11
CA ALA A 206 12.95 34.75 -17.59
C ALA A 206 14.04 35.57 -16.93
N GLY A 207 14.62 36.50 -17.68
CA GLY A 207 15.70 37.35 -17.15
C GLY A 207 15.16 38.34 -16.17
N ALA A 208 15.92 38.66 -15.16
CA ALA A 208 15.53 39.65 -14.18
C ALA A 208 15.62 41.12 -14.64
N SER A 209 16.41 41.40 -15.67
CA SER A 209 16.65 42.80 -16.05
C SER A 209 15.46 43.48 -16.79
N LYS A 210 15.37 44.79 -16.62
CA LYS A 210 14.50 45.62 -17.49
C LYS A 210 14.70 45.36 -18.99
N THR A 211 15.94 45.23 -19.44
CA THR A 211 16.22 44.84 -20.86
C THR A 211 15.51 43.55 -21.28
N TYR A 212 15.53 42.53 -20.40
CA TYR A 212 14.71 41.37 -20.65
C TYR A 212 13.22 41.74 -20.73
N THR A 213 12.62 42.44 -19.75
CA THR A 213 11.20 42.71 -19.85
C THR A 213 10.91 43.46 -21.17
N ASP A 214 11.82 44.34 -21.61
CA ASP A 214 11.60 45.11 -22.86
C ASP A 214 11.76 44.25 -24.13
N SER A 215 12.36 43.06 -24.08
CA SER A 215 12.59 42.26 -25.31
C SER A 215 11.54 41.12 -25.50
N VAL A 216 10.58 41.03 -24.58
CA VAL A 216 9.55 39.99 -24.68
C VAL A 216 8.22 40.65 -24.42
N GLU A 217 7.17 39.99 -24.88
CA GLU A 217 5.80 40.48 -24.71
C GLU A 217 5.13 39.73 -23.53
N LEU A 218 5.31 40.24 -22.33
CA LEU A 218 4.88 39.51 -21.14
C LEU A 218 3.37 39.26 -21.11
N THR A 219 2.59 40.29 -21.42
CA THR A 219 1.14 40.15 -21.39
C THR A 219 0.69 39.20 -22.50
N LYS A 220 1.37 39.15 -23.64
CA LYS A 220 0.95 38.20 -24.68
C LYS A 220 1.30 36.78 -24.39
N ILE A 221 2.44 36.62 -23.73
CA ILE A 221 3.04 35.36 -23.54
C ILE A 221 2.44 34.60 -22.34
N THR A 222 2.05 35.34 -21.33
CA THR A 222 1.73 34.76 -20.04
C THR A 222 0.54 33.80 -20.06
N PRO A 223 -0.50 34.10 -20.86
CA PRO A 223 -1.58 33.07 -20.99
C PRO A 223 -1.08 31.73 -21.50
N TYR A 224 0.04 31.69 -22.21
CA TYR A 224 0.52 30.38 -22.69
C TYR A 224 1.33 29.57 -21.71
N LEU A 225 1.67 30.17 -20.59
CA LEU A 225 2.61 29.58 -19.69
C LEU A 225 1.94 29.26 -18.37
N ASP A 226 2.34 28.15 -17.80
CA ASP A 226 1.96 27.84 -16.45
C ASP A 226 2.69 28.72 -15.46
N TYR A 227 3.96 28.95 -15.72
CA TYR A 227 4.63 29.93 -14.85
C TYR A 227 5.92 30.41 -15.48
N ILE A 228 6.44 31.46 -14.87
CA ILE A 228 7.63 32.14 -15.34
C ILE A 228 8.62 31.98 -14.21
N ASN A 229 9.72 31.31 -14.48
CA ASN A 229 10.76 31.10 -13.46
C ASN A 229 11.65 32.32 -13.53
N LEU A 230 11.61 33.19 -12.54
CA LEU A 230 12.49 34.38 -12.56
C LEU A 230 13.92 34.02 -12.20
N MET A 231 14.85 34.39 -13.07
CA MET A 231 16.29 34.10 -12.79
C MET A 231 16.82 35.20 -11.89
N THR A 232 16.35 35.21 -10.65
CA THR A 232 16.70 36.22 -9.70
C THR A 232 18.02 35.85 -9.00
N TYR A 233 19.05 35.70 -9.82
CA TYR A 233 20.40 35.44 -9.35
C TYR A 233 21.33 35.96 -10.49
N ASP A 234 22.64 35.95 -10.28
CA ASP A 234 23.57 36.73 -11.10
C ASP A 234 23.08 38.17 -11.27
N LEU A 235 22.45 38.77 -10.26
CA LEU A 235 21.93 40.10 -10.37
C LEU A 235 23.04 41.14 -10.36
N HIS A 236 24.14 40.78 -9.68
CA HIS A 236 25.38 41.52 -9.59
C HIS A 236 26.47 40.47 -9.58
N GLY A 237 27.68 40.90 -9.94
CA GLY A 237 28.82 39.99 -10.06
C GLY A 237 30.05 40.76 -10.39
N GLY A 238 31.15 40.06 -10.64
CA GLY A 238 32.43 40.74 -10.79
C GLY A 238 32.54 41.61 -12.02
N TRP A 239 31.54 41.58 -12.88
CA TRP A 239 31.45 42.59 -13.96
C TRP A 239 31.09 43.96 -13.43
N ASP A 240 30.63 44.08 -12.18
CA ASP A 240 30.30 45.38 -11.62
C ASP A 240 31.56 45.89 -10.91
N PRO A 241 31.70 47.22 -10.85
CA PRO A 241 32.84 47.84 -10.28
C PRO A 241 32.91 47.78 -8.72
N ALA A 242 31.80 47.51 -8.06
CA ALA A 242 31.73 47.36 -6.60
C ALA A 242 30.95 46.12 -6.26
N THR A 243 31.21 45.64 -5.07
CA THR A 243 30.53 44.43 -4.62
C THR A 243 29.07 44.66 -4.31
N SER A 244 28.28 43.60 -4.50
CA SER A 244 26.91 43.56 -4.12
C SER A 244 26.42 42.12 -3.92
N HIS A 245 25.16 42.01 -3.58
CA HIS A 245 24.49 40.71 -3.49
C HIS A 245 24.03 40.25 -4.84
N HIS A 246 24.23 38.95 -5.14
CA HIS A 246 23.80 38.45 -6.44
C HIS A 246 22.44 37.84 -6.46
N THR A 247 21.87 37.51 -5.29
CA THR A 247 20.55 36.83 -5.34
C THR A 247 19.71 37.26 -4.09
N ALA A 248 19.82 38.51 -3.72
CA ALA A 248 19.22 39.00 -2.42
C ALA A 248 17.70 39.04 -2.49
N VAL A 249 17.02 38.87 -1.36
CA VAL A 249 15.54 39.01 -1.34
C VAL A 249 15.10 40.49 -1.54
N TYR A 250 15.71 41.43 -0.82
CA TYR A 250 15.37 42.84 -0.89
C TYR A 250 16.48 43.71 -1.36
N SER A 251 16.11 44.93 -1.79
CA SER A 251 17.06 45.92 -2.26
C SER A 251 17.44 46.84 -1.09
N ALA A 252 18.66 46.72 -0.59
CA ALA A 252 19.11 47.49 0.57
C ALA A 252 19.54 48.91 0.21
N THR A 253 20.00 49.09 -1.03
CA THR A 253 20.11 50.39 -1.68
C THR A 253 19.33 50.39 -3.02
N ASN A 254 19.06 51.62 -3.49
CA ASN A 254 18.29 51.92 -4.72
C ASN A 254 18.87 51.27 -5.99
N ASN A 255 20.20 51.18 -6.10
CA ASN A 255 20.83 50.56 -7.29
C ASN A 255 21.06 49.02 -7.18
N GLN A 256 20.66 48.39 -6.06
CA GLN A 256 20.90 46.94 -5.91
C GLN A 256 19.62 46.22 -6.33
N LEU A 257 19.73 45.36 -7.32
CA LEU A 257 18.63 44.57 -7.75
C LEU A 257 18.41 43.39 -6.74
N SER A 258 17.15 42.98 -6.65
CA SER A 258 16.71 41.94 -5.77
C SER A 258 15.61 41.11 -6.36
N VAL A 259 15.30 40.01 -5.67
CA VAL A 259 14.05 39.26 -5.92
C VAL A 259 12.88 40.27 -5.91
N ASP A 260 12.83 41.13 -4.90
CA ASP A 260 11.68 42.12 -4.69
C ASP A 260 11.58 43.10 -5.83
N SER A 261 12.69 43.74 -6.19
CA SER A 261 12.74 44.62 -7.39
C SER A 261 12.35 43.89 -8.70
N THR A 262 12.76 42.64 -8.88
CA THR A 262 12.35 41.90 -10.08
C THR A 262 10.87 41.45 -10.07
N VAL A 263 10.39 40.97 -8.93
CA VAL A 263 8.97 40.57 -8.83
C VAL A 263 8.12 41.85 -9.11
N LYS A 264 8.49 42.96 -8.48
CA LYS A 264 7.75 44.24 -8.68
C LYS A 264 7.79 44.73 -10.07
N LEU A 265 8.95 44.66 -10.70
CA LEU A 265 9.01 44.83 -12.17
C LEU A 265 8.00 43.97 -12.95
N TYR A 266 7.96 42.65 -12.69
CA TYR A 266 7.05 41.75 -13.46
C TYR A 266 5.59 42.02 -13.12
N LEU A 267 5.27 42.24 -11.85
CA LEU A 267 3.87 42.59 -11.53
C LEU A 267 3.45 43.90 -12.22
N ASN A 268 4.35 44.89 -12.30
CA ASN A 268 4.06 46.19 -12.96
C ASN A 268 3.83 46.13 -14.42
N ASN A 269 4.36 45.10 -15.06
CA ASN A 269 4.08 44.76 -16.40
C ASN A 269 2.88 43.85 -16.48
N GLY A 270 2.11 43.67 -15.40
CA GLY A 270 0.90 42.88 -15.47
C GLY A 270 0.98 41.35 -15.36
N VAL A 271 2.17 40.75 -15.03
CA VAL A 271 2.22 39.28 -14.82
C VAL A 271 1.60 38.99 -13.46
N PRO A 272 0.59 38.09 -13.41
CA PRO A 272 0.01 37.76 -12.14
C PRO A 272 1.00 37.05 -11.14
N ALA A 273 0.97 37.44 -9.87
CA ALA A 273 1.83 36.91 -8.81
C ALA A 273 1.80 35.38 -8.82
N GLU A 274 0.66 34.81 -9.19
CA GLU A 274 0.43 33.37 -9.11
C GLU A 274 1.18 32.62 -10.17
N LYS A 275 1.77 33.32 -11.13
CA LYS A 275 2.52 32.68 -12.18
C LYS A 275 4.07 32.91 -12.10
N LEU A 276 4.52 33.66 -11.11
CA LEU A 276 5.90 33.98 -10.91
C LEU A 276 6.53 33.07 -9.91
N MET A 277 7.61 32.43 -10.32
CA MET A 277 8.48 31.67 -9.40
C MET A 277 9.73 32.51 -9.16
N VAL A 278 10.12 32.57 -7.91
CA VAL A 278 11.28 33.28 -7.45
C VAL A 278 12.49 32.32 -7.60
N GLY A 279 13.60 32.83 -8.10
CA GLY A 279 14.80 32.05 -8.28
C GLY A 279 15.75 32.25 -7.13
N GLY A 280 16.41 31.14 -6.80
CA GLY A 280 17.53 31.09 -5.91
C GLY A 280 18.70 30.30 -6.47
N ALA A 281 19.86 30.47 -5.87
CA ALA A 281 21.09 29.92 -6.44
C ALA A 281 21.79 29.12 -5.36
N PHE A 282 22.23 27.94 -5.76
CA PHE A 282 23.03 27.09 -4.90
C PHE A 282 24.57 27.31 -5.21
N TYR A 283 24.92 28.56 -5.48
CA TYR A 283 26.32 28.94 -5.79
C TYR A 283 26.46 30.41 -5.51
N SER A 284 27.69 30.85 -5.34
CA SER A 284 28.07 32.18 -5.15
C SER A 284 28.61 32.94 -6.34
N ARG A 285 28.50 34.27 -6.31
CA ARG A 285 29.28 35.16 -7.17
C ARG A 285 30.38 35.80 -6.30
N VAL A 286 31.56 35.81 -6.89
CA VAL A 286 32.83 36.17 -6.24
C VAL A 286 33.43 37.40 -6.89
N TRP A 287 34.08 38.22 -6.05
CA TRP A 287 34.83 39.36 -6.50
C TRP A 287 36.14 39.21 -5.81
N GLN A 288 37.18 39.39 -6.57
CA GLN A 288 38.55 39.50 -6.02
C GLN A 288 39.04 40.94 -5.96
N ASN A 289 40.08 41.16 -5.20
CA ASN A 289 40.74 42.43 -5.09
C ASN A 289 39.81 43.53 -4.65
N VAL A 290 39.06 43.25 -3.61
CA VAL A 290 38.08 44.18 -3.09
C VAL A 290 38.79 44.95 -2.00
N GLU A 291 38.62 46.25 -1.99
CA GLU A 291 39.32 47.05 -0.97
C GLU A 291 38.90 46.62 0.39
N ASN A 292 39.87 46.59 1.30
CA ASN A 292 39.70 46.00 2.59
C ASN A 292 39.20 47.05 3.56
N LYS A 293 37.91 47.32 3.49
CA LYS A 293 37.23 48.35 4.23
C LYS A 293 35.88 47.80 4.53
N GLY A 294 35.40 48.10 5.73
CA GLY A 294 34.10 47.67 6.11
C GLY A 294 34.01 46.15 6.17
N THR A 295 32.93 45.65 5.64
CA THR A 295 32.75 44.26 5.49
C THR A 295 33.03 43.71 4.10
N GLY A 296 33.61 44.53 3.21
CA GLY A 296 33.74 44.22 1.79
C GLY A 296 32.49 44.46 0.96
N LEU A 297 31.35 44.70 1.58
CA LEU A 297 30.10 44.90 0.88
C LEU A 297 30.04 46.32 0.38
N SER A 298 29.55 46.54 -0.82
CA SER A 298 29.57 47.84 -1.50
C SER A 298 30.95 48.50 -1.52
N GLU A 299 32.00 47.70 -1.65
CA GLU A 299 33.31 48.19 -1.72
C GLU A 299 33.77 48.05 -3.18
N LYS A 300 34.74 48.88 -3.57
CA LYS A 300 35.30 48.82 -4.92
C LYS A 300 36.12 47.56 -5.08
N ALA A 301 36.00 46.95 -6.26
CA ALA A 301 36.74 45.74 -6.60
C ALA A 301 37.62 46.01 -7.83
N GLY A 302 38.82 45.47 -7.80
CA GLY A 302 39.82 45.69 -8.87
C GLY A 302 39.69 44.57 -9.87
N SER A 303 40.84 44.06 -10.29
CA SER A 303 40.85 43.06 -11.38
C SER A 303 40.16 41.78 -10.99
N GLN A 304 39.26 41.33 -11.87
CA GLN A 304 38.66 40.02 -11.77
C GLN A 304 39.36 39.00 -12.67
N ALA A 305 40.53 39.33 -13.21
CA ALA A 305 41.05 38.44 -14.26
C ALA A 305 41.34 37.08 -13.78
N GLY A 306 41.71 37.02 -12.49
CA GLY A 306 42.13 35.76 -11.84
C GLY A 306 40.98 34.97 -11.16
N SER A 307 39.76 35.44 -11.34
CA SER A 307 38.71 35.02 -10.48
C SER A 307 38.11 33.74 -10.99
N PRO A 308 37.68 32.85 -10.10
CA PRO A 308 36.84 31.72 -10.52
C PRO A 308 35.38 32.14 -10.87
N GLY A 309 34.96 33.37 -10.51
CA GLY A 309 33.63 33.91 -10.92
C GLY A 309 32.56 33.39 -9.94
N THR A 310 32.51 32.07 -9.77
CA THR A 310 31.56 31.37 -8.88
C THR A 310 32.12 30.24 -8.08
N ILE A 311 31.53 29.97 -6.90
CA ILE A 311 31.91 28.84 -6.12
C ILE A 311 30.61 28.17 -5.62
N VAL A 312 30.49 26.88 -5.79
CA VAL A 312 29.24 26.21 -5.53
C VAL A 312 29.07 26.12 -4.03
N TYR A 313 27.82 25.99 -3.59
CA TYR A 313 27.54 25.91 -2.17
C TYR A 313 28.21 24.80 -1.42
N SER A 314 28.28 23.59 -2.00
CA SER A 314 28.97 22.52 -1.24
C SER A 314 30.38 22.90 -0.95
N GLU A 315 31.04 23.55 -1.91
CA GLU A 315 32.43 24.03 -1.69
C GLU A 315 32.56 25.17 -0.66
N LEU A 316 31.58 26.06 -0.65
CA LEU A 316 31.51 27.07 0.38
C LEU A 316 31.42 26.44 1.76
N VAL A 317 30.59 25.44 1.90
CA VAL A 317 30.43 24.80 3.17
C VAL A 317 31.76 24.13 3.56
N ASN A 318 32.36 23.49 2.60
CA ASN A 318 33.59 22.69 2.89
C ASN A 318 34.77 23.55 3.22
N ASN A 319 34.89 24.69 2.58
CA ASN A 319 36.16 25.44 2.61
C ASN A 319 36.12 26.91 2.84
N TYR A 320 34.94 27.53 3.01
CA TYR A 320 34.81 29.01 3.08
C TYR A 320 33.88 29.56 4.18
N ILE A 321 32.73 29.02 4.43
CA ILE A 321 31.79 29.65 5.39
C ILE A 321 32.33 29.47 6.83
N ASN A 322 32.96 30.55 7.32
CA ASN A 322 33.58 30.60 8.63
C ASN A 322 34.78 29.67 8.70
N LYS A 323 35.52 29.64 7.58
CA LYS A 323 36.65 28.74 7.44
C LYS A 323 37.77 29.47 6.72
N ASN A 324 39.02 29.08 6.99
CA ASN A 324 40.13 29.44 6.15
C ASN A 324 40.23 30.98 5.97
N GLY A 325 39.91 31.70 7.05
CA GLY A 325 40.07 33.18 7.08
C GLY A 325 38.88 33.97 6.55
N TYR A 326 37.87 33.31 6.01
CA TYR A 326 36.64 33.99 5.60
C TYR A 326 35.68 34.21 6.79
N THR A 327 35.20 35.45 6.97
CA THR A 327 34.14 35.78 7.94
C THR A 327 32.80 35.78 7.29
N ARG A 328 31.81 35.20 7.96
CA ARG A 328 30.45 35.29 7.52
CA ARG A 328 30.41 35.28 7.53
C ARG A 328 29.88 36.62 8.05
N TYR A 329 29.16 37.31 7.18
CA TYR A 329 28.39 38.57 7.44
C TYR A 329 26.98 38.43 6.95
N TRP A 330 26.09 39.26 7.48
CA TRP A 330 24.74 39.23 7.05
C TRP A 330 24.25 40.67 6.79
N ASP A 331 23.54 40.84 5.68
CA ASP A 331 22.92 42.13 5.36
C ASP A 331 21.48 42.03 5.86
N ASP A 332 21.17 42.74 6.94
CA ASP A 332 19.83 42.62 7.54
C ASP A 332 18.72 43.37 6.82
N THR A 333 19.08 44.17 5.83
CA THR A 333 18.09 44.74 4.93
C THR A 333 17.86 43.93 3.70
N ALA A 334 18.94 43.61 2.96
CA ALA A 334 18.80 42.66 1.82
C ALA A 334 18.32 41.27 2.20
N LYS A 335 18.62 40.86 3.43
CA LYS A 335 18.38 39.50 3.91
C LYS A 335 19.26 38.51 3.11
N ALA A 336 20.57 38.76 3.14
CA ALA A 336 21.54 38.02 2.31
C ALA A 336 22.82 37.85 3.02
N PRO A 337 23.41 36.64 2.92
CA PRO A 337 24.69 36.42 3.50
C PRO A 337 25.83 36.73 2.53
N TYR A 338 27.00 36.99 3.05
CA TYR A 338 28.22 37.12 2.25
C TYR A 338 29.41 36.82 3.11
N LEU A 339 30.54 36.53 2.48
CA LEU A 339 31.74 36.29 3.13
C LEU A 339 32.76 37.28 2.70
N PHE A 340 33.73 37.57 3.54
CA PHE A 340 34.89 38.40 3.16
C PHE A 340 36.05 37.94 3.95
N ASN A 341 37.21 37.92 3.36
CA ASN A 341 38.43 37.68 4.07
C ASN A 341 39.40 38.85 3.93
N GLY A 342 38.95 40.05 3.53
CA GLY A 342 39.89 41.21 3.37
C GLY A 342 40.26 41.49 1.90
N SER A 343 40.06 40.53 1.02
CA SER A 343 40.45 40.64 -0.37
C SER A 343 39.33 40.04 -1.33
N THR A 344 38.80 38.88 -1.00
CA THR A 344 37.74 38.20 -1.78
C THR A 344 36.39 38.32 -1.02
N PHE A 345 35.37 38.77 -1.73
CA PHE A 345 34.06 38.89 -1.28
C PHE A 345 33.23 37.88 -1.98
N ILE A 346 32.34 37.19 -1.27
CA ILE A 346 31.53 36.14 -1.81
C ILE A 346 30.09 36.37 -1.46
N SER A 347 29.22 36.41 -2.46
CA SER A 347 27.80 36.59 -2.25
C SER A 347 27.15 35.27 -2.54
N TYR A 348 26.35 34.75 -1.61
CA TYR A 348 25.79 33.47 -1.74
C TYR A 348 24.40 33.39 -1.17
N GLU A 349 23.80 32.21 -1.29
CA GLU A 349 22.50 31.92 -0.75
C GLU A 349 22.71 30.86 0.37
N ASP A 350 22.04 31.04 1.51
CA ASP A 350 22.16 30.11 2.63
C ASP A 350 20.79 29.73 3.21
N THR A 351 20.82 29.01 4.31
CA THR A 351 19.62 28.66 5.03
C THR A 351 18.72 29.88 5.42
N ALA A 352 19.33 30.96 5.88
CA ALA A 352 18.56 32.21 6.30
C ALA A 352 18.00 32.94 5.09
N SER A 353 18.79 33.07 4.01
CA SER A 353 18.27 33.77 2.86
C SER A 353 17.19 32.95 2.24
N ALA A 354 17.34 31.64 2.28
CA ALA A 354 16.34 30.79 1.65
C ALA A 354 14.98 30.89 2.43
N ALA A 355 15.09 31.05 3.73
CA ALA A 355 13.87 31.12 4.56
C ALA A 355 13.19 32.43 4.22
N TYR A 356 13.93 33.54 4.16
CA TYR A 356 13.35 34.88 3.78
C TYR A 356 12.83 34.91 2.44
N LYS A 357 13.43 34.22 1.49
CA LYS A 357 12.82 34.08 0.20
C LYS A 357 11.54 33.32 0.23
N ALA A 358 11.53 32.20 0.92
CA ALA A 358 10.28 31.42 1.02
C ALA A 358 9.17 32.24 1.71
N GLU A 359 9.51 33.02 2.74
CA GLU A 359 8.52 33.90 3.37
CA GLU A 359 8.63 33.99 3.45
C GLU A 359 8.06 35.03 2.45
N TYR A 360 8.92 35.53 1.56
CA TYR A 360 8.52 36.48 0.53
C TYR A 360 7.52 35.91 -0.41
N ILE A 361 7.73 34.66 -0.82
CA ILE A 361 6.85 33.96 -1.76
C ILE A 361 5.39 33.85 -1.17
N LYS A 362 5.37 33.51 0.10
CA LYS A 362 4.13 33.24 0.83
C LYS A 362 3.38 34.52 1.04
N GLN A 363 4.08 35.50 1.61
CA GLN A 363 3.53 36.80 1.89
C GLN A 363 3.05 37.51 0.62
N ASN A 364 3.63 37.23 -0.55
CA ASN A 364 3.22 37.89 -1.80
C ASN A 364 2.46 37.02 -2.77
N ASN A 365 2.02 35.86 -2.32
CA ASN A 365 1.20 34.98 -3.17
C ASN A 365 1.79 34.52 -4.52
N LEU A 366 3.09 34.21 -4.50
CA LEU A 366 3.79 33.90 -5.74
C LEU A 366 3.66 32.46 -5.96
N ALA A 367 4.04 31.99 -7.15
CA ALA A 367 3.86 30.57 -7.45
C ALA A 367 4.77 29.65 -6.69
N GLY A 368 5.92 30.12 -6.24
CA GLY A 368 6.89 29.21 -5.64
C GLY A 368 8.37 29.58 -5.82
N PHE A 369 9.21 28.56 -5.67
CA PHE A 369 10.66 28.70 -5.46
C PHE A 369 11.34 27.83 -6.54
N MET A 370 12.19 28.44 -7.37
CA MET A 370 12.96 27.71 -8.41
C MET A 370 14.42 27.81 -8.01
N TYR A 371 15.24 26.76 -8.20
CA TYR A 371 16.68 26.98 -7.85
C TYR A 371 17.63 26.40 -8.83
N TRP A 372 18.76 27.07 -9.05
CA TRP A 372 19.80 26.56 -9.96
C TRP A 372 21.02 26.28 -9.11
N GLU A 373 21.58 25.08 -9.01
CA GLU A 373 21.00 23.83 -9.44
C GLU A 373 21.33 22.77 -8.40
N TYR A 374 20.50 21.74 -8.36
CA TYR A 374 20.41 20.81 -7.23
C TYR A 374 21.72 20.17 -6.82
N SER A 375 22.57 19.86 -7.80
CA SER A 375 23.85 19.16 -7.49
C SER A 375 24.91 20.01 -6.76
N GLN A 376 24.71 21.35 -6.78
CA GLN A 376 25.58 22.28 -6.09
C GLN A 376 25.41 22.38 -4.58
N ASP A 377 24.29 21.89 -4.11
CA ASP A 377 24.02 21.82 -2.72
C ASP A 377 25.03 20.94 -2.00
N SER A 378 25.08 21.11 -0.71
CA SER A 378 25.89 20.27 0.17
C SER A 378 25.42 18.80 0.03
N ASP A 379 26.29 17.88 0.43
CA ASP A 379 26.00 16.41 0.33
C ASP A 379 24.61 15.97 0.89
N SER A 380 24.27 16.58 2.02
CA SER A 380 23.01 16.31 2.75
C SER A 380 21.86 17.27 2.31
N HIS A 381 22.03 17.87 1.12
CA HIS A 381 20.97 18.67 0.48
C HIS A 381 20.40 19.74 1.40
N GLU A 382 21.25 20.42 2.17
CA GLU A 382 20.83 21.43 3.14
C GLU A 382 19.92 22.54 2.57
N LEU A 383 20.27 23.05 1.40
CA LEU A 383 19.46 24.17 0.84
C LEU A 383 18.12 23.61 0.33
N ALA A 384 18.18 22.50 -0.39
CA ALA A 384 16.95 21.89 -0.94
C ALA A 384 15.97 21.51 0.18
N ASN A 385 16.52 20.99 1.27
CA ASN A 385 15.76 20.63 2.41
C ASN A 385 15.21 21.82 3.14
N THR A 386 16.01 22.88 3.26
CA THR A 386 15.53 24.11 3.89
C THR A 386 14.36 24.72 3.16
N ILE A 387 14.41 24.72 1.84
CA ILE A 387 13.42 25.39 1.04
C ILE A 387 12.10 24.61 1.17
N TYR A 388 12.15 23.29 1.14
CA TYR A 388 10.96 22.46 1.39
C TYR A 388 10.29 22.74 2.73
N SER A 389 11.10 22.76 3.80
CA SER A 389 10.64 22.88 5.16
C SER A 389 10.06 24.23 5.35
N ARG A 390 10.70 25.26 4.83
CA ARG A 390 10.19 26.64 5.00
C ARG A 390 9.00 26.98 4.12
N LEU A 391 8.93 26.40 2.93
CA LEU A 391 7.89 26.74 2.03
C LEU A 391 6.60 26.03 2.36
N TYR A 392 6.66 24.85 2.93
CA TYR A 392 5.43 24.23 3.39
C TYR A 392 5.22 24.32 4.90
N ALA A 393 5.89 25.24 5.55
CA ALA A 393 5.53 25.63 6.91
C ALA A 393 4.19 26.36 6.87
N LYS A 394 3.26 25.90 7.71
CA LYS A 394 2.00 26.59 7.98
C LYS A 394 2.30 27.90 8.72
N SER A 395 1.75 29.02 8.26
CA SER A 395 1.88 30.33 8.96
C SER A 395 1.06 30.35 10.27
N GLY A 396 1.47 31.19 11.21
CA GLY A 396 0.85 31.22 12.54
C GLY A 396 1.37 30.15 13.51
N THR A 397 2.06 29.12 12.98
CA THR A 397 2.86 28.18 13.78
C THR A 397 4.32 28.58 13.55
N PRO A 398 4.84 29.57 14.31
CA PRO A 398 6.29 29.82 14.22
C PRO A 398 7.12 28.55 14.51
N LEU A 399 8.32 28.51 13.93
CA LEU A 399 9.14 27.33 13.98
C LEU A 399 10.11 27.54 15.11
N SER A 400 10.41 26.46 15.81
CA SER A 400 11.41 26.53 16.81
C SER A 400 12.71 26.28 16.10
N VAL A 401 13.72 26.88 16.66
CA VAL A 401 15.07 26.63 16.31
C VAL A 401 15.33 25.16 16.70
N GLY A 402 16.05 24.49 15.83
CA GLY A 402 16.48 23.09 16.00
C GLY A 402 17.98 22.93 16.09
N THR A 403 18.40 22.00 16.96
CA THR A 403 19.76 21.67 17.15
C THR A 403 20.07 20.15 16.85
N SER A 404 21.35 19.90 16.70
CA SER A 404 21.93 18.59 16.59
C SER A 404 23.19 18.75 17.41
N VAL A 405 24.01 17.69 17.45
CA VAL A 405 25.21 17.65 18.21
C VAL A 405 26.34 17.15 17.35
N TYR A 406 27.46 17.84 17.42
CA TYR A 406 28.66 17.45 16.76
C TYR A 406 29.71 17.09 17.79
N ALA A 407 29.76 17.77 18.92
CA ALA A 407 30.64 17.35 20.01
C ALA A 407 29.83 17.44 21.28
N GLY A 408 29.49 16.28 21.87
CA GLY A 408 28.50 16.19 22.98
C GLY A 408 29.04 15.73 24.36
N THR A 409 30.34 15.53 24.49
CA THR A 409 30.94 14.89 25.60
C THR A 409 32.12 15.71 26.08
N VAL A 410 32.15 16.04 27.38
CA VAL A 410 33.35 16.51 28.03
C VAL A 410 33.57 15.54 29.20
N THR A 411 34.77 15.00 29.27
CA THR A 411 35.01 13.96 30.25
C THR A 411 35.84 14.39 31.45
N MET A 412 35.29 14.13 32.65
CA MET A 412 36.02 14.39 33.91
C MET A 412 37.31 13.70 33.87
N ALA A 413 38.35 14.33 34.42
CA ALA A 413 39.64 13.68 34.56
C ALA A 413 39.76 12.86 35.84
N THR A 414 39.13 13.32 36.92
CA THR A 414 39.13 12.64 38.23
C THR A 414 37.73 12.82 38.73
N TYR A 415 37.49 12.55 40.00
CA TYR A 415 36.16 12.70 40.52
C TYR A 415 35.70 14.17 40.62
N THR A 416 36.65 15.08 40.73
CA THR A 416 36.34 16.51 40.91
C THR A 416 36.89 17.45 39.76
N GLN A 417 37.98 17.05 39.12
CA GLN A 417 38.67 17.82 38.12
C GLN A 417 38.05 17.65 36.69
N LEU A 418 37.38 18.70 36.20
CA LEU A 418 36.81 18.80 34.87
C LEU A 418 37.76 19.54 33.92
N PRO A 419 38.43 18.84 32.96
CA PRO A 419 39.29 19.59 32.03
C PRO A 419 38.46 20.53 31.16
N ALA A 420 39.16 21.49 30.53
CA ALA A 420 38.53 22.38 29.57
C ALA A 420 38.03 21.54 28.39
N GLY A 421 36.85 21.86 27.91
CA GLY A 421 36.40 21.40 26.61
C GLY A 421 35.20 22.13 26.08
N THR A 422 34.70 21.69 24.90
CA THR A 422 33.64 22.44 24.21
C THR A 422 32.55 21.57 23.56
N PHE A 423 31.30 21.85 23.89
CA PHE A 423 30.14 21.27 23.27
C PHE A 423 29.93 22.06 22.00
N ILE A 424 29.57 21.37 20.93
CA ILE A 424 29.35 22.01 19.60
C ILE A 424 28.04 21.46 19.10
N LEU A 425 27.07 22.35 18.96
CA LEU A 425 25.78 22.06 18.54
C LEU A 425 25.43 22.79 17.22
N PRO A 426 25.47 22.07 16.07
CA PRO A 426 24.94 22.65 14.82
C PRO A 426 23.47 22.82 14.82
N LEU A 427 22.99 23.93 14.28
CA LEU A 427 21.55 24.02 14.05
C LEU A 427 21.05 23.36 12.81
N THR A 428 19.92 22.73 12.93
CA THR A 428 19.27 22.09 11.86
C THR A 428 18.10 22.95 11.37
N GLN A 429 17.64 23.89 12.20
CA GLN A 429 16.49 24.75 11.82
C GLN A 429 16.74 26.10 12.43
N GLY A 430 16.95 27.10 11.56
CA GLY A 430 17.48 28.37 11.97
C GLY A 430 18.93 28.56 11.69
N THR A 431 19.32 29.80 11.67
CA THR A 431 20.62 30.19 11.30
C THR A 431 21.10 31.16 12.30
N LEU A 432 22.17 30.87 13.00
CA LEU A 432 22.73 31.80 13.94
C LEU A 432 23.24 33.08 13.25
N LYS A 433 23.01 34.19 13.94
CA LYS A 433 23.73 35.39 13.65
C LYS A 433 25.18 35.11 13.62
N PRO A 434 25.90 35.88 12.79
CA PRO A 434 27.29 35.51 12.70
C PRO A 434 28.06 35.61 14.00
N VAL A 435 27.70 36.60 14.84
CA VAL A 435 28.26 36.64 16.20
C VAL A 435 27.11 36.65 17.18
N ILE A 436 27.05 35.66 18.07
CA ILE A 436 25.91 35.57 18.96
C ILE A 436 26.43 36.22 20.23
N SER A 437 25.47 36.57 21.07
CA SER A 437 25.79 37.09 22.42
C SER A 437 25.45 36.04 23.52
N ALA A 438 26.19 36.13 24.63
CA ALA A 438 25.90 35.35 25.86
C ALA A 438 24.39 35.16 26.16
N SER A 439 23.60 36.19 25.94
CA SER A 439 22.17 36.10 26.23
C SER A 439 21.35 35.35 25.20
N ASP A 440 21.98 34.97 24.09
CA ASP A 440 21.29 34.20 23.04
C ASP A 440 21.08 32.69 23.36
N VAL A 441 21.83 32.25 24.38
CA VAL A 441 21.98 30.84 24.81
C VAL A 441 21.88 30.71 26.36
N THR A 442 20.95 29.88 26.82
CA THR A 442 20.91 29.40 28.23
C THR A 442 21.43 27.95 28.26
N VAL A 443 22.54 27.78 28.96
CA VAL A 443 23.08 26.53 29.31
C VAL A 443 22.73 26.22 30.80
N SER A 444 21.93 25.17 31.08
CA SER A 444 21.70 24.63 32.46
C SER A 444 22.41 23.33 32.74
N GLY A 445 23.10 23.19 33.90
CA GLY A 445 23.61 21.88 34.39
C GLY A 445 25.09 21.85 34.48
N ILE A 446 25.72 22.93 34.05
CA ILE A 446 27.12 23.05 34.29
C ILE A 446 27.26 23.06 35.81
N PRO A 447 28.19 22.21 36.34
CA PRO A 447 28.26 22.02 37.78
C PRO A 447 28.66 23.30 38.45
N ALA A 448 28.32 23.41 39.74
CA ALA A 448 28.58 24.65 40.47
C ALA A 448 30.10 24.94 40.57
N GLY A 449 30.45 26.23 40.42
CA GLY A 449 31.84 26.70 40.38
C GLY A 449 32.57 26.26 39.13
N ILE A 450 31.88 26.25 37.99
CA ILE A 450 32.49 25.98 36.68
C ILE A 450 32.00 27.05 35.72
N THR A 451 32.91 27.86 35.20
CA THR A 451 32.50 28.92 34.28
C THR A 451 32.52 28.41 32.86
N TYR A 452 31.63 29.01 32.10
CA TYR A 452 31.55 28.74 30.70
C TYR A 452 31.19 30.01 29.96
N THR A 453 31.36 29.97 28.64
CA THR A 453 30.86 30.98 27.71
C THR A 453 30.29 30.29 26.48
N VAL A 454 29.39 31.01 25.82
CA VAL A 454 28.91 30.61 24.51
C VAL A 454 29.50 31.50 23.40
N ALA A 455 29.33 31.04 22.17
CA ALA A 455 29.93 31.70 20.96
C ALA A 455 29.52 30.87 19.76
N ASN A 456 30.01 31.28 18.58
CA ASN A 456 29.81 30.55 17.31
C ASN A 456 31.05 29.70 17.23
N ALA A 457 30.90 28.38 17.08
CA ALA A 457 32.04 27.47 16.96
C ALA A 457 32.88 27.82 15.73
N ALA A 458 34.19 27.93 15.90
CA ALA A 458 35.13 28.13 14.80
C ALA A 458 34.94 26.99 13.84
N ASP A 459 35.03 27.29 12.55
CA ASP A 459 35.05 26.26 11.52
C ASP A 459 33.77 25.55 11.31
N HIS A 460 32.65 26.14 11.73
CA HIS A 460 31.33 25.66 11.38
C HIS A 460 30.51 26.86 10.95
N ARG A 461 29.65 26.68 9.97
CA ARG A 461 28.85 27.73 9.46
C ARG A 461 27.69 28.13 10.42
N ASN A 462 27.20 27.18 11.21
CA ASN A 462 25.92 27.38 11.92
C ASN A 462 25.80 26.51 13.21
N ALA A 463 26.74 26.74 14.10
CA ALA A 463 26.92 25.99 15.34
C ALA A 463 27.26 26.81 16.58
N VAL A 464 26.52 26.51 17.66
CA VAL A 464 26.83 27.03 18.99
C VAL A 464 27.96 26.24 19.57
N ALA A 465 29.01 26.90 20.00
CA ALA A 465 29.94 26.32 20.92
C ALA A 465 29.55 26.74 22.34
N VAL A 466 29.63 25.79 23.28
CA VAL A 466 29.63 26.09 24.73
C VAL A 466 30.96 25.68 25.24
N TYR A 467 31.86 26.64 25.49
CA TYR A 467 33.21 26.35 26.02
C TYR A 467 33.12 26.18 27.52
N VAL A 468 33.47 25.01 28.04
CA VAL A 468 33.44 24.78 29.49
C VAL A 468 34.84 25.06 29.94
N ASN A 469 35.01 26.01 30.85
CA ASN A 469 36.33 26.24 31.45
C ASN A 469 36.77 25.05 32.28
N GLY A 470 38.05 24.73 32.20
CA GLY A 470 38.62 23.76 33.08
C GLY A 470 38.28 24.17 34.52
N GLY A 471 38.18 23.19 35.41
CA GLY A 471 37.67 23.46 36.75
C GLY A 471 37.67 22.29 37.72
N THR A 472 37.02 22.56 38.85
CA THR A 472 36.98 21.69 40.03
C THR A 472 35.49 21.70 40.45
N VAL A 473 34.83 20.54 40.39
CA VAL A 473 33.39 20.46 40.72
C VAL A 473 33.23 20.41 42.26
N ALA A 474 32.09 20.94 42.77
CA ALA A 474 31.86 21.12 44.23
C ALA A 474 31.86 19.79 44.99
N SER A 475 31.14 18.80 44.42
CA SER A 475 31.21 17.41 44.88
C SER A 475 31.50 16.39 43.79
N ASN A 476 31.98 15.24 44.26
CA ASN A 476 32.44 14.14 43.39
C ASN A 476 31.50 13.75 42.31
N VAL A 477 32.03 13.57 41.12
CA VAL A 477 31.18 13.19 39.99
C VAL A 477 31.30 11.69 39.76
N TYR A 478 30.25 10.96 40.18
CA TYR A 478 30.17 9.49 39.98
C TYR A 478 29.33 9.10 38.75
N ASP A 479 28.46 10.01 38.36
CA ASP A 479 27.46 9.77 37.35
C ASP A 479 27.54 10.88 36.30
N PRO A 480 26.99 10.63 35.11
CA PRO A 480 27.07 11.66 34.06
C PRO A 480 26.25 12.84 34.45
N ILE A 481 26.71 14.03 34.11
CA ILE A 481 25.89 15.25 34.26
C ILE A 481 25.24 15.65 32.94
N ASP A 482 23.92 15.78 32.95
CA ASP A 482 23.23 16.27 31.83
C ASP A 482 23.38 17.82 31.79
N VAL A 483 23.94 18.32 30.70
CA VAL A 483 24.00 19.75 30.34
C VAL A 483 22.91 19.98 29.31
N ARG A 484 22.18 21.07 29.50
CA ARG A 484 21.01 21.35 28.71
C ARG A 484 21.21 22.72 28.08
N VAL A 485 21.09 22.81 26.73
CA VAL A 485 21.42 24.04 25.97
C VAL A 485 20.20 24.48 25.20
N VAL A 486 19.71 25.69 25.56
CA VAL A 486 18.64 26.32 24.83
C VAL A 486 19.26 27.40 23.94
N VAL A 487 18.80 27.41 22.70
CA VAL A 487 19.27 28.38 21.69
C VAL A 487 18.10 29.32 21.51
N LYS A 488 18.28 30.59 21.91
CA LYS A 488 17.08 31.49 21.98
C LYS A 488 16.74 32.01 20.58
N ALA A 489 15.45 32.17 20.29
CA ALA A 489 14.93 32.85 19.08
C ALA A 489 15.74 34.08 18.70
N SER A 490 16.20 34.80 19.69
CA SER A 490 17.09 35.89 19.49
C SER A 490 18.49 35.58 18.90
N ALA A 491 18.93 34.33 18.85
CA ALA A 491 20.32 34.00 18.42
C ALA A 491 20.44 33.92 16.87
N VAL A 492 19.28 33.81 16.24
CA VAL A 492 19.01 33.36 14.91
C VAL A 492 18.64 34.57 14.00
N LEU A 493 18.69 34.39 12.67
CA LEU A 493 18.48 35.48 11.68
C LEU A 493 17.08 35.51 11.25
N GLU A 494 16.43 34.35 11.16
CA GLU A 494 15.12 34.25 10.57
C GLU A 494 14.17 35.01 11.51
N ALA A 495 12.95 35.25 11.04
CA ALA A 495 12.11 36.28 11.66
C ALA A 495 11.30 35.76 12.84
N ASN A 496 10.39 34.81 12.63
CA ASN A 496 9.43 34.45 13.71
C ASN A 496 9.66 33.01 14.14
N MET A 497 10.71 32.86 14.93
CA MET A 497 11.10 31.57 15.47
C MET A 497 11.03 31.64 16.97
N THR A 498 10.91 30.48 17.57
CA THR A 498 10.81 30.32 19.01
C THR A 498 12.05 29.60 19.53
N ASP A 499 12.32 29.77 20.82
CA ASP A 499 13.43 29.10 21.49
C ASP A 499 13.47 27.57 21.08
N SER A 500 14.68 27.03 20.98
CA SER A 500 14.84 25.56 20.83
C SER A 500 14.43 24.83 22.08
N ALA A 501 13.85 23.65 21.84
CA ALA A 501 13.96 22.56 22.81
C ALA A 501 15.36 22.48 23.47
N PRO A 502 15.39 22.01 24.73
CA PRO A 502 16.66 22.07 25.43
C PRO A 502 17.52 20.84 24.92
N ALA A 503 18.74 21.13 24.48
CA ALA A 503 19.56 20.16 23.78
C ALA A 503 20.36 19.49 24.80
N SER A 504 20.35 18.19 24.79
CA SER A 504 21.14 17.47 25.79
C SER A 504 22.54 17.10 25.34
N VAL A 505 23.53 17.51 26.12
CA VAL A 505 24.90 17.01 26.07
C VAL A 505 25.32 16.53 27.48
N THR A 506 26.60 16.23 27.64
CA THR A 506 27.03 15.31 28.69
C THR A 506 28.35 15.68 29.27
N ILE A 507 28.38 15.79 30.60
CA ILE A 507 29.68 15.71 31.28
C ILE A 507 29.82 14.29 31.79
N MET A 508 30.83 13.56 31.31
CA MET A 508 30.97 12.16 31.64
C MET A 508 31.91 11.94 32.83
N PRO A 509 31.58 10.98 33.68
CA PRO A 509 32.48 10.74 34.83
C PRO A 509 33.74 10.07 34.35
N LYS A 510 34.76 10.01 35.20
CA LYS A 510 36.11 9.67 34.72
C LYS A 510 36.28 8.31 34.15
N PHE A 511 35.40 7.36 34.48
CA PHE A 511 35.54 6.03 33.91
C PHE A 511 34.96 5.89 32.50
N GLY A 512 34.27 6.91 32.03
CA GLY A 512 33.90 6.97 30.62
C GLY A 512 32.65 6.17 30.34
N PRO A 513 32.47 5.80 29.08
CA PRO A 513 31.19 5.20 28.66
C PRO A 513 31.04 3.76 29.09
N ILE A 514 29.82 3.22 29.10
CA ILE A 514 29.61 1.83 29.44
C ILE A 514 29.73 1.01 28.19
N LEU A 515 30.10 -0.26 28.39
CA LEU A 515 30.12 -1.23 27.31
C LEU A 515 29.44 -2.46 27.89
N LEU A 516 28.25 -2.70 27.35
CA LEU A 516 27.32 -3.60 27.92
C LEU A 516 27.10 -4.72 26.95
N GLY A 517 27.24 -5.93 27.46
CA GLY A 517 26.94 -7.14 26.68
C GLY A 517 25.75 -7.93 27.19
N TYR A 518 24.82 -8.23 26.31
CA TYR A 518 23.87 -9.29 26.60
C TYR A 518 24.55 -10.62 26.64
N VAL A 519 24.39 -11.36 27.73
CA VAL A 519 24.95 -12.68 27.86
C VAL A 519 23.85 -13.69 27.96
N PRO A 520 23.69 -14.57 26.96
CA PRO A 520 22.58 -15.50 27.07
C PRO A 520 22.67 -16.60 28.10
N GLY A 521 21.65 -16.80 28.90
CA GLY A 521 21.63 -17.85 29.86
C GLY A 521 21.45 -19.27 29.36
N TRP A 522 21.15 -19.37 28.08
CA TRP A 522 20.99 -20.68 27.43
C TRP A 522 22.34 -21.21 26.95
N VAL A 523 23.43 -20.50 27.17
CA VAL A 523 24.77 -21.08 27.01
C VAL A 523 25.29 -21.47 28.37
N ASP A 524 25.89 -22.65 28.43
CA ASP A 524 26.41 -23.14 29.68
C ASP A 524 27.85 -22.60 29.72
N TRP A 525 28.01 -21.39 30.29
CA TRP A 525 29.27 -20.68 30.26
C TRP A 525 30.45 -21.42 30.93
N THR A 526 30.16 -22.16 31.98
CA THR A 526 31.17 -22.88 32.74
C THR A 526 31.83 -23.95 31.88
N ASN A 527 31.08 -24.57 30.96
CA ASN A 527 31.62 -25.64 30.14
C ASN A 527 31.78 -25.19 28.74
N SER A 528 31.73 -23.90 28.52
CA SER A 528 32.00 -23.35 27.23
C SER A 528 33.48 -22.98 27.18
N ALA A 529 34.11 -23.28 26.04
CA ALA A 529 35.49 -22.91 25.83
C ALA A 529 35.58 -21.44 25.54
N TYR A 530 34.49 -20.84 25.03
CA TYR A 530 34.40 -19.41 24.79
C TYR A 530 33.88 -18.77 26.09
N LYS A 531 34.67 -17.86 26.65
CA LYS A 531 34.31 -17.23 27.96
C LYS A 531 33.92 -15.77 27.80
N VAL A 532 33.39 -15.18 28.85
CA VAL A 532 33.04 -13.76 28.80
C VAL A 532 34.23 -12.89 29.20
N ASP A 533 34.52 -11.86 28.41
CA ASP A 533 35.67 -10.98 28.68
C ASP A 533 35.31 -9.80 29.57
N ALA A 534 35.40 -10.01 30.88
CA ALA A 534 35.07 -8.98 31.86
C ALA A 534 36.05 -7.85 31.90
N THR A 535 37.20 -7.96 31.25
CA THR A 535 38.06 -6.81 31.20
C THR A 535 37.59 -5.80 30.19
N LYS A 536 36.81 -6.22 29.19
CA LYS A 536 36.35 -5.33 28.14
C LYS A 536 34.92 -4.85 28.41
N LEU A 537 34.08 -5.68 29.00
CA LEU A 537 32.74 -5.23 29.39
C LEU A 537 32.77 -4.41 30.68
N THR A 538 31.91 -3.40 30.81
CA THR A 538 31.64 -2.76 32.10
C THR A 538 30.38 -3.38 32.72
N HIS A 539 29.50 -3.92 31.88
CA HIS A 539 28.17 -4.39 32.26
C HIS A 539 27.82 -5.62 31.47
N ILE A 540 27.12 -6.51 32.12
CA ILE A 540 26.42 -7.61 31.51
C ILE A 540 24.94 -7.56 31.83
N ASN A 541 24.10 -7.77 30.81
CA ASN A 541 22.73 -8.17 31.06
C ASN A 541 22.58 -9.64 30.91
N TYR A 542 22.11 -10.30 31.95
CA TYR A 542 21.88 -11.71 31.82
C TYR A 542 20.46 -11.95 31.30
N ALA A 543 20.40 -12.68 30.19
CA ALA A 543 19.12 -12.99 29.49
C ALA A 543 18.69 -14.40 29.74
N PHE A 544 17.59 -14.69 30.48
CA PHE A 544 16.62 -13.78 31.04
C PHE A 544 16.06 -14.46 32.31
N ALA A 545 15.49 -13.64 33.18
CA ALA A 545 14.49 -14.07 34.09
C ALA A 545 13.11 -13.77 33.48
N ARG A 546 12.10 -14.39 34.05
CA ARG A 546 10.76 -14.36 33.46
C ARG A 546 9.71 -14.21 34.56
N ILE A 547 8.46 -14.10 34.16
CA ILE A 547 7.41 -13.72 35.11
C ILE A 547 6.46 -14.84 35.11
N LYS A 548 6.21 -15.41 36.29
CA LYS A 548 5.19 -16.46 36.42
C LYS A 548 4.36 -16.16 37.65
N ASP A 549 3.05 -16.05 37.48
CA ASP A 549 2.15 -15.78 38.60
C ASP A 549 2.54 -14.51 39.25
N ASN A 550 2.90 -13.50 38.45
CA ASN A 550 3.37 -12.26 38.97
C ASN A 550 4.66 -12.35 39.85
N LYS A 551 5.39 -13.45 39.77
CA LYS A 551 6.66 -13.66 40.52
C LYS A 551 7.80 -13.75 39.48
N VAL A 552 9.01 -13.32 39.83
CA VAL A 552 10.17 -13.45 38.94
C VAL A 552 10.80 -14.80 39.16
N VAL A 553 10.99 -15.56 38.07
CA VAL A 553 11.48 -16.93 38.07
C VAL A 553 12.58 -17.11 37.00
N LYS A 554 13.34 -18.21 37.09
CA LYS A 554 14.30 -18.54 36.07
C LYS A 554 13.55 -18.88 34.81
N ILE A 555 14.26 -18.78 33.70
CA ILE A 555 13.69 -19.00 32.37
C ILE A 555 13.24 -20.47 32.21
N SER A 556 13.86 -21.37 32.97
CA SER A 556 13.46 -22.76 32.93
C SER A 556 12.05 -23.03 33.49
N GLU A 557 11.48 -22.10 34.21
CA GLU A 557 10.16 -22.21 34.77
C GLU A 557 9.15 -21.51 33.88
N ASP A 558 9.61 -20.84 32.81
CA ASP A 558 8.73 -20.20 31.84
C ASP A 558 8.24 -21.21 30.83
N ILE A 559 6.99 -21.62 31.03
CA ILE A 559 6.47 -22.81 30.34
C ILE A 559 6.29 -22.46 28.87
N ASN A 560 5.93 -21.22 28.59
CA ASN A 560 5.79 -20.76 27.19
C ASN A 560 7.11 -20.87 26.41
N TRP A 561 8.22 -20.48 27.04
CA TRP A 561 9.58 -20.70 26.48
C TRP A 561 10.01 -22.19 26.42
N VAL A 562 9.86 -22.88 27.54
CA VAL A 562 10.35 -24.23 27.61
C VAL A 562 9.62 -25.10 26.58
N ASN A 563 8.34 -24.86 26.40
CA ASN A 563 7.54 -25.62 25.38
C ASN A 563 7.22 -24.78 24.15
N GLU A 564 8.11 -23.90 23.76
CA GLU A 564 7.88 -23.16 22.52
C GLU A 564 7.84 -24.17 21.37
N PHE A 565 8.66 -25.21 21.46
CA PHE A 565 8.76 -26.24 20.46
C PHE A 565 8.19 -27.54 21.00
N PRO A 566 7.36 -28.25 20.20
CA PRO A 566 6.88 -29.60 20.59
C PRO A 566 7.97 -30.67 20.87
N SER A 567 9.15 -30.66 20.23
CA SER A 567 10.08 -31.78 20.42
C SER A 567 10.65 -31.82 21.84
N GLU A 568 10.66 -33.01 22.42
CA GLU A 568 11.06 -33.18 23.81
C GLU A 568 12.53 -32.89 24.02
N GLU A 569 13.35 -33.18 23.03
CA GLU A 569 14.80 -32.93 23.12
C GLU A 569 15.13 -31.45 23.28
N ILE A 570 14.36 -30.57 22.64
CA ILE A 570 14.45 -29.15 22.91
C ILE A 570 13.89 -28.80 24.30
N ARG A 571 12.72 -29.31 24.64
CA ARG A 571 12.11 -28.89 25.87
C ARG A 571 12.94 -29.36 27.02
N GLU A 572 13.65 -30.47 26.85
CA GLU A 572 14.40 -31.04 27.96
C GLU A 572 15.62 -30.12 28.16
N GLN A 573 16.22 -29.66 27.08
CA GLN A 573 17.35 -28.69 27.15
C GLN A 573 16.92 -27.39 27.82
N ARG A 574 15.69 -26.94 27.57
CA ARG A 574 15.18 -25.73 28.16
C ARG A 574 14.79 -25.93 29.62
N ARG A 575 14.19 -27.07 29.96
CA ARG A 575 13.94 -27.42 31.38
C ARG A 575 15.23 -27.48 32.18
N ASN A 576 16.33 -27.89 31.55
CA ASN A 576 17.64 -28.00 32.24
C ASN A 576 18.55 -26.80 31.93
N ASN A 577 17.93 -25.64 31.65
CA ASN A 577 18.71 -24.45 31.33
C ASN A 577 19.71 -24.23 32.46
N PRO A 578 20.98 -24.05 32.13
CA PRO A 578 22.08 -24.04 33.12
C PRO A 578 22.14 -22.75 33.92
N ASP A 579 21.03 -22.31 34.51
CA ASP A 579 21.05 -21.04 35.22
C ASP A 579 21.91 -21.05 36.48
N ASP A 580 21.74 -22.06 37.36
CA ASP A 580 22.58 -22.05 38.57
C ASP A 580 24.10 -21.98 38.27
N ALA A 581 24.50 -22.81 37.32
CA ALA A 581 25.88 -22.79 36.87
C ALA A 581 26.31 -21.49 36.35
N ASN A 582 25.47 -20.86 35.51
CA ASN A 582 25.74 -19.53 35.05
C ASN A 582 25.79 -18.53 36.19
N PHE A 583 24.92 -18.62 37.20
CA PHE A 583 25.04 -17.63 38.29
C PHE A 583 26.42 -17.78 39.03
N ALA A 584 26.91 -19.01 39.25
CA ALA A 584 28.25 -19.22 39.84
C ALA A 584 29.34 -18.72 38.93
N TYR A 585 29.18 -18.93 37.63
CA TYR A 585 30.09 -18.37 36.67
C TYR A 585 30.19 -16.86 36.75
N LEU A 586 29.05 -16.20 36.77
CA LEU A 586 29.08 -14.74 36.86
C LEU A 586 29.68 -14.26 38.21
N LYS A 587 29.37 -14.94 39.29
CA LYS A 587 29.91 -14.62 40.60
C LYS A 587 31.41 -14.68 40.54
N THR A 588 32.00 -15.75 39.96
CA THR A 588 33.48 -15.78 39.73
C THR A 588 33.93 -14.63 38.98
N LEU A 589 33.34 -14.39 37.80
CA LEU A 589 33.75 -13.24 36.96
C LEU A 589 33.72 -11.92 37.73
N LYS A 590 32.69 -11.72 38.57
CA LYS A 590 32.62 -10.45 39.32
C LYS A 590 33.70 -10.44 40.38
N GLN A 591 33.99 -11.61 40.97
CA GLN A 591 35.15 -11.72 41.93
C GLN A 591 36.45 -11.36 41.29
N GLN A 592 36.64 -11.70 40.01
CA GLN A 592 37.87 -11.43 39.28
C GLN A 592 37.93 -10.06 38.74
N ASN A 593 36.79 -9.40 38.50
CA ASN A 593 36.74 -8.02 37.89
C ASN A 593 35.72 -7.16 38.70
N PRO A 594 36.18 -6.61 39.85
CA PRO A 594 35.26 -6.14 40.83
C PRO A 594 34.47 -4.87 40.42
N SER A 595 34.83 -4.17 39.36
CA SER A 595 34.04 -3.08 38.87
C SER A 595 32.95 -3.51 37.84
N LEU A 596 32.97 -4.77 37.41
CA LEU A 596 31.88 -5.31 36.57
C LEU A 596 30.53 -5.25 37.25
N LYS A 597 29.53 -4.83 36.48
CA LYS A 597 28.16 -4.82 36.93
C LYS A 597 27.39 -5.86 36.15
N VAL A 598 26.64 -6.72 36.83
CA VAL A 598 25.87 -7.73 36.18
C VAL A 598 24.42 -7.56 36.55
N LEU A 599 23.58 -7.24 35.59
CA LEU A 599 22.15 -7.06 35.88
C LEU A 599 21.42 -8.29 35.40
N VAL A 600 20.29 -8.54 36.03
CA VAL A 600 19.37 -9.49 35.51
C VAL A 600 18.34 -8.79 34.58
N SER A 601 18.25 -9.28 33.32
CA SER A 601 17.15 -8.91 32.40
C SER A 601 15.89 -9.72 32.55
N ILE A 602 14.81 -9.03 32.94
CA ILE A 602 13.54 -9.69 33.11
C ILE A 602 12.69 -9.40 31.86
N GLY A 603 12.31 -10.46 31.16
CA GLY A 603 11.48 -10.35 30.02
C GLY A 603 12.12 -10.91 28.76
N GLY A 604 12.20 -10.07 27.74
CA GLY A 604 12.65 -10.42 26.47
C GLY A 604 11.48 -10.70 25.52
N TRP A 605 11.87 -11.09 24.29
CA TRP A 605 10.93 -11.49 23.26
C TRP A 605 9.96 -12.53 23.74
N ALA A 606 8.68 -12.19 23.56
CA ALA A 606 7.60 -13.10 23.79
C ALA A 606 7.45 -13.43 25.28
N ALA A 607 8.04 -12.62 26.18
CA ALA A 607 7.94 -12.90 27.59
C ALA A 607 6.65 -12.28 28.07
N GLU A 608 5.88 -13.07 28.83
CA GLU A 608 4.55 -12.72 29.30
C GLU A 608 4.58 -12.08 30.65
N GLY A 609 3.43 -11.51 31.02
CA GLY A 609 3.16 -11.09 32.35
C GLY A 609 3.30 -9.65 32.72
N PHE A 610 3.98 -8.81 31.92
CA PHE A 610 4.17 -7.46 32.36
C PHE A 610 2.86 -6.63 32.37
N SER A 611 1.98 -6.85 31.38
CA SER A 611 0.77 -5.99 31.33
C SER A 611 -0.09 -6.18 32.61
N ASP A 612 -0.25 -7.44 33.02
CA ASP A 612 -0.88 -7.84 34.29
C ASP A 612 -0.17 -7.34 35.52
N ALA A 613 1.18 -7.40 35.51
CA ALA A 613 1.93 -7.01 36.69
C ALA A 613 1.89 -5.57 36.87
N ALA A 614 1.84 -4.82 35.78
CA ALA A 614 1.90 -3.40 35.88
C ALA A 614 0.54 -2.73 36.32
N LEU A 615 -0.57 -3.43 36.18
CA LEU A 615 -1.98 -2.89 36.38
C LEU A 615 -2.29 -2.10 37.66
N THR A 616 -1.99 -2.66 38.83
CA THR A 616 -2.41 -2.02 40.10
C THR A 616 -1.25 -1.83 41.03
N PRO A 617 -1.45 -1.03 42.09
CA PRO A 617 -0.36 -0.90 43.06
C PRO A 617 0.02 -2.22 43.75
N GLU A 618 -0.95 -3.12 43.95
CA GLU A 618 -0.72 -4.46 44.53
C GLU A 618 0.10 -5.35 43.60
N THR A 619 -0.25 -5.40 42.31
CA THR A 619 0.49 -6.26 41.36
C THR A 619 1.92 -5.76 41.11
N ARG A 620 2.13 -4.45 41.09
CA ARG A 620 3.46 -3.88 40.97
C ARG A 620 4.34 -4.14 42.18
N GLU A 621 3.73 -4.05 43.37
CA GLU A 621 4.40 -4.32 44.65
C GLU A 621 4.89 -5.74 44.64
N GLU A 622 4.02 -6.62 44.23
CA GLU A 622 4.29 -8.02 44.24
C GLU A 622 5.43 -8.31 43.25
N LEU A 623 5.37 -7.67 42.09
CA LEU A 623 6.40 -7.92 41.08
C LEU A 623 7.70 -7.34 41.51
N ALA A 624 7.73 -6.08 41.94
CA ALA A 624 8.97 -5.50 42.34
C ALA A 624 9.62 -6.31 43.51
N ASN A 625 8.83 -6.82 44.48
CA ASN A 625 9.45 -7.52 45.63
C ASN A 625 10.03 -8.85 45.19
N SER A 626 9.35 -9.53 44.27
CA SER A 626 9.83 -10.77 43.75
C SER A 626 11.11 -10.56 42.90
N ALA A 627 11.20 -9.46 42.13
CA ALA A 627 12.38 -9.14 41.34
C ALA A 627 13.58 -8.83 42.19
N ILE A 628 13.34 -8.07 43.23
CA ILE A 628 14.30 -7.71 44.19
C ILE A 628 14.81 -8.97 44.89
N ALA A 629 13.92 -9.90 45.19
CA ALA A 629 14.34 -11.16 45.83
C ALA A 629 15.20 -11.95 44.90
N PHE A 630 14.77 -12.06 43.67
CA PHE A 630 15.54 -12.76 42.63
C PHE A 630 16.93 -12.15 42.50
N MET A 631 17.03 -10.86 42.36
CA MET A 631 18.30 -10.14 42.23
C MET A 631 19.31 -10.47 43.39
N HIS A 632 18.82 -10.49 44.62
CA HIS A 632 19.69 -10.73 45.77
C HIS A 632 20.12 -12.23 45.82
N GLN A 633 19.14 -13.08 45.57
CA GLN A 633 19.34 -14.54 45.57
C GLN A 633 20.43 -15.01 44.69
N TYR A 634 20.56 -14.42 43.51
CA TYR A 634 21.53 -14.85 42.52
C TYR A 634 22.66 -13.94 42.25
N GLY A 635 22.83 -12.94 43.08
CA GLY A 635 24.04 -12.13 43.05
C GLY A 635 24.16 -10.99 42.01
N PHE A 636 23.04 -10.41 41.64
CA PHE A 636 22.99 -9.36 40.63
C PHE A 636 23.12 -7.97 41.23
N ASP A 637 23.52 -7.03 40.39
CA ASP A 637 23.87 -5.65 40.71
C ASP A 637 22.80 -4.69 40.21
N GLY A 638 21.71 -5.23 39.71
CA GLY A 638 20.55 -4.40 39.26
C GLY A 638 19.63 -5.25 38.42
N ILE A 639 18.67 -4.55 37.83
CA ILE A 639 17.57 -5.11 37.14
C ILE A 639 17.42 -4.33 35.83
N ASP A 640 17.13 -5.04 34.78
CA ASP A 640 16.84 -4.45 33.47
C ASP A 640 15.52 -5.07 33.11
N LEU A 641 14.56 -4.23 32.78
CA LEU A 641 13.29 -4.75 32.31
C LEU A 641 13.25 -4.72 30.77
N ASP A 642 12.85 -5.81 30.14
CA ASP A 642 12.75 -5.93 28.67
C ASP A 642 11.34 -6.35 28.30
N TRP A 643 10.46 -5.36 28.30
CA TRP A 643 9.04 -5.57 28.08
C TRP A 643 8.86 -5.25 26.63
N GLU A 644 8.49 -6.27 25.87
CA GLU A 644 8.45 -6.22 24.41
C GLU A 644 7.02 -6.55 23.85
N TYR A 645 6.17 -5.53 23.74
CA TYR A 645 6.38 -4.15 24.17
C TYR A 645 5.06 -3.63 24.74
N PRO A 646 5.12 -2.58 25.52
CA PRO A 646 3.89 -2.08 26.10
C PRO A 646 2.88 -1.63 24.98
N VAL A 647 1.58 -1.69 25.30
CA VAL A 647 0.42 -1.22 24.47
C VAL A 647 0.19 -2.03 23.19
N TYR A 648 1.14 -2.11 22.30
CA TYR A 648 0.96 -2.94 21.12
C TYR A 648 1.31 -4.38 21.23
N GLY A 649 2.01 -4.79 22.31
CA GLY A 649 2.31 -6.22 22.51
C GLY A 649 3.05 -6.89 21.40
N ALA A 650 3.89 -6.13 20.72
CA ALA A 650 4.57 -6.58 19.51
C ALA A 650 3.55 -7.15 18.52
N PHE A 651 2.37 -6.52 18.42
CA PHE A 651 1.33 -6.93 17.47
C PHE A 651 0.73 -8.29 17.86
N GLY A 652 0.31 -8.35 19.13
CA GLY A 652 -0.32 -9.52 19.74
C GLY A 652 0.56 -10.70 20.07
N VAL A 653 1.89 -10.54 20.14
CA VAL A 653 2.75 -11.61 20.65
C VAL A 653 2.57 -11.73 22.16
N ILE A 654 2.21 -10.64 22.84
CA ILE A 654 2.16 -10.56 24.29
C ILE A 654 0.86 -9.86 24.61
N LYS A 655 0.35 -10.08 25.80
CA LYS A 655 -0.87 -9.42 26.24
C LYS A 655 -0.55 -7.95 26.43
N SER A 656 -1.38 -7.05 25.89
CA SER A 656 -1.19 -5.60 26.16
C SER A 656 -2.45 -4.79 26.36
N ARG A 657 -2.29 -3.62 26.97
CA ARG A 657 -3.40 -2.71 27.28
C ARG A 657 -2.96 -1.26 27.05
N PRO A 658 -3.91 -0.34 26.85
CA PRO A 658 -3.50 1.03 26.70
C PRO A 658 -3.04 1.66 28.00
N GLU A 659 -3.48 1.06 29.12
CA GLU A 659 -3.01 1.47 30.45
C GLU A 659 -1.50 1.11 30.63
N ASP A 660 -0.99 0.13 29.87
CA ASP A 660 0.53 -0.11 29.86
C ASP A 660 1.35 1.10 29.81
N LYS A 661 0.90 2.11 29.08
CA LYS A 661 1.72 3.29 28.87
C LYS A 661 2.07 4.02 30.16
N GLN A 662 1.06 4.39 30.93
CA GLN A 662 1.29 5.07 32.22
C GLN A 662 1.64 4.07 33.37
N ASN A 663 1.18 2.82 33.25
CA ASN A 663 1.53 1.76 34.20
C ASN A 663 3.00 1.32 34.18
N PHE A 664 3.63 1.49 33.01
CA PHE A 664 5.04 1.23 32.86
C PHE A 664 5.73 2.26 33.62
N THR A 665 5.30 3.52 33.51
CA THR A 665 5.87 4.53 34.33
C THR A 665 5.76 4.25 35.84
N ALA A 666 4.58 3.83 36.30
CA ALA A 666 4.38 3.52 37.74
C ALA A 666 5.29 2.33 38.19
N LEU A 667 5.29 1.24 37.42
CA LEU A 667 6.24 0.07 37.62
C LEU A 667 7.69 0.50 37.81
N LEU A 668 8.18 1.42 36.97
CA LEU A 668 9.57 1.85 37.03
C LEU A 668 9.80 2.77 38.15
N LYS A 669 8.81 3.65 38.45
CA LYS A 669 8.88 4.49 39.67
C LYS A 669 9.11 3.63 40.98
N LEU A 670 8.38 2.56 41.04
CA LEU A 670 8.29 1.64 42.18
C LEU A 670 9.54 0.74 42.20
N PHE A 671 9.92 0.16 41.05
CA PHE A 671 11.21 -0.56 40.96
C PHE A 671 12.31 0.33 41.46
N ARG A 672 12.37 1.58 41.01
CA ARG A 672 13.38 2.48 41.47
C ARG A 672 13.36 2.73 42.98
N GLU A 673 12.19 3.05 43.52
CA GLU A 673 12.00 3.15 45.02
C GLU A 673 12.47 1.86 45.78
N LYS A 674 12.09 0.70 45.28
CA LYS A 674 12.50 -0.58 45.91
C LYS A 674 13.96 -0.76 45.84
N LEU A 675 14.59 -0.33 44.73
CA LEU A 675 16.05 -0.43 44.62
C LEU A 675 16.84 0.58 45.43
N ASP A 676 16.21 1.72 45.68
CA ASP A 676 16.76 2.69 46.59
C ASP A 676 16.78 2.12 48.02
N VAL A 677 15.69 1.49 48.37
CA VAL A 677 15.54 0.83 49.70
C VAL A 677 16.66 -0.23 49.78
N GLU A 678 16.79 -1.07 48.73
CA GLU A 678 17.88 -2.05 48.78
C GLU A 678 19.26 -1.47 48.91
N GLY A 679 19.58 -0.39 48.18
CA GLY A 679 20.94 0.18 48.24
C GLY A 679 21.24 0.90 49.53
N ALA A 680 20.16 1.44 50.14
CA ALA A 680 20.25 2.14 51.38
C ALA A 680 20.46 1.06 52.52
N LEU A 681 19.96 -0.16 52.30
CA LEU A 681 20.06 -1.23 53.32
C LEU A 681 21.38 -1.93 53.14
N HIS A 682 21.82 -2.10 51.88
CA HIS A 682 23.09 -2.81 51.58
C HIS A 682 24.34 -2.04 51.35
N GLY A 683 24.29 -0.74 51.55
CA GLY A 683 25.48 0.06 51.43
C GLY A 683 26.03 0.06 50.00
N LYS A 684 25.14 -0.04 49.01
CA LYS A 684 25.60 -0.18 47.61
C LYS A 684 24.52 0.43 46.68
N TYR A 685 24.81 0.62 45.41
CA TYR A 685 23.83 1.17 44.48
C TYR A 685 23.41 0.09 43.45
N TYR A 686 22.13 -0.10 43.28
CA TYR A 686 21.56 -1.07 42.34
C TYR A 686 21.02 -0.26 41.18
N GLU A 687 21.44 -0.67 39.96
CA GLU A 687 20.98 -0.04 38.76
C GLU A 687 19.59 -0.54 38.32
N LEU A 688 18.85 0.34 37.63
CA LEU A 688 17.63 -0.01 36.93
C LEU A 688 17.72 0.46 35.46
N ALA A 689 17.41 -0.42 34.52
CA ALA A 689 17.48 -0.06 33.11
C ALA A 689 16.44 -0.78 32.34
N ILE A 690 16.20 -0.34 31.14
CA ILE A 690 15.31 -1.04 30.23
C ILE A 690 16.01 -1.17 28.91
N ALA A 691 15.51 -2.08 28.10
CA ALA A 691 15.84 -2.15 26.72
C ALA A 691 14.56 -1.64 26.02
N SER A 692 14.73 -0.78 25.03
CA SER A 692 13.61 -0.02 24.40
C SER A 692 13.83 -0.09 22.89
N ALA A 693 12.73 -0.01 22.17
CA ALA A 693 12.75 -0.24 20.75
C ALA A 693 12.81 1.08 19.92
N ALA A 694 13.06 0.89 18.62
CA ALA A 694 13.36 2.03 17.70
C ALA A 694 12.11 2.65 17.00
N ALA A 695 11.10 1.83 16.78
CA ALA A 695 9.94 2.20 15.96
C ALA A 695 9.06 3.32 16.57
N PRO A 696 8.46 4.17 15.70
CA PRO A 696 7.59 5.23 16.24
C PRO A 696 6.50 4.72 17.22
N ILE A 697 5.90 3.58 16.95
CA ILE A 697 4.86 3.11 17.84
C ILE A 697 5.37 2.84 19.28
N TYR A 698 6.62 2.36 19.43
CA TYR A 698 7.20 2.18 20.76
C TYR A 698 7.31 3.49 21.47
N ILE A 699 7.83 4.48 20.77
CA ILE A 699 8.07 5.82 21.29
C ILE A 699 6.75 6.50 21.76
N ASN A 700 5.70 6.23 21.01
CA ASN A 700 4.38 6.74 21.33
C ASN A 700 3.67 5.87 22.36
N SER A 701 4.18 4.66 22.63
CA SER A 701 3.68 3.81 23.70
C SER A 701 4.31 3.94 25.10
N VAL A 702 5.34 4.72 25.27
CA VAL A 702 6.06 4.70 26.50
C VAL A 702 6.27 6.12 26.84
N GLU A 703 6.05 6.50 28.07
CA GLU A 703 6.32 7.88 28.44
C GLU A 703 7.79 8.17 28.65
N LEU A 704 8.55 8.38 27.54
CA LEU A 704 9.99 8.50 27.63
C LEU A 704 10.45 9.67 28.47
N ASP A 705 9.74 10.83 28.40
CA ASP A 705 10.18 12.02 29.19
CA ASP A 705 10.11 12.03 29.18
C ASP A 705 9.95 11.84 30.68
N LYS A 706 9.07 10.93 31.06
CA LYS A 706 8.75 10.72 32.50
C LYS A 706 9.52 9.52 33.12
N ILE A 707 9.85 8.51 32.31
CA ILE A 707 10.61 7.36 32.85
C ILE A 707 12.10 7.53 33.00
N HIS A 708 12.75 8.41 32.24
CA HIS A 708 14.21 8.43 32.27
C HIS A 708 14.75 8.76 33.62
N GLN A 709 13.98 9.54 34.37
CA GLN A 709 14.38 9.85 35.71
C GLN A 709 14.60 8.58 36.67
N TYR A 710 13.88 7.53 36.43
CA TYR A 710 14.01 6.28 37.23
C TYR A 710 15.15 5.36 36.77
N LEU A 711 15.83 5.74 35.67
CA LEU A 711 16.70 4.80 34.88
C LEU A 711 18.13 5.29 34.90
N ASP A 712 19.06 4.36 35.01
CA ASP A 712 20.42 4.68 34.76
C ASP A 712 20.67 4.86 33.23
N TYR A 713 20.00 4.11 32.42
CA TYR A 713 20.09 4.24 30.95
C TYR A 713 19.04 3.40 30.35
N MET A 714 18.74 3.68 29.08
CA MET A 714 17.94 2.79 28.22
C MET A 714 18.83 2.20 27.13
N SER A 715 18.75 0.91 26.97
CA SER A 715 19.49 0.17 26.00
C SER A 715 18.57 0.14 24.77
N VAL A 716 18.82 1.05 23.86
CA VAL A 716 17.98 1.23 22.70
C VAL A 716 18.40 0.24 21.68
N MET A 717 17.45 -0.55 21.24
CA MET A 717 17.72 -1.57 20.26
C MET A 717 17.76 -0.97 18.84
N THR A 718 18.89 -0.32 18.55
CA THR A 718 19.19 0.28 17.21
C THR A 718 19.64 -0.76 16.17
N TYR A 719 18.71 -1.67 15.89
CA TYR A 719 18.84 -2.75 14.93
C TYR A 719 17.38 -3.37 14.76
N ASP A 720 17.26 -4.45 14.03
CA ASP A 720 16.01 -5.07 13.55
C ASP A 720 15.14 -4.09 12.84
N TYR A 721 15.72 -3.13 12.14
CA TYR A 721 14.93 -2.08 11.49
C TYR A 721 14.12 -2.65 10.35
N HIS A 722 14.68 -3.64 9.66
CA HIS A 722 14.08 -4.20 8.46
C HIS A 722 14.43 -5.67 8.48
N GLY A 723 13.61 -6.50 7.88
CA GLY A 723 13.94 -7.89 7.67
C GLY A 723 12.95 -8.63 6.81
N SER A 724 12.92 -9.95 6.96
CA SER A 724 12.21 -10.86 6.08
C SER A 724 10.70 -10.60 6.01
N TRP A 725 10.17 -9.92 7.01
CA TRP A 725 8.79 -9.48 7.05
C TRP A 725 8.41 -8.43 6.03
N GLU A 726 9.41 -7.84 5.33
CA GLU A 726 9.21 -6.84 4.30
C GLU A 726 9.73 -7.43 3.00
N SER A 727 9.28 -6.88 1.87
CA SER A 727 9.57 -7.46 0.55
C SER A 727 10.58 -6.63 -0.20
N LYS A 728 11.20 -5.68 0.48
CA LYS A 728 12.26 -4.85 -0.03
C LYS A 728 13.48 -4.79 0.94
N THR A 729 14.70 -4.81 0.42
CA THR A 729 15.95 -4.79 1.22
C THR A 729 16.27 -3.42 1.74
N ALA A 730 16.91 -3.36 2.91
CA ALA A 730 17.40 -2.11 3.50
C ALA A 730 18.36 -2.57 4.63
N HIS A 731 19.02 -1.60 5.26
CA HIS A 731 19.95 -1.88 6.35
C HIS A 731 19.20 -2.10 7.65
N GLN A 732 19.46 -3.23 8.30
CA GLN A 732 18.77 -3.56 9.54
C GLN A 732 19.31 -2.80 10.75
N ALA A 733 20.48 -2.18 10.62
CA ALA A 733 21.18 -1.68 11.78
C ALA A 733 22.09 -0.53 11.53
N SER A 734 21.85 0.24 10.46
CA SER A 734 22.78 1.29 10.07
C SER A 734 22.85 2.41 11.12
N VAL A 735 24.06 2.85 11.38
CA VAL A 735 24.28 3.91 12.31
C VAL A 735 23.79 5.26 11.73
N TYR A 736 23.94 5.49 10.41
CA TYR A 736 23.39 6.68 9.78
C TYR A 736 22.35 6.26 8.73
N THR A 737 21.41 7.18 8.45
CA THR A 737 20.39 6.92 7.43
C THR A 737 21.06 7.03 6.04
N SER A 738 20.95 6.02 5.19
CA SER A 738 21.53 6.04 3.86
C SER A 738 20.95 7.25 3.06
N ALA A 739 21.84 7.91 2.33
CA ALA A 739 21.46 8.91 1.37
C ALA A 739 20.36 8.46 0.39
N LEU A 740 20.36 7.17 0.04
CA LEU A 740 19.41 6.59 -0.93
C LEU A 740 18.19 6.03 -0.29
N SER A 741 17.97 6.27 1.01
CA SER A 741 16.67 5.91 1.60
C SER A 741 16.31 6.99 2.60
N PRO A 742 15.97 8.22 2.10
CA PRO A 742 15.67 9.38 3.00
C PRO A 742 14.63 9.05 4.05
N GLY A 743 14.83 9.48 5.29
CA GLY A 743 13.82 9.17 6.31
C GLY A 743 13.87 7.75 6.87
N ASP A 744 14.78 6.92 6.37
CA ASP A 744 14.88 5.54 6.87
C ASP A 744 15.49 5.47 8.28
N PHE A 745 15.28 4.33 8.92
CA PHE A 745 15.83 4.12 10.27
C PHE A 745 17.35 4.13 10.34
N SER A 746 17.85 4.71 11.41
CA SER A 746 19.26 4.63 11.73
C SER A 746 19.45 4.86 13.21
N ALA A 747 20.58 4.47 13.76
CA ALA A 747 20.82 4.86 15.18
C ALA A 747 20.68 6.36 15.39
N ASP A 748 21.24 7.11 14.49
CA ASP A 748 21.11 8.58 14.50
C ASP A 748 19.69 9.07 14.48
N SER A 749 18.86 8.49 13.61
CA SER A 749 17.46 8.90 13.47
C SER A 749 16.77 8.47 14.74
N VAL A 750 17.01 7.25 15.28
CA VAL A 750 16.25 6.80 16.47
C VAL A 750 16.66 7.56 17.72
N LEU A 751 17.95 7.64 17.91
CA LEU A 751 18.45 8.24 19.10
C LEU A 751 18.09 9.74 19.12
N THR A 752 17.93 10.35 17.93
CA THR A 752 17.55 11.76 17.81
C THR A 752 16.08 11.83 18.23
N ALA A 753 15.25 10.91 17.76
CA ALA A 753 13.86 10.88 18.17
C ALA A 753 13.70 10.76 19.71
N TYR A 754 14.56 9.94 20.32
CA TYR A 754 14.61 9.81 21.79
C TYR A 754 14.96 11.09 22.49
N ARG A 755 16.02 11.73 22.02
CA ARG A 755 16.35 13.02 22.55
C ARG A 755 15.27 14.11 22.37
N LYS A 756 14.45 14.03 21.32
CA LYS A 756 13.39 15.06 21.11
C LYS A 756 12.15 14.72 21.95
N GLN A 757 12.12 13.56 22.62
CA GLN A 757 11.12 13.28 23.62
C GLN A 757 11.62 13.79 24.92
N GLY A 758 12.88 14.21 24.98
CA GLY A 758 13.43 14.81 26.17
C GLY A 758 14.40 13.90 26.94
N VAL A 759 14.66 12.70 26.44
CA VAL A 759 15.65 11.80 27.16
C VAL A 759 16.96 12.42 27.08
N PRO A 760 17.71 12.53 28.19
CA PRO A 760 19.04 12.99 28.08
C PRO A 760 19.95 12.04 27.33
N ALA A 761 20.98 12.59 26.73
CA ALA A 761 21.83 11.79 25.96
C ALA A 761 22.51 10.76 26.85
N SER A 762 22.99 11.19 28.02
CA SER A 762 23.70 10.34 28.99
C SER A 762 22.83 9.19 29.57
N LYS A 763 21.57 9.10 29.22
CA LYS A 763 20.72 7.96 29.54
C LYS A 763 20.34 7.10 28.34
N LEU A 764 21.10 7.25 27.26
CA LEU A 764 20.90 6.47 26.07
C LEU A 764 22.15 5.65 25.81
N VAL A 765 21.88 4.43 25.40
CA VAL A 765 22.88 3.49 25.00
C VAL A 765 22.49 3.01 23.57
N ILE A 766 23.47 3.11 22.72
CA ILE A 766 23.38 2.68 21.35
C ILE A 766 23.67 1.22 21.24
N GLY A 767 22.89 0.50 20.39
CA GLY A 767 22.92 -0.92 20.30
C GLY A 767 23.57 -1.42 18.97
N GLY A 768 24.36 -2.45 19.12
CA GLY A 768 24.95 -3.25 18.02
C GLY A 768 24.33 -4.65 18.01
N ALA A 769 24.18 -5.22 16.84
CA ALA A 769 23.69 -6.58 16.69
C ALA A 769 24.81 -7.50 16.18
N PHE A 770 25.01 -8.63 16.84
CA PHE A 770 26.04 -9.60 16.39
C PHE A 770 25.44 -10.69 15.53
N TYR A 771 24.35 -10.35 14.88
CA TYR A 771 23.65 -11.19 13.95
C TYR A 771 23.11 -10.35 12.79
N ALA A 772 22.87 -11.03 11.66
CA ALA A 772 22.44 -10.44 10.43
C ALA A 772 20.96 -10.71 10.14
N ARG A 773 20.38 -9.92 9.26
CA ARG A 773 19.06 -10.23 8.68
C ARG A 773 19.36 -10.20 7.21
N GLY A 774 18.42 -10.66 6.39
CA GLY A 774 18.56 -10.61 4.94
C GLY A 774 17.28 -11.07 4.19
N TRP A 775 17.39 -11.18 2.89
CA TRP A 775 16.26 -11.48 1.99
C TRP A 775 16.86 -12.37 0.95
N VAL A 776 16.06 -13.35 0.51
CA VAL A 776 16.37 -14.16 -0.68
C VAL A 776 15.54 -13.63 -1.88
N ASN A 777 15.85 -14.14 -3.07
CA ASN A 777 15.17 -13.72 -4.33
C ASN A 777 15.28 -12.22 -4.54
N VAL A 778 16.49 -11.72 -4.38
CA VAL A 778 16.76 -10.30 -4.47
C VAL A 778 17.45 -10.09 -5.81
N PRO A 779 16.92 -9.21 -6.67
CA PRO A 779 17.54 -9.00 -8.00
C PRO A 779 18.90 -8.40 -7.91
N ASN A 780 19.71 -8.69 -8.93
CA ASN A 780 21.07 -8.25 -8.96
C ASN A 780 21.17 -6.84 -9.49
N ILE A 781 20.67 -5.89 -8.73
CA ILE A 781 20.70 -4.46 -9.10
C ILE A 781 21.20 -3.63 -7.90
N ASN A 782 22.28 -2.88 -8.11
CA ASN A 782 22.98 -2.16 -7.04
C ASN A 782 23.32 -3.12 -5.89
N HIS A 783 23.86 -4.29 -6.23
CA HIS A 783 24.22 -5.33 -5.28
C HIS A 783 23.13 -5.68 -4.26
N GLY A 784 21.85 -5.50 -4.65
CA GLY A 784 20.71 -5.98 -3.91
C GLY A 784 20.16 -4.98 -2.91
N LEU A 785 20.78 -3.80 -2.86
CA LEU A 785 20.51 -2.80 -1.81
C LEU A 785 19.30 -1.97 -2.22
N PHE A 786 18.26 -2.01 -1.42
CA PHE A 786 17.07 -1.20 -1.67
C PHE A 786 16.32 -1.68 -2.91
N GLN A 787 16.33 -3.00 -3.12
CA GLN A 787 15.58 -3.68 -4.16
C GLN A 787 14.35 -4.47 -3.65
N GLN A 788 13.40 -4.68 -4.56
CA GLN A 788 12.26 -5.56 -4.29
C GLN A 788 12.70 -6.99 -4.30
N ALA A 789 12.32 -7.71 -3.24
CA ALA A 789 12.56 -9.16 -3.13
C ALA A 789 11.30 -10.03 -3.25
N GLY A 790 11.57 -11.28 -3.66
CA GLY A 790 10.58 -12.32 -3.86
C GLY A 790 10.17 -13.10 -2.63
N ASP A 791 9.80 -14.37 -2.85
CA ASP A 791 9.34 -15.23 -1.75
C ASP A 791 10.49 -15.51 -0.72
N GLN A 792 10.20 -15.23 0.55
CA GLN A 792 11.17 -15.34 1.66
C GLN A 792 11.11 -16.64 2.47
N ALA A 793 10.48 -17.71 1.94
CA ALA A 793 10.54 -19.04 2.62
C ALA A 793 11.96 -19.60 2.75
N LYS A 794 12.87 -19.28 1.82
CA LYS A 794 14.28 -19.75 1.94
C LYS A 794 15.23 -18.73 2.66
N ASN A 795 14.64 -17.80 3.41
CA ASN A 795 15.32 -16.66 3.98
C ASN A 795 16.33 -17.20 4.99
N PRO A 796 17.48 -16.51 5.15
CA PRO A 796 18.43 -16.90 6.21
C PRO A 796 17.91 -16.91 7.68
N GLY A 797 16.92 -16.11 7.99
CA GLY A 797 16.50 -15.81 9.36
C GLY A 797 17.55 -14.87 9.99
N THR A 798 18.15 -15.29 11.11
CA THR A 798 19.10 -14.45 11.80
C THR A 798 20.49 -15.16 11.96
N PRO A 799 21.20 -15.41 10.88
CA PRO A 799 22.53 -16.02 11.00
C PRO A 799 23.40 -15.05 11.87
N THR A 800 24.10 -15.63 12.82
CA THR A 800 25.01 -14.96 13.72
C THR A 800 26.30 -14.56 12.99
N TYR A 801 27.04 -13.61 13.56
CA TYR A 801 28.32 -13.32 12.96
C TYR A 801 29.13 -14.66 12.80
N ASN A 802 29.03 -15.57 13.75
CA ASN A 802 29.70 -16.90 13.71
C ASN A 802 29.34 -17.65 12.41
N ASP A 803 28.05 -17.68 12.08
CA ASP A 803 27.53 -18.27 10.84
C ASP A 803 28.06 -17.51 9.61
N LEU A 804 28.23 -16.17 9.67
CA LEU A 804 28.75 -15.43 8.55
C LEU A 804 30.18 -15.86 8.28
N VAL A 805 30.94 -16.06 9.35
CA VAL A 805 32.37 -16.44 9.24
C VAL A 805 32.48 -17.83 8.62
N LYS A 806 31.69 -18.79 9.10
CA LYS A 806 31.63 -20.18 8.56
C LYS A 806 31.03 -20.33 7.13
N ASP A 807 29.90 -19.67 6.85
CA ASP A 807 29.02 -20.03 5.73
C ASP A 807 28.86 -18.93 4.69
N TYR A 808 29.29 -17.69 4.94
CA TYR A 808 29.00 -16.62 4.02
C TYR A 808 30.22 -15.96 3.55
N PHE A 809 31.05 -15.45 4.45
CA PHE A 809 32.15 -14.59 3.98
C PHE A 809 33.04 -15.13 2.87
N ASP A 810 33.44 -16.37 2.82
CA ASP A 810 34.27 -16.58 1.59
C ASP A 810 33.58 -17.36 0.50
N LYS A 811 32.26 -17.55 0.67
CA LYS A 811 31.50 -18.47 -0.11
C LYS A 811 30.57 -17.79 -1.10
N GLY A 812 31.14 -16.92 -1.94
CA GLY A 812 30.40 -16.31 -3.05
C GLY A 812 29.57 -15.08 -2.73
N TYR A 813 29.64 -14.65 -1.48
CA TYR A 813 29.10 -13.36 -1.08
C TYR A 813 30.24 -12.36 -1.17
N THR A 814 29.98 -11.20 -1.68
CA THR A 814 30.96 -10.16 -1.57
C THR A 814 30.42 -9.05 -0.63
N ARG A 815 31.33 -8.47 0.13
CA ARG A 815 31.04 -7.41 1.11
C ARG A 815 31.12 -6.10 0.44
N TYR A 816 30.05 -5.32 0.57
CA TYR A 816 30.04 -3.93 0.14
C TYR A 816 29.80 -3.03 1.35
N TRP A 817 29.93 -1.73 1.12
CA TRP A 817 29.85 -0.74 2.16
C TRP A 817 29.04 0.45 1.71
N ASP A 818 27.99 0.80 2.48
CA ASP A 818 27.23 1.99 2.17
C ASP A 818 27.84 3.06 3.03
N ASN A 819 28.58 3.95 2.38
CA ASN A 819 29.38 4.89 3.11
C ASN A 819 28.52 6.01 3.66
N SER A 820 27.34 6.24 3.11
CA SER A 820 26.47 7.26 3.78
C SER A 820 25.81 6.66 5.04
N ALA A 821 25.54 5.37 5.03
CA ALA A 821 24.90 4.74 6.17
C ALA A 821 25.95 4.25 7.20
N LYS A 822 27.19 4.11 6.76
CA LYS A 822 28.31 3.42 7.45
C LYS A 822 27.90 2.01 7.89
N ALA A 823 27.45 1.27 6.90
CA ALA A 823 26.85 -0.05 7.11
C ALA A 823 27.34 -1.04 6.07
N PRO A 824 27.78 -2.23 6.47
CA PRO A 824 28.22 -3.18 5.52
C PRO A 824 27.05 -4.01 5.01
N TYR A 825 27.21 -4.61 3.85
CA TYR A 825 26.24 -5.61 3.40
C TYR A 825 26.87 -6.57 2.50
N LEU A 826 26.25 -7.74 2.44
CA LEU A 826 26.72 -8.79 1.54
C LEU A 826 25.72 -9.03 0.44
N TYR A 827 26.23 -9.52 -0.68
CA TYR A 827 25.36 -9.90 -1.80
C TYR A 827 25.96 -11.07 -2.55
N ASN A 828 25.14 -12.11 -2.78
CA ASN A 828 25.59 -13.25 -3.60
C ASN A 828 24.50 -13.40 -4.66
N PRO A 829 24.82 -13.02 -5.89
CA PRO A 829 23.86 -13.31 -7.00
C PRO A 829 23.36 -14.79 -7.07
N ASP A 830 24.17 -15.74 -6.67
CA ASP A 830 23.90 -17.16 -6.93
C ASP A 830 23.23 -17.98 -5.81
N ALA A 831 22.97 -17.35 -4.66
CA ALA A 831 22.37 -18.08 -3.53
C ALA A 831 20.89 -17.77 -3.51
N ASN A 832 20.06 -18.82 -3.64
CA ASN A 832 18.60 -18.71 -3.57
C ASN A 832 18.01 -17.54 -4.31
N GLY A 833 18.43 -17.36 -5.54
CA GLY A 833 17.88 -16.33 -6.40
C GLY A 833 18.41 -14.96 -6.11
N GLY A 834 19.57 -14.88 -5.46
CA GLY A 834 20.11 -13.59 -4.98
C GLY A 834 19.77 -13.35 -3.50
N THR A 835 20.80 -13.20 -2.66
CA THR A 835 20.65 -13.03 -1.23
CA THR A 835 20.65 -13.07 -1.21
C THR A 835 21.43 -11.82 -0.81
N PHE A 836 20.75 -10.92 -0.11
CA PHE A 836 21.32 -9.72 0.43
C PHE A 836 21.35 -9.96 1.93
N ILE A 837 22.49 -9.64 2.58
CA ILE A 837 22.64 -9.78 4.03
C ILE A 837 22.99 -8.43 4.62
N THR A 838 22.31 -8.08 5.69
CA THR A 838 22.53 -6.80 6.34
C THR A 838 22.96 -7.08 7.75
N TYR A 839 24.04 -6.43 8.20
CA TYR A 839 24.64 -6.76 9.51
C TYR A 839 25.52 -5.62 10.10
N ASP A 840 26.00 -5.84 11.31
CA ASP A 840 27.08 -5.01 11.89
C ASP A 840 28.43 -5.77 11.82
N ASP A 841 29.51 -5.08 11.53
CA ASP A 841 30.83 -5.73 11.55
C ASP A 841 31.80 -4.84 12.32
N GLU A 842 33.07 -5.13 12.24
CA GLU A 842 34.04 -4.32 12.98
C GLU A 842 33.98 -2.86 12.67
N GLU A 843 33.79 -2.55 11.40
CA GLU A 843 33.72 -1.18 10.97
C GLU A 843 32.41 -0.47 11.42
N SER A 844 31.22 -1.06 11.25
CA SER A 844 30.05 -0.36 11.65
C SER A 844 30.04 -0.18 13.14
N LEU A 845 30.54 -1.15 13.89
CA LEU A 845 30.57 -1.08 15.34
C LEU A 845 31.49 0.03 15.83
N LYS A 846 32.59 0.24 15.13
CA LYS A 846 33.43 1.35 15.38
C LYS A 846 32.68 2.65 15.24
N TYR A 847 31.89 2.78 14.19
CA TYR A 847 31.18 4.02 13.98
C TYR A 847 30.06 4.20 15.01
N LYS A 848 29.45 3.11 15.50
CA LYS A 848 28.48 3.21 16.55
C LYS A 848 29.14 3.67 17.83
N ALA A 849 30.28 3.09 18.13
CA ALA A 849 31.03 3.52 19.29
C ALA A 849 31.50 5.01 19.17
N GLU A 850 32.00 5.39 18.00
CA GLU A 850 32.29 6.80 17.73
C GLU A 850 31.02 7.76 17.86
N TYR A 851 29.87 7.43 17.32
CA TYR A 851 28.64 8.17 17.53
C TYR A 851 28.36 8.36 19.07
N ALA A 852 28.58 7.28 19.84
CA ALA A 852 28.28 7.30 21.30
C ALA A 852 29.09 8.38 21.96
N LYS A 853 30.37 8.39 21.67
CA LYS A 853 31.33 9.38 22.15
C LYS A 853 31.08 10.80 21.71
N ASN A 854 30.85 11.04 20.42
CA ASN A 854 30.52 12.37 19.91
C ASN A 854 29.17 12.90 20.27
N GLN A 855 28.23 12.00 20.60
CA GLN A 855 26.90 12.43 20.94
C GLN A 855 26.63 12.57 22.45
N GLY A 856 27.59 12.21 23.28
CA GLY A 856 27.39 12.21 24.72
C GLY A 856 26.51 11.13 25.31
N LEU A 857 26.45 10.00 24.65
CA LEU A 857 25.61 8.89 25.06
C LEU A 857 26.26 8.15 26.24
N ARG A 858 25.47 7.34 26.96
CA ARG A 858 26.00 6.64 28.13
C ARG A 858 27.01 5.62 27.70
N GLY A 859 26.79 4.95 26.57
CA GLY A 859 27.77 3.99 26.05
C GLY A 859 27.16 3.11 24.94
N VAL A 860 27.64 1.88 24.82
CA VAL A 860 27.27 0.97 23.75
C VAL A 860 26.83 -0.37 24.36
N MET A 861 25.91 -1.00 23.68
CA MET A 861 25.38 -2.30 24.08
C MET A 861 25.38 -3.19 22.91
N PHE A 862 25.40 -4.49 23.14
CA PHE A 862 25.19 -5.43 22.09
C PHE A 862 24.49 -6.69 22.43
N TRP A 863 23.82 -7.22 21.42
CA TRP A 863 23.09 -8.48 21.50
C TRP A 863 23.70 -9.37 20.41
N ASP A 864 24.27 -10.55 20.72
CA ASP A 864 24.65 -10.99 22.04
C ASP A 864 25.98 -11.70 22.09
N TYR A 865 26.46 -11.96 23.29
CA TYR A 865 27.86 -12.32 23.50
C TYR A 865 28.16 -13.62 22.79
N SER A 866 27.19 -14.53 22.69
CA SER A 866 27.44 -15.86 22.09
C SER A 866 27.60 -15.86 20.55
N GLN A 867 27.21 -14.78 19.91
CA GLN A 867 27.13 -14.70 18.47
C GLN A 867 28.42 -14.38 17.72
N ASP A 868 29.48 -14.00 18.45
CA ASP A 868 30.83 -13.80 17.92
C ASP A 868 31.85 -14.40 18.85
N ILE A 869 32.15 -15.67 18.67
CA ILE A 869 33.23 -16.35 19.42
C ILE A 869 34.68 -15.89 19.19
N SER A 870 34.89 -15.09 18.14
CA SER A 870 36.22 -14.60 17.78
C SER A 870 36.68 -13.47 18.70
N GLY A 871 35.74 -12.75 19.31
CA GLY A 871 36.10 -11.59 20.06
C GLY A 871 36.32 -10.36 19.23
N LYS A 872 36.21 -10.44 17.92
CA LYS A 872 36.52 -9.31 17.12
C LYS A 872 35.50 -8.17 17.29
N LEU A 873 34.23 -8.51 17.40
CA LEU A 873 33.19 -7.49 17.33
C LEU A 873 33.26 -6.69 18.61
N LEU A 874 33.37 -7.37 19.76
CA LEU A 874 33.57 -6.74 21.08
C LEU A 874 34.84 -5.92 21.07
N GLY A 875 35.86 -6.46 20.43
CA GLY A 875 37.15 -5.80 20.43
C GLY A 875 37.04 -4.53 19.63
N ALA A 876 36.31 -4.58 18.51
CA ALA A 876 36.08 -3.36 17.75
C ALA A 876 35.38 -2.23 18.53
N ILE A 877 34.34 -2.60 19.28
CA ILE A 877 33.65 -1.62 20.09
C ILE A 877 34.67 -1.05 21.15
N PHE A 878 35.30 -1.95 21.88
CA PHE A 878 36.16 -1.66 23.01
C PHE A 878 37.29 -0.77 22.59
N ASN A 879 37.94 -1.13 21.50
CA ASN A 879 39.04 -0.34 20.96
C ASN A 879 38.68 1.06 20.64
N GLU A 880 37.49 1.27 20.11
CA GLU A 880 37.10 2.62 19.80
C GLU A 880 36.63 3.38 21.02
N LEU A 881 35.89 2.67 21.88
CA LEU A 881 35.09 3.31 22.91
C LEU A 881 35.95 3.70 24.11
N LYS A 882 36.81 2.78 24.54
CA LYS A 882 37.74 2.96 25.66
C LYS A 882 39.16 2.94 25.01
N ALA A 883 39.45 3.95 24.22
CA ALA A 883 40.81 4.24 23.71
C ALA A 883 40.72 5.16 22.49
N GLN B 25 -8.41 -18.38 16.41
CA GLN B 25 -9.33 -18.14 15.25
C GLN B 25 -9.44 -19.43 14.41
N GLY B 26 -10.68 -19.79 13.98
CA GLY B 26 -10.96 -21.09 13.25
C GLY B 26 -10.09 -21.28 11.99
N LYS B 27 -9.66 -22.50 11.65
CA LYS B 27 -8.87 -22.64 10.44
C LYS B 27 -9.85 -23.14 9.34
N ILE B 28 -9.45 -23.01 8.08
CA ILE B 28 -10.11 -23.65 6.93
C ILE B 28 -9.00 -24.22 6.10
N VAL B 29 -8.96 -25.53 6.03
CA VAL B 29 -8.02 -26.26 5.22
C VAL B 29 -8.71 -26.66 3.95
N SER B 30 -8.14 -26.23 2.83
CA SER B 30 -8.64 -26.53 1.50
C SER B 30 -7.70 -27.43 0.83
N TYR B 31 -8.12 -28.66 0.50
CA TYR B 31 -7.27 -29.50 -0.31
C TYR B 31 -7.41 -29.07 -1.77
N ILE B 32 -6.29 -29.10 -2.51
CA ILE B 32 -6.15 -28.61 -3.85
C ILE B 32 -5.47 -29.68 -4.66
N PRO B 33 -6.15 -30.18 -5.72
CA PRO B 33 -5.59 -31.32 -6.45
C PRO B 33 -4.36 -30.90 -7.30
N ALA B 34 -3.34 -31.72 -7.26
CA ALA B 34 -2.14 -31.58 -8.13
C ALA B 34 -2.47 -31.78 -9.62
N TRP B 35 -3.55 -32.50 -9.88
CA TRP B 35 -3.98 -32.85 -11.22
C TRP B 35 -4.75 -31.81 -11.99
N VAL B 36 -4.80 -30.59 -11.51
CA VAL B 36 -5.35 -29.51 -12.25
C VAL B 36 -4.19 -28.61 -12.53
N ASP B 37 -4.20 -28.06 -13.72
CA ASP B 37 -3.20 -27.10 -14.12
C ASP B 37 -3.61 -25.73 -13.71
N TRP B 38 -3.10 -25.26 -12.57
CA TRP B 38 -3.66 -24.08 -11.91
C TRP B 38 -3.35 -22.76 -12.57
N ALA B 39 -2.16 -22.63 -13.17
CA ALA B 39 -1.85 -21.37 -13.85
C ALA B 39 -2.69 -21.18 -15.14
N LYS B 40 -3.06 -22.30 -15.78
CA LYS B 40 -4.08 -22.32 -16.87
C LYS B 40 -5.56 -22.24 -16.44
N ASP B 41 -5.88 -22.59 -15.20
CA ASP B 41 -7.27 -22.74 -14.80
C ASP B 41 -7.94 -21.40 -14.97
N GLU B 42 -9.19 -21.46 -15.40
CA GLU B 42 -9.87 -20.28 -15.86
C GLU B 42 -10.41 -19.51 -14.70
N ARG B 43 -11.05 -20.20 -13.75
CA ARG B 43 -11.55 -19.63 -12.48
C ARG B 43 -10.43 -19.35 -11.41
N GLY B 44 -9.23 -19.98 -11.51
CA GLY B 44 -8.22 -19.97 -10.42
C GLY B 44 -8.78 -20.22 -9.00
N VAL B 45 -8.03 -19.76 -8.02
CA VAL B 45 -8.27 -20.04 -6.62
C VAL B 45 -8.43 -18.75 -5.84
N ASP B 46 -9.50 -18.64 -5.05
CA ASP B 46 -9.64 -17.51 -4.17
C ASP B 46 -9.16 -17.82 -2.74
N ALA B 47 -7.85 -17.62 -2.46
CA ALA B 47 -7.27 -17.92 -1.15
C ALA B 47 -7.64 -16.99 -0.02
N THR B 48 -8.39 -15.95 -0.26
CA THR B 48 -8.95 -15.21 0.85
C THR B 48 -10.05 -15.91 1.63
N LYS B 49 -10.51 -17.08 1.17
CA LYS B 49 -11.63 -17.78 1.85
C LYS B 49 -11.19 -18.95 2.68
N PHE B 50 -9.91 -19.20 2.68
CA PHE B 50 -9.36 -20.18 3.59
C PHE B 50 -8.05 -19.77 4.22
N THR B 51 -7.61 -20.54 5.21
CA THR B 51 -6.33 -20.26 5.88
C THR B 51 -5.18 -21.12 5.46
N HIS B 52 -5.49 -22.35 5.02
CA HIS B 52 -4.48 -23.26 4.68
C HIS B 52 -4.82 -23.94 3.37
N LEU B 53 -3.82 -24.17 2.55
CA LEU B 53 -3.99 -24.82 1.30
C LEU B 53 -3.12 -26.05 1.32
N TYR B 54 -3.69 -27.24 1.20
CA TYR B 54 -2.92 -28.50 1.13
C TYR B 54 -2.85 -28.89 -0.32
N TYR B 55 -1.64 -28.98 -0.82
CA TYR B 55 -1.32 -29.58 -2.13
C TYR B 55 -1.46 -31.10 -2.12
N ALA B 56 -2.49 -31.66 -2.78
CA ALA B 56 -2.74 -33.12 -2.77
C ALA B 56 -2.37 -33.64 -4.15
N PHE B 57 -1.25 -34.32 -4.32
CA PHE B 57 -0.46 -34.95 -3.27
C PHE B 57 1.05 -35.04 -3.65
N GLY B 58 1.88 -35.02 -2.62
CA GLY B 58 3.21 -35.60 -2.70
C GLY B 58 3.02 -37.08 -2.59
N ARG B 59 3.96 -37.81 -3.18
CA ARG B 59 3.98 -39.24 -3.14
C ARG B 59 5.36 -39.79 -2.74
N ILE B 60 5.40 -41.10 -2.51
CA ILE B 60 6.61 -41.80 -2.07
C ILE B 60 7.18 -42.70 -3.22
N ASN B 61 8.37 -42.37 -3.74
CA ASN B 61 9.14 -43.31 -4.59
C ASN B 61 10.53 -43.62 -4.00
N ASN B 62 10.80 -44.93 -3.84
CA ASN B 62 12.00 -45.47 -3.20
C ASN B 62 12.23 -44.80 -1.87
N GLY B 63 11.21 -44.83 -1.02
CA GLY B 63 11.24 -44.22 0.33
C GLY B 63 11.49 -42.72 0.43
N LYS B 64 11.46 -41.99 -0.69
CA LYS B 64 11.57 -40.53 -0.71
C LYS B 64 10.29 -39.84 -1.21
N VAL B 65 10.13 -38.60 -0.82
CA VAL B 65 8.97 -37.80 -1.21
C VAL B 65 9.28 -37.24 -2.56
N VAL B 66 8.40 -37.54 -3.51
CA VAL B 66 8.45 -36.99 -4.87
C VAL B 66 7.12 -36.37 -5.27
N THR B 67 7.23 -35.53 -6.29
CA THR B 67 6.11 -34.91 -6.97
C THR B 67 5.27 -36.01 -7.65
N ILE B 68 3.96 -35.79 -7.76
CA ILE B 68 3.03 -36.88 -8.13
C ILE B 68 3.26 -37.48 -9.54
N LYS B 69 3.79 -36.71 -10.49
CA LYS B 69 4.13 -37.28 -11.84
C LYS B 69 5.17 -38.42 -11.84
N GLU B 70 5.98 -38.47 -10.78
CA GLU B 70 6.98 -39.54 -10.57
C GLU B 70 6.49 -40.74 -9.78
N ASP B 71 5.19 -40.96 -9.71
CA ASP B 71 4.59 -42.10 -8.96
C ASP B 71 3.89 -42.94 -10.00
N ALA B 72 4.59 -44.00 -10.46
CA ALA B 72 4.15 -44.83 -11.59
C ALA B 72 2.75 -45.35 -11.42
N LYS B 73 2.41 -45.81 -10.20
CA LYS B 73 1.05 -46.30 -9.91
C LYS B 73 -0.08 -45.31 -10.29
N TRP B 74 0.20 -44.01 -10.21
CA TRP B 74 -0.73 -42.98 -10.66
C TRP B 74 -0.57 -42.76 -12.15
N THR B 75 0.66 -42.42 -12.55
CA THR B 75 0.91 -41.96 -13.90
C THR B 75 0.63 -43.01 -14.96
N GLU B 76 0.70 -44.30 -14.58
CA GLU B 76 0.28 -45.43 -15.42
C GLU B 76 -0.87 -46.12 -14.70
N ASP B 77 -2.08 -45.70 -15.02
CA ASP B 77 -3.30 -46.28 -14.48
C ASP B 77 -4.02 -47.03 -15.62
N PRO B 78 -4.38 -48.32 -15.41
CA PRO B 78 -5.17 -49.01 -16.44
C PRO B 78 -6.38 -48.21 -16.93
N THR B 79 -7.38 -47.99 -16.08
CA THR B 79 -8.68 -47.42 -16.48
C THR B 79 -8.57 -45.95 -16.88
N ILE B 80 -8.14 -45.69 -18.11
CA ILE B 80 -7.68 -44.37 -18.60
C ILE B 80 -6.85 -44.61 -19.88
N THR B 81 -5.88 -45.53 -19.76
CA THR B 81 -4.85 -45.86 -20.78
C THR B 81 -4.16 -44.57 -21.30
N GLU B 82 -3.57 -44.59 -22.50
CA GLU B 82 -2.81 -43.44 -22.98
C GLU B 82 -3.62 -42.14 -23.09
N ALA B 83 -4.96 -42.23 -23.05
CA ALA B 83 -5.84 -41.06 -23.19
C ALA B 83 -5.39 -39.93 -22.27
N ASP B 84 -5.38 -40.23 -20.98
CA ASP B 84 -5.03 -39.26 -19.93
C ASP B 84 -3.58 -39.41 -19.41
N ARG B 85 -3.04 -40.64 -19.42
CA ARG B 85 -1.68 -40.93 -18.92
C ARG B 85 -0.57 -40.02 -19.49
N ILE B 86 -0.70 -39.69 -20.77
CA ILE B 86 0.09 -38.60 -21.39
C ILE B 86 0.25 -37.35 -20.48
N LYS B 87 -0.89 -36.93 -19.94
CA LYS B 87 -1.06 -35.64 -19.29
C LYS B 87 -0.50 -35.71 -17.88
N ARG B 88 -0.62 -36.91 -17.27
CA ARG B 88 -0.09 -37.22 -15.93
C ARG B 88 1.42 -37.22 -15.89
N ARG B 89 2.03 -38.00 -16.80
CA ARG B 89 3.48 -37.94 -17.11
C ARG B 89 4.01 -36.56 -16.99
N ASN B 90 3.25 -35.63 -17.53
CA ASN B 90 3.66 -34.25 -17.63
C ASN B 90 3.14 -33.31 -16.51
N ASN B 91 2.55 -33.86 -15.44
CA ASN B 91 1.78 -33.05 -14.47
C ASN B 91 2.58 -31.85 -14.01
N PRO B 92 2.05 -30.62 -14.21
CA PRO B 92 2.80 -29.42 -13.96
C PRO B 92 2.85 -29.03 -12.45
N ASP B 93 3.53 -29.85 -11.67
CA ASP B 93 3.55 -29.66 -10.22
C ASP B 93 4.33 -28.45 -9.78
N GLU B 94 5.47 -28.18 -10.44
CA GLU B 94 6.27 -27.01 -10.03
C GLU B 94 5.50 -25.71 -10.35
N SER B 95 4.98 -25.67 -11.59
CA SER B 95 4.04 -24.60 -11.99
C SER B 95 2.89 -24.37 -10.97
N ASN B 96 2.24 -25.45 -10.58
CA ASN B 96 1.17 -25.41 -9.61
C ASN B 96 1.60 -24.83 -8.28
N LEU B 97 2.71 -25.31 -7.74
CA LEU B 97 3.12 -24.87 -6.40
C LEU B 97 3.56 -23.45 -6.46
N ALA B 98 4.23 -23.09 -7.54
CA ALA B 98 4.52 -21.68 -7.79
C ALA B 98 3.28 -20.79 -7.77
N TYR B 99 2.25 -21.19 -8.50
CA TYR B 99 1.00 -20.43 -8.56
C TYR B 99 0.33 -20.36 -7.17
N LEU B 100 0.25 -21.50 -6.51
CA LEU B 100 -0.49 -21.60 -5.28
C LEU B 100 0.27 -20.85 -4.16
N THR B 101 1.58 -20.93 -4.09
CA THR B 101 2.26 -20.09 -3.04
C THR B 101 2.23 -18.62 -3.41
N GLY B 102 2.24 -18.31 -4.72
CA GLY B 102 1.94 -16.95 -5.16
C GLY B 102 0.60 -16.40 -4.73
N LEU B 103 -0.36 -17.25 -4.32
CA LEU B 103 -1.60 -16.71 -3.77
C LEU B 103 -1.36 -15.95 -2.45
N LYS B 104 -0.17 -16.07 -1.87
CA LYS B 104 0.15 -15.25 -0.67
C LYS B 104 0.03 -13.75 -0.93
N ALA B 105 0.29 -13.34 -2.18
CA ALA B 105 -0.05 -11.97 -2.66
C ALA B 105 -1.49 -11.55 -2.28
N LYS B 106 -2.46 -12.47 -2.41
CA LYS B 106 -3.85 -12.15 -2.16
C LYS B 106 -4.27 -12.40 -0.72
N ASN B 107 -3.71 -13.41 -0.06
CA ASN B 107 -3.95 -13.63 1.39
C ASN B 107 -2.56 -13.81 2.01
N PRO B 108 -1.99 -12.73 2.56
CA PRO B 108 -0.64 -12.79 3.14
C PRO B 108 -0.48 -13.80 4.29
N ASN B 109 -1.57 -14.13 5.02
CA ASN B 109 -1.52 -15.11 6.09
C ASN B 109 -1.64 -16.60 5.63
N LEU B 110 -1.76 -16.85 4.34
CA LEU B 110 -2.07 -18.18 3.84
C LEU B 110 -0.89 -19.04 4.12
N LYS B 111 -1.12 -20.31 4.50
CA LYS B 111 -0.11 -21.32 4.67
C LYS B 111 -0.38 -22.32 3.63
N VAL B 112 0.66 -22.78 2.96
CA VAL B 112 0.55 -23.81 1.95
C VAL B 112 1.37 -24.94 2.45
N LEU B 113 0.76 -26.12 2.62
CA LEU B 113 1.45 -27.32 2.96
C LEU B 113 1.38 -28.32 1.84
N VAL B 114 2.31 -29.29 1.89
CA VAL B 114 2.27 -30.44 1.03
C VAL B 114 1.60 -31.59 1.76
N SER B 115 0.62 -32.19 1.13
CA SER B 115 0.00 -33.38 1.65
C SER B 115 0.69 -34.58 1.02
N ILE B 116 1.31 -35.41 1.84
CA ILE B 116 1.92 -36.63 1.35
C ILE B 116 1.01 -37.86 1.48
N GLY B 117 0.71 -38.46 0.32
CA GLY B 117 -0.01 -39.75 0.28
C GLY B 117 -1.39 -39.71 -0.32
N GLY B 118 -2.41 -40.05 0.46
CA GLY B 118 -3.80 -39.98 0.04
C GLY B 118 -4.34 -41.39 -0.21
N TRP B 119 -5.55 -41.48 -0.81
CA TRP B 119 -6.14 -42.77 -1.12
C TRP B 119 -5.25 -43.57 -2.10
N GLU B 120 -4.93 -44.79 -1.66
CA GLU B 120 -4.18 -45.81 -2.39
C GLU B 120 -2.76 -45.38 -2.78
N ALA B 121 -2.19 -44.48 -1.98
CA ALA B 121 -0.82 -44.10 -2.16
C ALA B 121 0.00 -45.10 -1.37
N GLU B 122 1.01 -45.68 -2.03
CA GLU B 122 1.88 -46.74 -1.47
C GLU B 122 3.06 -46.12 -0.77
N GLY B 123 3.68 -46.93 0.11
CA GLY B 123 5.05 -46.68 0.51
C GLY B 123 5.25 -46.23 1.93
N PHE B 124 4.18 -45.79 2.61
CA PHE B 124 4.32 -45.49 4.06
C PHE B 124 4.77 -46.68 4.91
N SER B 125 4.26 -47.88 4.69
CA SER B 125 4.60 -48.94 5.65
C SER B 125 6.10 -49.20 5.69
N ASP B 126 6.69 -49.23 4.49
CA ASP B 126 8.11 -49.41 4.28
C ASP B 126 8.97 -48.25 4.74
N ALA B 127 8.47 -47.02 4.61
CA ALA B 127 9.24 -45.85 4.99
C ALA B 127 9.30 -45.65 6.49
N ALA B 128 8.19 -45.90 7.18
CA ALA B 128 8.17 -45.85 8.63
C ALA B 128 8.81 -47.07 9.30
N LEU B 129 9.32 -48.01 8.52
CA LEU B 129 9.72 -49.34 9.03
C LEU B 129 10.88 -49.31 10.05
N THR B 130 11.95 -48.58 9.74
CA THR B 130 13.20 -48.58 10.53
C THR B 130 13.67 -47.15 10.82
N PRO B 131 14.63 -46.98 11.73
CA PRO B 131 15.16 -45.62 11.90
C PRO B 131 15.90 -45.05 10.67
N GLU B 132 16.41 -45.89 9.76
CA GLU B 132 17.11 -45.35 8.56
C GLU B 132 16.12 -45.01 7.45
N SER B 133 15.08 -45.83 7.31
CA SER B 133 14.03 -45.52 6.33
C SER B 133 13.33 -44.19 6.73
N ARG B 134 12.90 -44.12 7.99
CA ARG B 134 12.34 -42.88 8.56
C ARG B 134 13.24 -41.66 8.28
N GLU B 135 14.56 -41.85 8.39
CA GLU B 135 15.50 -40.77 8.16
C GLU B 135 15.46 -40.24 6.72
N VAL B 136 15.59 -41.16 5.77
CA VAL B 136 15.61 -40.75 4.36
C VAL B 136 14.26 -40.09 3.99
N PHE B 137 13.16 -40.69 4.45
CA PHE B 137 11.82 -40.10 4.21
C PHE B 137 11.72 -38.73 4.82
N ALA B 138 12.02 -38.68 6.10
CA ALA B 138 11.77 -37.44 6.80
C ALA B 138 12.67 -36.33 6.27
N ASN B 139 13.92 -36.66 5.89
CA ASN B 139 14.78 -35.69 5.21
C ASN B 139 14.27 -35.30 3.84
N SER B 140 13.74 -36.24 3.09
CA SER B 140 13.26 -35.90 1.76
C SER B 140 11.96 -35.03 1.85
N ALA B 141 11.07 -35.40 2.77
CA ALA B 141 9.90 -34.59 3.14
C ALA B 141 10.24 -33.13 3.39
N LEU B 142 11.24 -32.89 4.24
CA LEU B 142 11.72 -31.52 4.46
C LEU B 142 12.29 -30.93 3.17
N ASP B 143 13.03 -31.71 2.40
CA ASP B 143 13.55 -31.18 1.14
C ASP B 143 12.44 -30.71 0.22
N PHE B 144 11.37 -31.52 0.10
CA PHE B 144 10.19 -31.13 -0.71
C PHE B 144 9.65 -29.82 -0.14
N MET B 145 9.29 -29.80 1.13
CA MET B 145 8.77 -28.58 1.81
C MET B 145 9.59 -27.31 1.49
N ASN B 146 10.91 -27.39 1.69
CA ASN B 146 11.77 -26.23 1.46
C ASN B 146 11.94 -25.85 0.02
N LYS B 147 12.10 -26.83 -0.87
CA LYS B 147 12.25 -26.55 -2.32
C LYS B 147 11.10 -25.68 -2.89
N TYR B 148 9.86 -26.06 -2.58
CA TYR B 148 8.68 -25.34 -3.13
C TYR B 148 8.15 -24.24 -2.21
N ASN B 149 8.97 -23.81 -1.23
CA ASN B 149 8.65 -22.72 -0.32
C ASN B 149 7.38 -22.95 0.52
N LEU B 150 7.25 -24.11 1.11
CA LEU B 150 6.04 -24.50 1.83
C LEU B 150 6.10 -24.29 3.35
N ASP B 151 4.93 -24.27 3.95
CA ASP B 151 4.75 -23.91 5.33
C ASP B 151 4.64 -25.11 6.24
N GLY B 152 4.70 -26.31 5.66
CA GLY B 152 4.41 -27.47 6.49
C GLY B 152 4.17 -28.73 5.71
N ILE B 153 3.88 -29.80 6.43
CA ILE B 153 3.68 -31.16 5.91
C ILE B 153 2.49 -31.80 6.54
N ASP B 154 1.68 -32.43 5.69
CA ASP B 154 0.53 -33.21 6.09
C ASP B 154 0.79 -34.61 5.55
N LEU B 155 0.52 -35.58 6.39
CA LEU B 155 0.69 -36.98 6.06
C LEU B 155 -0.74 -37.61 5.95
N ASP B 156 -0.99 -38.19 4.80
CA ASP B 156 -2.23 -38.75 4.43
C ASP B 156 -1.96 -40.24 4.24
N TRP B 157 -1.80 -40.96 5.33
CA TRP B 157 -1.49 -42.37 5.28
C TRP B 157 -2.80 -43.08 5.47
N GLU B 158 -3.25 -43.74 4.39
CA GLU B 158 -4.61 -44.37 4.41
C GLU B 158 -4.48 -45.90 4.14
N TYR B 159 -4.31 -46.70 5.19
CA TYR B 159 -4.21 -46.29 6.60
C TYR B 159 -3.20 -47.23 7.27
N PRO B 160 -2.57 -46.82 8.40
CA PRO B 160 -1.68 -47.75 9.16
C PRO B 160 -2.35 -49.02 9.65
N VAL B 161 -1.58 -50.11 9.69
CA VAL B 161 -1.94 -51.47 10.27
C VAL B 161 -2.91 -52.26 9.41
N TYR B 162 -4.12 -51.75 9.20
CA TYR B 162 -5.13 -52.44 8.39
C TYR B 162 -5.07 -52.18 6.86
N GLY B 163 -4.23 -51.23 6.41
CA GLY B 163 -4.04 -50.93 4.98
C GLY B 163 -5.28 -50.52 4.19
N ALA B 164 -6.29 -50.01 4.88
CA ALA B 164 -7.63 -49.73 4.34
C ALA B 164 -8.27 -51.02 3.85
N TRP B 165 -8.03 -52.05 4.63
CA TRP B 165 -8.55 -53.39 4.43
C TRP B 165 -8.04 -53.98 3.19
N GLY B 166 -6.73 -53.93 3.00
CA GLY B 166 -6.07 -54.56 1.86
C GLY B 166 -5.64 -53.61 0.79
N VAL B 167 -6.09 -52.34 0.82
CA VAL B 167 -5.90 -51.39 -0.33
C VAL B 167 -4.45 -50.97 -0.57
N ILE B 168 -3.70 -50.78 0.51
CA ILE B 168 -2.23 -50.53 0.45
C ILE B 168 -1.54 -51.55 1.35
N LYS B 169 -0.23 -51.73 1.12
CA LYS B 169 0.57 -52.56 2.00
C LYS B 169 0.47 -52.11 3.47
N SER B 170 0.51 -53.08 4.39
CA SER B 170 0.22 -52.88 5.78
C SER B 170 0.97 -53.88 6.67
N ARG B 171 1.43 -53.44 7.84
CA ARG B 171 2.03 -54.32 8.86
C ARG B 171 1.55 -53.88 10.22
N PRO B 172 1.56 -54.78 11.22
CA PRO B 172 1.13 -54.34 12.57
C PRO B 172 2.15 -53.45 13.30
N GLU B 173 3.41 -53.43 12.82
CA GLU B 173 4.44 -52.46 13.32
C GLU B 173 4.14 -51.02 12.86
N ASP B 174 3.29 -50.86 11.85
CA ASP B 174 2.86 -49.53 11.42
C ASP B 174 2.44 -48.62 12.58
N LYS B 175 1.73 -49.12 13.60
CA LYS B 175 1.17 -48.28 14.67
C LYS B 175 2.25 -47.58 15.51
N ALA B 176 3.28 -48.32 15.91
CA ALA B 176 4.41 -47.70 16.60
C ALA B 176 5.26 -46.93 15.62
N ASN B 177 5.42 -47.45 14.42
CA ASN B 177 6.31 -46.76 13.48
C ASN B 177 5.74 -45.38 12.98
N PHE B 178 4.41 -45.18 13.12
CA PHE B 178 3.75 -43.94 12.66
C PHE B 178 4.12 -42.90 13.68
N THR B 179 4.10 -43.32 14.93
CA THR B 179 4.51 -42.47 16.02
C THR B 179 5.99 -42.04 15.89
N ALA B 180 6.87 -42.97 15.55
CA ALA B 180 8.28 -42.67 15.36
C ALA B 180 8.46 -41.72 14.23
N LEU B 181 7.78 -41.97 13.10
CA LEU B 181 7.88 -41.05 11.98
C LEU B 181 7.42 -39.60 12.28
N LEU B 182 6.28 -39.45 12.96
CA LEU B 182 5.79 -38.13 13.28
C LEU B 182 6.75 -37.46 14.30
N LYS B 183 7.20 -38.21 15.31
CA LYS B 183 8.19 -37.71 16.24
C LYS B 183 9.39 -37.13 15.47
N LEU B 184 9.90 -37.89 14.50
CA LEU B 184 11.09 -37.50 13.81
C LEU B 184 10.88 -36.28 12.89
N LEU B 185 9.73 -36.21 12.19
CA LEU B 185 9.45 -35.02 11.33
C LEU B 185 9.37 -33.80 12.20
N ARG B 186 8.75 -33.94 13.34
CA ARG B 186 8.57 -32.78 14.21
C ARG B 186 9.93 -32.30 14.76
N GLU B 187 10.82 -33.25 15.10
CA GLU B 187 12.20 -32.90 15.55
C GLU B 187 12.94 -32.11 14.50
N LYS B 188 12.90 -32.61 13.28
CA LYS B 188 13.43 -31.90 12.10
C LYS B 188 12.78 -30.55 11.79
N LEU B 189 11.45 -30.45 11.82
CA LEU B 189 10.80 -29.12 11.66
C LEU B 189 11.23 -28.15 12.78
N ASP B 190 11.21 -28.61 14.02
CA ASP B 190 11.59 -27.79 15.11
C ASP B 190 13.08 -27.38 14.99
N ALA B 191 13.94 -28.28 14.55
CA ALA B 191 15.37 -27.98 14.38
C ALA B 191 15.51 -26.89 13.36
N GLN B 192 14.87 -27.04 12.21
CA GLN B 192 14.83 -25.98 11.23
C GLN B 192 14.32 -24.66 11.76
N SER B 193 13.23 -24.65 12.51
CA SER B 193 12.72 -23.39 13.05
C SER B 193 13.72 -22.62 13.93
N THR B 194 14.56 -23.35 14.66
CA THR B 194 15.51 -22.67 15.53
C THR B 194 16.56 -21.86 14.76
N THR B 195 16.79 -22.20 13.49
CA THR B 195 17.56 -21.36 12.55
C THR B 195 16.72 -20.31 11.84
N THR B 196 15.68 -20.78 11.13
CA THR B 196 14.96 -19.90 10.22
C THR B 196 14.08 -18.91 10.96
N ASN B 197 13.76 -19.19 12.25
CA ASN B 197 12.78 -18.41 13.03
C ASN B 197 11.30 -18.46 12.49
N LYS B 198 10.98 -19.47 11.73
CA LYS B 198 9.69 -19.62 11.09
C LYS B 198 9.16 -20.95 11.61
N TYR B 199 7.95 -20.93 12.12
CA TYR B 199 7.29 -22.13 12.60
C TYR B 199 6.67 -22.95 11.42
N TYR B 200 6.84 -24.27 11.46
CA TYR B 200 6.34 -25.18 10.45
C TYR B 200 5.25 -26.06 11.04
N GLU B 201 4.24 -26.30 10.19
CA GLU B 201 3.15 -27.14 10.58
C GLU B 201 3.41 -28.61 10.28
N LEU B 202 2.86 -29.47 11.13
CA LEU B 202 2.79 -30.89 10.83
C LEU B 202 1.40 -31.38 11.22
N ALA B 203 0.70 -32.03 10.29
CA ALA B 203 -0.69 -32.45 10.54
C ALA B 203 -0.84 -33.77 9.85
N ILE B 204 -1.90 -34.47 10.19
CA ILE B 204 -2.24 -35.69 9.54
C ILE B 204 -3.70 -35.59 9.08
N ALA B 205 -4.02 -36.29 8.02
CA ALA B 205 -5.43 -36.66 7.72
C ALA B 205 -5.72 -38.02 8.42
N ALA B 206 -6.74 -38.06 9.28
CA ALA B 206 -6.99 -39.24 10.13
C ALA B 206 -8.34 -39.89 9.79
N GLY B 207 -8.41 -41.22 9.85
CA GLY B 207 -9.62 -41.97 9.57
C GLY B 207 -10.67 -41.75 10.63
N ALA B 208 -11.93 -41.79 10.23
CA ALA B 208 -13.04 -41.61 11.14
C ALA B 208 -13.39 -42.87 11.95
N SER B 209 -12.95 -44.05 11.52
CA SER B 209 -13.42 -45.28 12.15
C SER B 209 -12.72 -45.57 13.50
N LYS B 210 -13.42 -46.37 14.30
CA LYS B 210 -12.83 -46.91 15.53
C LYS B 210 -11.69 -47.81 15.14
N THR B 211 -11.75 -48.43 13.97
CA THR B 211 -10.59 -49.15 13.48
C THR B 211 -9.33 -48.30 13.29
N TYR B 212 -9.49 -47.09 12.72
CA TYR B 212 -8.36 -46.17 12.59
C TYR B 212 -7.80 -45.87 13.95
N THR B 213 -8.66 -45.54 14.93
CA THR B 213 -8.17 -45.02 16.15
C THR B 213 -7.52 -46.17 16.91
N ASP B 214 -7.79 -47.42 16.53
CA ASP B 214 -7.09 -48.56 17.14
C ASP B 214 -5.75 -48.75 16.54
N SER B 215 -5.53 -48.25 15.34
CA SER B 215 -4.29 -48.47 14.61
C SER B 215 -3.24 -47.38 14.83
N VAL B 216 -3.54 -46.36 15.64
CA VAL B 216 -2.63 -45.27 15.80
C VAL B 216 -2.56 -44.93 17.25
N GLU B 217 -1.43 -44.35 17.66
CA GLU B 217 -1.34 -43.94 19.05
C GLU B 217 -1.66 -42.47 19.31
N LEU B 218 -2.91 -42.16 19.61
CA LEU B 218 -3.41 -40.78 19.50
C LEU B 218 -2.80 -39.87 20.56
N THR B 219 -2.77 -40.35 21.81
CA THR B 219 -2.12 -39.63 22.95
C THR B 219 -0.64 -39.42 22.68
N LYS B 220 -0.01 -40.34 22.00
CA LYS B 220 1.44 -40.18 21.72
C LYS B 220 1.75 -39.27 20.58
N ILE B 221 0.93 -39.27 19.51
CA ILE B 221 1.22 -38.46 18.34
C ILE B 221 0.67 -37.05 18.44
N THR B 222 -0.28 -36.78 19.32
CA THR B 222 -1.02 -35.54 19.26
C THR B 222 -0.08 -34.34 19.58
N PRO B 223 0.83 -34.51 20.57
CA PRO B 223 1.82 -33.46 20.82
C PRO B 223 2.71 -33.11 19.62
N TYR B 224 2.97 -34.02 18.68
CA TYR B 224 3.75 -33.63 17.47
C TYR B 224 2.96 -32.84 16.42
N LEU B 225 1.63 -32.74 16.62
CA LEU B 225 0.78 -32.25 15.52
C LEU B 225 0.18 -30.96 15.86
N ASP B 226 0.09 -30.10 14.87
CA ASP B 226 -0.74 -28.93 15.01
C ASP B 226 -2.21 -29.19 15.00
N TYR B 227 -2.59 -30.14 14.19
CA TYR B 227 -4.00 -30.36 13.86
CA TYR B 227 -3.97 -30.52 14.19
C TYR B 227 -4.13 -31.78 13.37
N ILE B 228 -5.30 -32.36 13.56
CA ILE B 228 -5.70 -33.61 12.96
C ILE B 228 -6.90 -33.30 12.11
N ASN B 229 -6.78 -33.55 10.81
CA ASN B 229 -7.89 -33.39 9.87
C ASN B 229 -8.71 -34.67 9.88
N LEU B 230 -9.91 -34.64 10.42
CA LEU B 230 -10.77 -35.80 10.52
C LEU B 230 -11.41 -36.02 9.13
N MET B 231 -11.14 -37.15 8.52
CA MET B 231 -11.83 -37.44 7.28
C MET B 231 -13.27 -37.89 7.49
N THR B 232 -14.15 -36.96 7.91
CA THR B 232 -15.54 -37.20 8.15
C THR B 232 -16.34 -37.12 6.88
N TYR B 233 -15.92 -37.92 5.90
CA TYR B 233 -16.64 -38.07 4.64
C TYR B 233 -16.34 -39.48 4.13
N ASP B 234 -17.00 -39.92 3.04
CA ASP B 234 -17.05 -41.35 2.68
C ASP B 234 -17.34 -42.23 3.87
N LEU B 235 -18.19 -41.74 4.77
CA LEU B 235 -18.52 -42.51 5.93
C LEU B 235 -19.43 -43.71 5.57
N HIS B 236 -20.21 -43.56 4.51
CA HIS B 236 -21.07 -44.59 3.90
C HIS B 236 -20.98 -44.34 2.40
N GLY B 237 -21.30 -45.34 1.63
CA GLY B 237 -21.01 -45.32 0.18
C GLY B 237 -21.67 -46.51 -0.44
N GLY B 238 -21.58 -46.59 -1.76
CA GLY B 238 -22.25 -47.64 -2.51
C GLY B 238 -21.76 -49.05 -2.18
N TRP B 239 -20.59 -49.15 -1.54
CA TRP B 239 -20.15 -50.41 -0.89
C TRP B 239 -21.14 -50.94 0.21
N ASP B 240 -21.96 -50.08 0.80
CA ASP B 240 -22.90 -50.47 1.79
C ASP B 240 -24.20 -50.93 1.11
N PRO B 241 -24.84 -51.95 1.69
CA PRO B 241 -26.02 -52.51 1.00
C PRO B 241 -27.29 -51.64 1.16
N ALA B 242 -27.29 -50.70 2.12
CA ALA B 242 -28.35 -49.68 2.18
C ALA B 242 -27.77 -48.24 2.08
N THR B 243 -28.60 -47.31 1.59
CA THR B 243 -28.21 -45.91 1.44
C THR B 243 -28.17 -45.20 2.79
N SER B 244 -27.24 -44.26 2.88
CA SER B 244 -27.05 -43.40 4.03
C SER B 244 -26.27 -42.12 3.64
N HIS B 245 -26.01 -41.31 4.63
CA HIS B 245 -25.28 -40.05 4.46
C HIS B 245 -23.82 -40.29 4.54
N HIS B 246 -23.07 -39.66 3.66
CA HIS B 246 -21.66 -39.88 3.70
C HIS B 246 -20.82 -38.90 4.47
N THR B 247 -21.33 -37.73 4.73
CA THR B 247 -20.59 -36.72 5.44
C THR B 247 -21.51 -35.91 6.34
N ALA B 248 -22.46 -36.58 6.99
CA ALA B 248 -23.44 -35.89 7.85
C ALA B 248 -22.89 -35.40 9.20
N VAL B 249 -23.46 -34.31 9.68
CA VAL B 249 -23.03 -33.71 10.91
C VAL B 249 -23.42 -34.61 12.14
N TYR B 250 -24.63 -35.13 12.16
CA TYR B 250 -25.18 -35.94 13.29
C TYR B 250 -25.64 -37.27 12.81
N SER B 251 -25.62 -38.25 13.71
CA SER B 251 -25.96 -39.63 13.39
C SER B 251 -27.51 -39.69 13.59
N ALA B 252 -28.27 -39.97 12.55
CA ALA B 252 -29.74 -40.00 12.73
C ALA B 252 -30.25 -41.41 13.03
N THR B 253 -29.45 -42.43 12.70
CA THR B 253 -29.77 -43.81 13.03
C THR B 253 -28.58 -44.38 13.80
N ASN B 254 -28.74 -45.64 14.20
CA ASN B 254 -27.90 -46.25 15.21
C ASN B 254 -26.51 -46.50 14.69
N ASN B 255 -26.42 -47.04 13.49
CA ASN B 255 -25.15 -47.34 12.86
C ASN B 255 -24.72 -46.32 11.78
N GLN B 256 -25.37 -45.16 11.75
CA GLN B 256 -24.89 -44.08 10.90
C GLN B 256 -23.70 -43.34 11.53
N LEU B 257 -22.53 -43.37 10.92
CA LEU B 257 -21.42 -42.52 11.28
C LEU B 257 -21.68 -41.09 10.84
N SER B 258 -21.03 -40.17 11.56
CA SER B 258 -21.21 -38.73 11.37
C SER B 258 -20.00 -38.00 11.90
N VAL B 259 -19.99 -36.70 11.68
CA VAL B 259 -18.96 -35.85 12.25
C VAL B 259 -19.03 -36.04 13.74
N ASP B 260 -20.21 -35.89 14.32
CA ASP B 260 -20.44 -35.99 15.80
C ASP B 260 -19.98 -37.29 16.41
N SER B 261 -20.47 -38.39 15.88
CA SER B 261 -19.86 -39.70 16.23
C SER B 261 -18.31 -39.76 16.17
N THR B 262 -17.66 -39.17 15.19
CA THR B 262 -16.19 -39.27 15.00
C THR B 262 -15.48 -38.38 15.96
N VAL B 263 -16.04 -37.17 16.16
CA VAL B 263 -15.42 -36.20 17.01
C VAL B 263 -15.46 -36.78 18.45
N LYS B 264 -16.63 -37.33 18.80
CA LYS B 264 -16.85 -37.99 20.09
C LYS B 264 -15.89 -39.10 20.26
N LEU B 265 -15.62 -39.87 19.22
CA LEU B 265 -14.65 -40.93 19.31
C LEU B 265 -13.25 -40.38 19.63
N TYR B 266 -12.85 -39.30 18.98
CA TYR B 266 -11.52 -38.72 19.19
C TYR B 266 -11.36 -38.01 20.49
N LEU B 267 -12.42 -37.29 20.93
CA LEU B 267 -12.39 -36.62 22.21
C LEU B 267 -12.26 -37.68 23.33
N ASN B 268 -12.95 -38.81 23.14
CA ASN B 268 -12.84 -39.99 24.00
C ASN B 268 -11.51 -40.69 24.10
N ASN B 269 -10.64 -40.50 23.12
CA ASN B 269 -9.31 -41.08 23.12
C ASN B 269 -8.25 -40.09 23.59
N GLY B 270 -8.70 -38.99 24.21
CA GLY B 270 -7.80 -37.94 24.70
C GLY B 270 -7.37 -36.83 23.73
N VAL B 271 -7.92 -36.73 22.51
CA VAL B 271 -7.54 -35.61 21.63
C VAL B 271 -8.22 -34.31 22.04
N PRO B 272 -7.45 -33.24 22.22
CA PRO B 272 -8.06 -31.98 22.54
C PRO B 272 -8.96 -31.43 21.43
N ALA B 273 -10.10 -30.86 21.80
CA ALA B 273 -11.05 -30.28 20.83
C ALA B 273 -10.33 -29.37 19.88
N GLU B 274 -9.38 -28.59 20.43
CA GLU B 274 -8.84 -27.49 19.70
C GLU B 274 -7.83 -27.93 18.66
N LYS B 275 -7.52 -29.23 18.56
CA LYS B 275 -6.69 -29.75 17.47
C LYS B 275 -7.48 -30.63 16.44
N LEU B 276 -8.79 -30.73 16.61
CA LEU B 276 -9.62 -31.52 15.70
C LEU B 276 -10.25 -30.61 14.60
N MET B 277 -9.94 -30.95 13.35
CA MET B 277 -10.58 -30.36 12.16
C MET B 277 -11.65 -31.33 11.68
N VAL B 278 -12.83 -30.78 11.51
CA VAL B 278 -14.01 -31.47 10.91
C VAL B 278 -13.87 -31.41 9.38
N GLY B 279 -13.91 -32.58 8.75
CA GLY B 279 -14.03 -32.79 7.30
C GLY B 279 -15.41 -32.60 6.65
N GLY B 280 -15.38 -31.92 5.49
CA GLY B 280 -16.50 -31.85 4.59
C GLY B 280 -16.05 -32.18 3.20
N ALA B 281 -17.04 -32.40 2.34
CA ALA B 281 -16.81 -32.95 0.99
C ALA B 281 -17.54 -32.04 -0.04
N PHE B 282 -16.86 -31.74 -1.14
CA PHE B 282 -17.41 -30.98 -2.22
C PHE B 282 -17.89 -31.94 -3.32
N TYR B 283 -18.31 -33.13 -2.89
CA TYR B 283 -18.75 -34.22 -3.80
C TYR B 283 -19.69 -35.14 -3.05
N SER B 284 -20.42 -35.96 -3.79
CA SER B 284 -21.44 -36.82 -3.29
C SER B 284 -20.99 -38.25 -3.43
N ARG B 285 -21.61 -39.11 -2.66
CA ARG B 285 -21.56 -40.55 -2.85
C ARG B 285 -22.91 -40.95 -3.33
N VAL B 286 -22.87 -41.79 -4.33
CA VAL B 286 -24.04 -42.17 -5.06
C VAL B 286 -24.30 -43.69 -4.89
N TRP B 287 -25.61 -44.04 -4.75
CA TRP B 287 -26.10 -45.41 -4.88
C TRP B 287 -27.05 -45.47 -6.08
N GLN B 288 -26.83 -46.42 -6.96
CA GLN B 288 -27.79 -46.69 -8.02
C GLN B 288 -28.70 -47.85 -7.62
N ASN B 289 -29.77 -48.07 -8.38
CA ASN B 289 -30.66 -49.27 -8.22
C ASN B 289 -31.13 -49.38 -6.80
N VAL B 290 -31.54 -48.23 -6.26
CA VAL B 290 -32.12 -48.17 -4.91
C VAL B 290 -33.62 -48.44 -4.97
N GLU B 291 -34.12 -49.10 -3.94
CA GLU B 291 -35.53 -49.44 -3.92
C GLU B 291 -36.35 -48.13 -3.89
N ASN B 292 -37.35 -48.01 -4.78
CA ASN B 292 -38.14 -46.79 -4.86
C ASN B 292 -39.15 -46.75 -3.74
N LYS B 293 -38.66 -46.43 -2.56
CA LYS B 293 -39.51 -46.35 -1.40
C LYS B 293 -39.09 -45.12 -0.60
N GLY B 294 -40.06 -44.54 0.07
CA GLY B 294 -39.84 -43.37 0.91
C GLY B 294 -39.03 -42.33 0.10
N THR B 295 -37.94 -41.85 0.66
CA THR B 295 -37.15 -40.79 0.05
C THR B 295 -35.87 -41.40 -0.47
N GLY B 296 -35.81 -42.74 -0.44
CA GLY B 296 -34.60 -43.42 -0.84
C GLY B 296 -33.51 -43.52 0.21
N LEU B 297 -33.64 -42.78 1.28
CA LEU B 297 -32.72 -42.76 2.38
C LEU B 297 -33.00 -43.99 3.27
N SER B 298 -31.90 -44.72 3.57
CA SER B 298 -31.99 -45.96 4.38
C SER B 298 -32.85 -46.96 3.67
N GLU B 299 -32.70 -47.09 2.35
CA GLU B 299 -33.38 -48.09 1.56
C GLU B 299 -32.28 -48.96 0.97
N LYS B 300 -32.65 -50.17 0.55
CA LYS B 300 -31.67 -51.10 0.08
C LYS B 300 -31.34 -50.74 -1.33
N ALA B 301 -30.11 -51.05 -1.70
CA ALA B 301 -29.62 -50.84 -3.01
C ALA B 301 -29.03 -52.16 -3.61
N GLY B 302 -29.24 -52.32 -4.91
CA GLY B 302 -28.84 -53.48 -5.70
C GLY B 302 -27.52 -53.35 -6.35
N SER B 303 -27.38 -53.79 -7.60
CA SER B 303 -26.10 -53.79 -8.26
C SER B 303 -25.62 -52.32 -8.41
N GLN B 304 -24.34 -52.09 -8.13
CA GLN B 304 -23.67 -50.80 -8.33
C GLN B 304 -22.81 -50.90 -9.57
N ALA B 305 -22.91 -52.00 -10.33
CA ALA B 305 -22.10 -52.08 -11.56
C ALA B 305 -22.24 -50.85 -12.42
N GLY B 306 -23.42 -50.37 -12.75
CA GLY B 306 -23.35 -48.98 -13.45
C GLY B 306 -22.46 -47.77 -12.90
N SER B 307 -22.16 -47.76 -11.62
CA SER B 307 -22.26 -46.50 -10.87
C SER B 307 -21.07 -45.55 -11.08
N PRO B 308 -21.31 -44.24 -11.16
CA PRO B 308 -20.13 -43.35 -11.15
C PRO B 308 -19.42 -43.35 -9.80
N GLY B 309 -20.08 -43.85 -8.77
CA GLY B 309 -19.54 -43.77 -7.43
C GLY B 309 -19.73 -42.38 -6.77
N THR B 310 -19.16 -41.36 -7.40
CA THR B 310 -19.27 -40.00 -6.87
C THR B 310 -19.63 -39.07 -7.93
N ILE B 311 -20.30 -37.99 -7.57
CA ILE B 311 -20.55 -36.86 -8.43
C ILE B 311 -20.12 -35.57 -7.77
N VAL B 312 -19.31 -34.77 -8.48
CA VAL B 312 -18.75 -33.55 -7.83
C VAL B 312 -19.83 -32.49 -7.64
N TYR B 313 -19.64 -31.63 -6.65
CA TYR B 313 -20.69 -30.59 -6.41
C TYR B 313 -21.00 -29.73 -7.61
N SER B 314 -20.02 -29.37 -8.42
CA SER B 314 -20.30 -28.51 -9.56
C SER B 314 -21.27 -29.21 -10.56
N GLU B 315 -21.09 -30.50 -10.70
CA GLU B 315 -21.97 -31.28 -11.55
C GLU B 315 -23.36 -31.45 -10.96
N LEU B 316 -23.46 -31.63 -9.64
CA LEU B 316 -24.76 -31.65 -8.97
C LEU B 316 -25.52 -30.38 -9.23
N VAL B 317 -24.84 -29.22 -9.17
CA VAL B 317 -25.52 -27.93 -9.34
C VAL B 317 -26.01 -27.84 -10.77
N ASN B 318 -25.17 -28.27 -11.65
CA ASN B 318 -25.45 -28.17 -13.07
C ASN B 318 -26.53 -29.11 -13.53
N ASN B 319 -26.57 -30.32 -13.03
CA ASN B 319 -27.47 -31.36 -13.60
C ASN B 319 -28.35 -32.17 -12.66
N TYR B 320 -28.24 -32.01 -11.34
CA TYR B 320 -28.96 -32.89 -10.40
C TYR B 320 -29.80 -32.17 -9.33
N ILE B 321 -29.31 -31.14 -8.69
CA ILE B 321 -30.08 -30.61 -7.53
C ILE B 321 -31.38 -29.91 -7.98
N ASN B 322 -32.54 -30.52 -7.73
CA ASN B 322 -33.81 -30.10 -8.22
C ASN B 322 -33.88 -29.97 -9.77
N LYS B 323 -33.16 -30.85 -10.44
CA LYS B 323 -33.09 -30.86 -11.92
C LYS B 323 -33.21 -32.31 -12.44
N ASN B 324 -33.67 -32.46 -13.69
CA ASN B 324 -33.62 -33.73 -14.38
C ASN B 324 -34.23 -34.91 -13.62
N GLY B 325 -35.32 -34.64 -12.90
CA GLY B 325 -36.04 -35.69 -12.19
C GLY B 325 -35.60 -35.98 -10.77
N TYR B 326 -34.52 -35.32 -10.26
CA TYR B 326 -34.11 -35.47 -8.86
C TYR B 326 -34.74 -34.49 -7.89
N THR B 327 -35.34 -35.03 -6.85
CA THR B 327 -35.91 -34.28 -5.78
C THR B 327 -34.87 -34.06 -4.69
N ARG B 328 -34.84 -32.82 -4.13
CA ARG B 328 -34.01 -32.49 -2.98
C ARG B 328 -34.84 -32.84 -1.72
N TYR B 329 -34.17 -33.49 -0.81
CA TYR B 329 -34.69 -33.78 0.52
C TYR B 329 -33.68 -33.29 1.54
N TRP B 330 -34.12 -33.19 2.80
CA TRP B 330 -33.24 -32.90 3.87
C TRP B 330 -33.54 -33.79 5.09
N ASP B 331 -32.48 -34.24 5.73
CA ASP B 331 -32.60 -35.05 6.98
C ASP B 331 -32.33 -34.07 8.11
N ASP B 332 -33.38 -33.72 8.83
CA ASP B 332 -33.29 -32.72 9.81
C ASP B 332 -32.72 -33.21 11.12
N THR B 333 -32.40 -34.50 11.25
CA THR B 333 -31.69 -34.97 12.40
C THR B 333 -30.23 -35.02 12.06
N ALA B 334 -29.88 -35.65 10.97
CA ALA B 334 -28.48 -35.65 10.56
C ALA B 334 -27.92 -34.24 10.16
N LYS B 335 -28.82 -33.35 9.79
CA LYS B 335 -28.52 -32.08 9.10
C LYS B 335 -27.76 -32.30 7.78
N ALA B 336 -28.34 -33.10 6.88
CA ALA B 336 -27.65 -33.48 5.63
C ALA B 336 -28.66 -33.51 4.50
N PRO B 337 -28.25 -33.02 3.31
CA PRO B 337 -29.15 -33.07 2.19
C PRO B 337 -28.98 -34.32 1.39
N TYR B 338 -29.99 -34.69 0.56
CA TYR B 338 -29.78 -35.81 -0.37
C TYR B 338 -30.72 -35.69 -1.53
N LEU B 339 -30.39 -36.32 -2.63
CA LEU B 339 -31.24 -36.35 -3.77
C LEU B 339 -31.76 -37.69 -4.05
N PHE B 340 -32.99 -37.80 -4.61
CA PHE B 340 -33.53 -39.07 -5.04
C PHE B 340 -34.39 -38.82 -6.22
N ASN B 341 -34.19 -39.64 -7.26
CA ASN B 341 -35.11 -39.69 -8.38
C ASN B 341 -35.96 -40.96 -8.51
N GLY B 342 -35.95 -41.85 -7.52
CA GLY B 342 -36.81 -43.05 -7.53
C GLY B 342 -35.91 -44.28 -7.77
N SER B 343 -34.64 -44.05 -8.11
CA SER B 343 -33.71 -45.12 -8.38
C SER B 343 -32.28 -44.80 -7.93
N THR B 344 -31.82 -43.58 -8.22
CA THR B 344 -30.49 -43.09 -7.79
C THR B 344 -30.60 -42.17 -6.60
N PHE B 345 -29.87 -42.48 -5.54
CA PHE B 345 -29.81 -41.78 -4.30
C PHE B 345 -28.40 -41.14 -4.18
N ILE B 346 -28.37 -39.85 -3.87
CA ILE B 346 -27.15 -39.07 -3.87
C ILE B 346 -27.02 -38.37 -2.51
N SER B 347 -25.97 -38.70 -1.76
CA SER B 347 -25.70 -38.10 -0.49
C SER B 347 -24.67 -37.04 -0.73
N TYR B 348 -24.93 -35.83 -0.24
CA TYR B 348 -23.95 -34.73 -0.56
C TYR B 348 -23.88 -33.68 0.53
N GLU B 349 -23.07 -32.66 0.29
CA GLU B 349 -22.84 -31.57 1.22
C GLU B 349 -23.28 -30.30 0.46
N ASP B 350 -24.06 -29.46 1.08
CA ASP B 350 -24.50 -28.17 0.45
C ASP B 350 -24.32 -26.99 1.46
N THR B 351 -24.98 -25.87 1.16
CA THR B 351 -24.84 -24.66 1.88
C THR B 351 -25.41 -24.80 3.29
N ALA B 352 -26.50 -25.57 3.44
CA ALA B 352 -27.09 -25.83 4.74
C ALA B 352 -26.26 -26.75 5.60
N SER B 353 -25.72 -27.85 5.05
CA SER B 353 -25.02 -28.80 5.88
C SER B 353 -23.68 -28.14 6.24
N ALA B 354 -23.11 -27.35 5.31
CA ALA B 354 -21.94 -26.57 5.64
C ALA B 354 -22.17 -25.60 6.86
N ALA B 355 -23.34 -24.96 6.92
CA ALA B 355 -23.69 -24.08 8.06
C ALA B 355 -23.77 -24.89 9.31
N TYR B 356 -24.43 -26.06 9.27
CA TYR B 356 -24.52 -26.85 10.51
C TYR B 356 -23.18 -27.38 10.96
N LYS B 357 -22.30 -27.73 10.02
CA LYS B 357 -20.98 -28.18 10.43
C LYS B 357 -20.18 -27.03 11.03
N ALA B 358 -20.31 -25.83 10.47
CA ALA B 358 -19.64 -24.66 11.01
C ALA B 358 -20.11 -24.41 12.42
N GLU B 359 -21.44 -24.51 12.64
CA GLU B 359 -21.99 -24.25 13.98
C GLU B 359 -21.53 -25.31 14.95
N TYR B 360 -21.39 -26.53 14.47
CA TYR B 360 -20.84 -27.61 15.27
C TYR B 360 -19.42 -27.37 15.69
N ILE B 361 -18.59 -26.92 14.76
CA ILE B 361 -17.22 -26.61 15.08
C ILE B 361 -17.12 -25.51 16.20
N LYS B 362 -17.93 -24.47 16.06
CA LYS B 362 -17.91 -23.34 16.99
C LYS B 362 -18.41 -23.78 18.35
N GLN B 363 -19.56 -24.44 18.35
CA GLN B 363 -20.15 -24.96 19.57
C GLN B 363 -19.30 -25.92 20.38
N ASN B 364 -18.39 -26.63 19.74
CA ASN B 364 -17.59 -27.63 20.40
C ASN B 364 -16.13 -27.23 20.41
N ASN B 365 -15.84 -25.97 20.10
CA ASN B 365 -14.47 -25.45 20.17
C ASN B 365 -13.48 -26.28 19.43
N LEU B 366 -13.83 -26.67 18.19
CA LEU B 366 -12.93 -27.45 17.33
C LEU B 366 -11.99 -26.52 16.58
N ALA B 367 -10.94 -27.06 16.00
CA ALA B 367 -9.94 -26.23 15.35
C ALA B 367 -10.47 -25.54 14.04
N GLY B 368 -11.52 -26.09 13.42
CA GLY B 368 -11.95 -25.55 12.15
C GLY B 368 -12.49 -26.64 11.20
N PHE B 369 -12.52 -26.28 9.92
CA PHE B 369 -13.20 -27.01 8.80
C PHE B 369 -12.15 -27.32 7.70
N MET B 370 -12.06 -28.60 7.36
CA MET B 370 -11.25 -29.04 6.25
CA MET B 370 -11.24 -29.09 6.25
C MET B 370 -12.20 -29.62 5.17
N TYR B 371 -11.83 -29.47 3.91
CA TYR B 371 -12.67 -30.05 2.86
C TYR B 371 -11.90 -30.59 1.72
N TRP B 372 -12.45 -31.67 1.13
CA TRP B 372 -11.93 -32.37 -0.08
C TRP B 372 -13.01 -32.24 -1.14
N GLU B 373 -12.76 -31.52 -2.24
CA GLU B 373 -11.56 -30.68 -2.52
C GLU B 373 -11.98 -29.51 -3.39
N TYR B 374 -11.14 -28.48 -3.38
CA TYR B 374 -11.54 -27.13 -3.76
C TYR B 374 -12.13 -27.06 -5.16
N SER B 375 -11.52 -27.79 -6.11
CA SER B 375 -11.93 -27.70 -7.48
C SER B 375 -13.30 -28.29 -7.83
N GLN B 376 -13.87 -29.06 -6.93
CA GLN B 376 -15.14 -29.70 -7.11
C GLN B 376 -16.31 -28.78 -6.81
N ASP B 377 -16.04 -27.56 -6.29
CA ASP B 377 -17.05 -26.63 -5.91
C ASP B 377 -17.64 -26.09 -7.21
N SER B 378 -18.75 -25.39 -7.04
CA SER B 378 -19.33 -24.65 -8.14
C SER B 378 -18.34 -23.59 -8.60
N ASP B 379 -18.63 -23.10 -9.80
CA ASP B 379 -17.76 -22.09 -10.47
C ASP B 379 -17.49 -20.81 -9.65
N SER B 380 -18.57 -20.36 -9.05
CA SER B 380 -18.54 -19.27 -8.08
C SER B 380 -18.11 -19.63 -6.63
N HIS B 381 -17.58 -20.85 -6.39
CA HIS B 381 -17.15 -21.30 -5.07
C HIS B 381 -18.18 -21.21 -4.00
N GLU B 382 -19.39 -21.67 -4.25
CA GLU B 382 -20.47 -21.55 -3.25
C GLU B 382 -20.18 -22.21 -1.86
N LEU B 383 -19.64 -23.41 -1.88
CA LEU B 383 -19.38 -24.13 -0.65
C LEU B 383 -18.20 -23.44 0.10
N ALA B 384 -17.11 -23.18 -0.57
CA ALA B 384 -15.94 -22.51 0.02
C ALA B 384 -16.33 -21.18 0.63
N ASN B 385 -17.18 -20.43 -0.10
CA ASN B 385 -17.63 -19.10 0.35
C ASN B 385 -18.57 -19.19 1.46
N THR B 386 -19.44 -20.22 1.45
CA THR B 386 -20.32 -20.45 2.56
C THR B 386 -19.59 -20.80 3.88
N ILE B 387 -18.62 -21.67 3.78
CA ILE B 387 -17.87 -22.12 4.94
C ILE B 387 -17.13 -20.91 5.57
N TYR B 388 -16.49 -20.13 4.75
CA TYR B 388 -15.77 -18.94 5.26
C TYR B 388 -16.75 -18.00 5.96
N SER B 389 -17.77 -17.68 5.23
CA SER B 389 -18.81 -16.86 5.69
C SER B 389 -19.44 -17.33 7.02
N ARG B 390 -19.68 -18.63 7.17
CA ARG B 390 -20.30 -19.16 8.41
C ARG B 390 -19.33 -19.27 9.55
N LEU B 391 -18.11 -19.66 9.21
CA LEU B 391 -17.15 -19.96 10.20
C LEU B 391 -16.64 -18.64 10.89
N TYR B 392 -16.76 -17.51 10.20
CA TYR B 392 -16.33 -16.23 10.74
C TYR B 392 -17.43 -15.23 11.07
N ALA B 393 -18.68 -15.68 11.13
CA ALA B 393 -19.79 -14.85 11.63
C ALA B 393 -19.71 -14.83 13.16
N LYS B 394 -19.73 -13.63 13.75
CA LYS B 394 -19.88 -13.45 15.22
C LYS B 394 -21.06 -14.28 15.79
N SER B 395 -20.78 -15.37 16.50
CA SER B 395 -21.86 -16.20 17.10
C SER B 395 -22.52 -15.42 18.25
N GLY B 396 -23.84 -15.27 18.20
CA GLY B 396 -24.55 -14.23 18.95
C GLY B 396 -24.69 -12.96 18.14
N THR B 397 -25.05 -13.11 16.87
CA THR B 397 -25.75 -12.08 16.07
C THR B 397 -26.32 -12.80 14.86
N PRO B 398 -27.65 -12.96 14.79
CA PRO B 398 -28.26 -13.74 13.70
C PRO B 398 -27.94 -13.21 12.27
N LEU B 399 -27.82 -14.13 11.32
CA LEU B 399 -27.58 -13.83 9.93
C LEU B 399 -28.92 -13.65 9.29
N SER B 400 -29.01 -12.65 8.44
CA SER B 400 -30.10 -12.43 7.56
C SER B 400 -30.10 -13.43 6.37
N VAL B 401 -31.27 -13.93 6.01
CA VAL B 401 -31.43 -14.57 4.73
C VAL B 401 -31.09 -13.54 3.65
N GLY B 402 -30.29 -13.95 2.67
CA GLY B 402 -29.88 -13.03 1.60
C GLY B 402 -30.40 -13.46 0.25
N THR B 403 -30.78 -12.53 -0.62
CA THR B 403 -31.36 -12.88 -1.91
C THR B 403 -30.65 -12.17 -3.07
N SER B 404 -30.77 -12.74 -4.28
CA SER B 404 -30.38 -12.14 -5.49
C SER B 404 -31.57 -12.34 -6.45
N VAL B 405 -31.39 -11.95 -7.71
CA VAL B 405 -32.43 -11.94 -8.62
C VAL B 405 -31.98 -12.72 -9.85
N TYR B 406 -32.82 -13.67 -10.30
CA TYR B 406 -32.59 -14.40 -11.57
C TYR B 406 -33.58 -13.97 -12.63
N ALA B 407 -34.85 -13.72 -12.24
CA ALA B 407 -35.91 -13.27 -13.18
C ALA B 407 -36.73 -12.22 -12.41
N GLY B 408 -36.48 -10.96 -12.76
CA GLY B 408 -36.89 -9.80 -11.99
C GLY B 408 -37.88 -8.89 -12.66
N THR B 409 -38.31 -9.29 -13.87
CA THR B 409 -39.28 -8.51 -14.65
C THR B 409 -40.45 -9.36 -15.14
N VAL B 410 -41.66 -8.87 -14.82
CA VAL B 410 -42.87 -9.22 -15.58
C VAL B 410 -43.43 -7.93 -16.29
N THR B 411 -43.70 -8.04 -17.59
CA THR B 411 -44.09 -6.94 -18.43
C THR B 411 -45.63 -6.94 -18.84
N MET B 412 -46.28 -5.81 -18.54
CA MET B 412 -47.65 -5.50 -19.02
CA MET B 412 -47.66 -5.56 -18.98
C MET B 412 -47.76 -5.74 -20.49
N ALA B 413 -48.85 -6.39 -20.95
CA ALA B 413 -49.13 -6.44 -22.39
C ALA B 413 -49.79 -5.15 -22.90
N THR B 414 -50.65 -4.52 -22.11
CA THR B 414 -51.32 -3.27 -22.50
C THR B 414 -51.38 -2.43 -21.27
N TYR B 415 -52.04 -1.28 -21.28
CA TYR B 415 -52.17 -0.48 -20.03
C TYR B 415 -52.74 -1.21 -18.82
N THR B 416 -53.53 -2.25 -19.11
CA THR B 416 -54.30 -2.94 -18.12
C THR B 416 -54.06 -4.48 -18.06
N GLN B 417 -53.64 -5.08 -19.16
CA GLN B 417 -53.47 -6.50 -19.24
C GLN B 417 -52.06 -6.92 -18.76
N LEU B 418 -52.02 -7.51 -17.57
CA LEU B 418 -50.81 -8.22 -17.06
C LEU B 418 -50.72 -9.74 -17.43
N PRO B 419 -49.89 -10.14 -18.38
CA PRO B 419 -49.78 -11.60 -18.63
C PRO B 419 -49.18 -12.34 -17.44
N ALA B 420 -49.38 -13.65 -17.38
CA ALA B 420 -48.82 -14.44 -16.29
C ALA B 420 -47.29 -14.46 -16.39
N GLY B 421 -46.64 -14.56 -15.27
CA GLY B 421 -45.18 -14.43 -15.27
C GLY B 421 -44.62 -14.83 -13.95
N THR B 422 -43.33 -15.17 -14.00
CA THR B 422 -42.60 -15.62 -12.79
C THR B 422 -41.36 -14.81 -12.42
N PHE B 423 -41.29 -14.42 -11.18
CA PHE B 423 -40.09 -13.81 -10.61
C PHE B 423 -39.33 -14.97 -9.98
N ILE B 424 -37.99 -14.95 -10.05
CA ILE B 424 -37.17 -15.99 -9.44
C ILE B 424 -36.06 -15.30 -8.66
N LEU B 425 -35.95 -15.61 -7.39
CA LEU B 425 -34.95 -15.01 -6.51
C LEU B 425 -34.11 -16.10 -5.83
N PRO B 426 -32.89 -16.35 -6.34
CA PRO B 426 -32.02 -17.24 -5.63
C PRO B 426 -31.58 -16.69 -4.31
N LEU B 427 -31.42 -17.56 -3.32
CA LEU B 427 -30.80 -17.11 -2.07
C LEU B 427 -29.29 -17.15 -2.17
N THR B 428 -28.69 -16.16 -1.55
CA THR B 428 -27.26 -16.06 -1.43
C THR B 428 -26.78 -16.37 -0.03
N GLN B 429 -27.69 -16.30 0.96
CA GLN B 429 -27.41 -16.69 2.33
C GLN B 429 -28.62 -17.36 2.89
N GLY B 430 -28.48 -18.61 3.39
CA GLY B 430 -29.60 -19.38 3.77
C GLY B 430 -29.94 -20.35 2.66
N THR B 431 -30.57 -21.43 3.07
CA THR B 431 -30.98 -22.49 2.13
C THR B 431 -32.43 -22.78 2.32
N LEU B 432 -33.22 -22.59 1.28
CA LEU B 432 -34.64 -22.95 1.37
C LEU B 432 -34.88 -24.45 1.71
N LYS B 433 -35.94 -24.68 2.45
CA LYS B 433 -36.43 -26.01 2.71
C LYS B 433 -36.84 -26.49 1.30
N PRO B 434 -36.72 -27.79 1.05
CA PRO B 434 -36.95 -28.28 -0.32
C PRO B 434 -38.37 -27.92 -0.84
N VAL B 435 -39.35 -27.86 0.08
CA VAL B 435 -40.66 -27.36 -0.23
C VAL B 435 -41.04 -26.29 0.79
N ILE B 436 -41.23 -25.06 0.36
CA ILE B 436 -41.46 -23.93 1.27
C ILE B 436 -42.99 -23.80 1.34
N SER B 437 -43.46 -23.07 2.34
CA SER B 437 -44.91 -22.75 2.46
C SER B 437 -45.23 -21.29 2.14
N ALA B 438 -46.47 -21.03 1.77
CA ALA B 438 -46.92 -19.65 1.43
C ALA B 438 -46.62 -18.59 2.54
N SER B 439 -46.67 -19.04 3.79
CA SER B 439 -46.26 -18.19 4.89
C SER B 439 -44.75 -17.94 5.01
N ASP B 440 -43.91 -18.64 4.23
CA ASP B 440 -42.50 -18.45 4.33
C ASP B 440 -41.99 -17.20 3.54
N VAL B 441 -42.90 -16.64 2.73
CA VAL B 441 -42.57 -15.54 1.81
C VAL B 441 -43.67 -14.50 1.83
N THR B 442 -43.31 -13.23 1.96
CA THR B 442 -44.27 -12.10 1.78
C THR B 442 -43.94 -11.33 0.53
N VAL B 443 -44.95 -11.07 -0.28
CA VAL B 443 -44.76 -10.25 -1.47
C VAL B 443 -45.68 -8.99 -1.37
N SER B 444 -45.10 -7.78 -1.50
CA SER B 444 -45.83 -6.49 -1.65
C SER B 444 -45.82 -5.93 -3.06
N GLY B 445 -46.90 -5.21 -3.42
CA GLY B 445 -46.92 -4.36 -4.59
C GLY B 445 -47.59 -5.02 -5.78
N ILE B 446 -48.01 -6.27 -5.66
CA ILE B 446 -48.76 -6.90 -6.74
C ILE B 446 -50.09 -6.13 -6.80
N PRO B 447 -50.51 -5.74 -8.00
CA PRO B 447 -51.67 -4.84 -7.96
C PRO B 447 -52.98 -5.61 -7.68
N ALA B 448 -53.93 -4.93 -7.04
CA ALA B 448 -55.24 -5.50 -6.66
C ALA B 448 -55.97 -6.49 -7.62
N GLY B 449 -56.41 -7.60 -7.02
CA GLY B 449 -57.06 -8.74 -7.71
C GLY B 449 -56.23 -9.42 -8.80
N ILE B 450 -54.90 -9.36 -8.67
CA ILE B 450 -53.97 -10.17 -9.45
C ILE B 450 -53.51 -11.16 -8.40
N THR B 451 -53.87 -12.41 -8.56
CA THR B 451 -53.41 -13.35 -7.56
C THR B 451 -51.96 -13.79 -7.88
N TYR B 452 -51.31 -14.32 -6.85
CA TYR B 452 -50.02 -14.96 -7.02
C TYR B 452 -49.83 -16.07 -6.04
N THR B 453 -48.86 -16.93 -6.33
CA THR B 453 -48.38 -17.94 -5.35
C THR B 453 -46.89 -17.91 -5.30
N VAL B 454 -46.34 -18.41 -4.20
CA VAL B 454 -44.91 -18.62 -4.03
C VAL B 454 -44.60 -20.11 -3.92
N ALA B 455 -43.41 -20.52 -4.31
CA ALA B 455 -42.98 -21.90 -4.26
C ALA B 455 -41.43 -21.89 -4.44
N ASN B 456 -40.83 -23.08 -4.43
CA ASN B 456 -39.44 -23.25 -4.82
C ASN B 456 -39.45 -23.17 -6.35
N ALA B 457 -38.59 -22.35 -6.95
CA ALA B 457 -38.45 -22.34 -8.41
C ALA B 457 -37.95 -23.65 -8.91
N ALA B 458 -38.65 -24.17 -9.92
CA ALA B 458 -38.24 -25.40 -10.60
C ALA B 458 -36.89 -25.19 -11.22
N ASP B 459 -36.06 -26.22 -11.25
CA ASP B 459 -34.71 -26.19 -11.86
C ASP B 459 -33.68 -25.23 -11.25
N HIS B 460 -33.90 -24.84 -10.00
CA HIS B 460 -32.94 -24.09 -9.22
C HIS B 460 -32.80 -24.79 -7.91
N ARG B 461 -31.60 -24.73 -7.32
CA ARG B 461 -31.36 -25.50 -6.13
C ARG B 461 -31.90 -24.84 -4.92
N ASN B 462 -32.12 -23.52 -4.96
CA ASN B 462 -32.29 -22.73 -3.79
C ASN B 462 -32.87 -21.36 -4.13
N ALA B 463 -33.95 -21.34 -4.87
CA ALA B 463 -34.57 -20.06 -5.29
C ALA B 463 -36.06 -20.03 -5.05
N VAL B 464 -36.58 -18.84 -4.81
CA VAL B 464 -38.03 -18.57 -4.64
C VAL B 464 -38.60 -18.20 -5.95
N ALA B 465 -39.72 -18.81 -6.29
CA ALA B 465 -40.52 -18.41 -7.43
C ALA B 465 -41.74 -17.69 -6.88
N VAL B 466 -42.07 -16.54 -7.49
CA VAL B 466 -43.34 -15.83 -7.22
C VAL B 466 -44.11 -15.89 -8.51
N TYR B 467 -45.19 -16.69 -8.55
CA TYR B 467 -45.90 -16.94 -9.80
C TYR B 467 -47.02 -15.98 -9.84
N VAL B 468 -46.98 -15.01 -10.74
CA VAL B 468 -47.98 -13.97 -10.87
C VAL B 468 -48.97 -14.46 -11.90
N ASN B 469 -50.21 -14.59 -11.46
CA ASN B 469 -51.27 -15.05 -12.35
C ASN B 469 -51.60 -13.98 -13.38
N GLY B 470 -51.97 -14.38 -14.59
CA GLY B 470 -52.37 -13.34 -15.60
C GLY B 470 -53.53 -12.48 -15.05
N GLY B 471 -53.77 -11.30 -15.62
CA GLY B 471 -55.01 -10.61 -15.28
C GLY B 471 -55.15 -9.20 -15.78
N THR B 472 -56.22 -8.55 -15.33
CA THR B 472 -56.54 -7.18 -15.69
C THR B 472 -56.26 -6.31 -14.45
N VAL B 473 -55.33 -5.35 -14.54
CA VAL B 473 -55.09 -4.40 -13.48
C VAL B 473 -56.16 -3.34 -13.57
N ALA B 474 -56.60 -2.86 -12.38
CA ALA B 474 -57.83 -2.10 -12.23
C ALA B 474 -57.69 -0.59 -12.54
N SER B 475 -56.48 -0.16 -12.86
CA SER B 475 -56.31 1.11 -13.59
C SER B 475 -55.04 1.08 -14.46
N ASN B 476 -54.85 2.11 -15.27
CA ASN B 476 -53.78 2.11 -16.26
C ASN B 476 -52.42 2.09 -15.59
N VAL B 477 -51.54 1.25 -16.10
CA VAL B 477 -50.14 1.18 -15.59
C VAL B 477 -49.27 1.94 -16.60
N TYR B 478 -48.87 3.14 -16.22
CA TYR B 478 -47.98 3.99 -17.03
C TYR B 478 -46.46 3.87 -16.67
N ASP B 479 -46.21 3.59 -15.39
CA ASP B 479 -44.90 3.57 -14.71
C ASP B 479 -44.60 2.18 -14.16
N PRO B 480 -43.31 1.91 -13.87
CA PRO B 480 -43.07 0.55 -13.32
C PRO B 480 -43.65 0.37 -11.89
N ILE B 481 -44.06 -0.83 -11.55
CA ILE B 481 -44.48 -1.14 -10.20
C ILE B 481 -43.36 -1.84 -9.49
N ASP B 482 -43.04 -1.37 -8.31
CA ASP B 482 -41.99 -1.99 -7.53
C ASP B 482 -42.65 -3.10 -6.78
N VAL B 483 -42.12 -4.32 -6.89
CA VAL B 483 -42.66 -5.50 -6.12
C VAL B 483 -41.60 -5.87 -5.13
N ARG B 484 -41.96 -6.07 -3.87
CA ARG B 484 -40.99 -6.31 -2.80
C ARG B 484 -41.19 -7.76 -2.27
N VAL B 485 -40.14 -8.60 -2.28
CA VAL B 485 -40.18 -9.96 -1.74
C VAL B 485 -39.32 -10.15 -0.50
N VAL B 486 -39.95 -10.56 0.61
CA VAL B 486 -39.22 -10.93 1.82
C VAL B 486 -39.27 -12.46 1.97
N VAL B 487 -38.11 -13.02 2.19
CA VAL B 487 -37.96 -14.47 2.44
C VAL B 487 -37.80 -14.60 3.94
N LYS B 488 -38.80 -15.15 4.60
CA LYS B 488 -38.81 -15.16 6.07
C LYS B 488 -37.80 -16.20 6.64
N ALA B 489 -37.33 -15.99 7.85
CA ALA B 489 -36.54 -16.97 8.56
C ALA B 489 -37.15 -18.38 8.54
N SER B 490 -38.45 -18.49 8.60
CA SER B 490 -39.07 -19.78 8.53
C SER B 490 -38.85 -20.52 7.15
N ALA B 491 -38.37 -19.82 6.12
CA ALA B 491 -38.27 -20.48 4.77
C ALA B 491 -37.07 -21.41 4.65
N VAL B 492 -36.10 -21.21 5.52
CA VAL B 492 -34.81 -21.85 5.41
C VAL B 492 -34.54 -22.93 6.44
N LEU B 493 -33.56 -23.76 6.11
CA LEU B 493 -33.12 -24.90 6.90
C LEU B 493 -32.24 -24.53 8.05
N GLU B 494 -31.46 -23.46 7.90
CA GLU B 494 -30.52 -23.07 8.94
C GLU B 494 -31.29 -22.53 10.14
N ALA B 495 -30.72 -22.62 11.31
N ALA B 495 -30.62 -22.57 11.28
CA ALA B 495 -31.49 -22.24 12.49
CA ALA B 495 -31.25 -22.19 12.54
C ALA B 495 -30.96 -20.86 12.92
C ALA B 495 -30.97 -20.71 12.73
N ASN B 496 -31.84 -20.02 13.45
CA ASN B 496 -31.46 -18.69 14.02
C ASN B 496 -31.23 -17.58 13.01
N MET B 497 -31.77 -17.70 11.82
CA MET B 497 -31.53 -16.66 10.79
C MET B 497 -32.74 -15.75 10.85
N THR B 498 -32.63 -14.58 10.26
CA THR B 498 -33.69 -13.60 10.35
C THR B 498 -34.15 -13.29 8.94
N ASP B 499 -35.25 -12.54 8.83
CA ASP B 499 -35.96 -12.31 7.56
C ASP B 499 -35.04 -11.59 6.59
N SER B 500 -35.19 -11.82 5.30
CA SER B 500 -34.35 -11.05 4.35
C SER B 500 -34.82 -9.61 4.31
N ALA B 501 -33.91 -8.72 3.88
CA ALA B 501 -34.27 -7.42 3.41
C ALA B 501 -35.26 -7.57 2.27
N PRO B 502 -36.21 -6.63 2.07
CA PRO B 502 -37.11 -6.79 0.97
C PRO B 502 -36.47 -6.60 -0.42
N ALA B 503 -36.44 -7.68 -1.20
CA ALA B 503 -35.90 -7.64 -2.57
C ALA B 503 -36.83 -7.03 -3.56
N SER B 504 -36.33 -6.03 -4.29
CA SER B 504 -37.01 -5.41 -5.37
C SER B 504 -36.93 -6.16 -6.66
N VAL B 505 -38.09 -6.41 -7.25
CA VAL B 505 -38.28 -6.82 -8.60
C VAL B 505 -39.37 -5.88 -9.24
N THR B 506 -39.82 -6.12 -10.46
CA THR B 506 -40.44 -5.10 -11.27
C THR B 506 -41.60 -5.62 -12.11
N ILE B 507 -42.75 -4.95 -12.03
CA ILE B 507 -43.73 -5.05 -13.17
C ILE B 507 -43.48 -3.88 -14.09
N MET B 508 -43.09 -4.17 -15.31
CA MET B 508 -42.73 -3.14 -16.21
C MET B 508 -43.97 -2.73 -17.03
N PRO B 509 -44.12 -1.43 -17.36
CA PRO B 509 -45.23 -0.99 -18.25
C PRO B 509 -45.01 -1.41 -19.68
N LYS B 510 -46.06 -1.34 -20.49
CA LYS B 510 -46.07 -2.03 -21.76
C LYS B 510 -45.00 -1.61 -22.69
N PHE B 511 -44.53 -0.37 -22.61
CA PHE B 511 -43.47 0.08 -23.56
C PHE B 511 -42.09 -0.40 -23.13
N GLY B 512 -41.95 -0.94 -21.94
CA GLY B 512 -40.74 -1.74 -21.67
C GLY B 512 -39.59 -0.89 -21.13
N PRO B 513 -38.37 -1.37 -21.27
CA PRO B 513 -37.30 -0.60 -20.67
C PRO B 513 -36.89 0.62 -21.40
N ILE B 514 -36.17 1.52 -20.75
CA ILE B 514 -35.71 2.69 -21.43
C ILE B 514 -34.35 2.43 -22.06
N LEU B 515 -34.03 3.19 -23.07
CA LEU B 515 -32.71 3.14 -23.70
C LEU B 515 -32.28 4.56 -23.96
N LEU B 516 -31.33 4.96 -23.14
CA LEU B 516 -30.97 6.39 -22.91
C LEU B 516 -29.54 6.63 -23.46
N GLY B 517 -29.46 7.58 -24.34
CA GLY B 517 -28.15 7.88 -25.02
C GLY B 517 -27.78 9.29 -24.57
N TYR B 518 -26.56 9.44 -24.05
CA TYR B 518 -25.96 10.74 -23.90
C TYR B 518 -25.56 11.24 -25.28
N VAL B 519 -25.97 12.47 -25.59
CA VAL B 519 -25.65 13.12 -26.86
C VAL B 519 -24.80 14.35 -26.52
N PRO B 520 -23.56 14.39 -26.97
CA PRO B 520 -22.70 15.51 -26.57
C PRO B 520 -23.02 16.79 -27.33
N GLY B 521 -23.23 17.91 -26.65
CA GLY B 521 -23.51 19.18 -27.29
C GLY B 521 -22.29 19.84 -27.95
N TRP B 522 -21.10 19.31 -27.71
CA TRP B 522 -19.90 19.75 -28.42
C TRP B 522 -19.76 19.17 -29.82
N VAL B 523 -20.70 18.36 -30.25
CA VAL B 523 -20.67 17.90 -31.64
C VAL B 523 -21.77 18.66 -32.34
N ASP B 524 -21.46 19.10 -33.56
CA ASP B 524 -22.41 19.91 -34.35
C ASP B 524 -23.23 18.90 -35.13
N TRP B 525 -24.35 18.42 -34.54
CA TRP B 525 -25.06 17.27 -35.09
C TRP B 525 -25.70 17.59 -36.45
N THR B 526 -26.07 18.85 -36.68
CA THR B 526 -26.73 19.22 -37.93
C THR B 526 -25.78 18.99 -39.07
N ASN B 527 -24.52 19.33 -38.88
CA ASN B 527 -23.50 19.03 -39.88
C ASN B 527 -22.73 17.76 -39.65
N SER B 528 -23.13 16.89 -38.71
CA SER B 528 -22.43 15.59 -38.59
C SER B 528 -22.98 14.65 -39.66
N ALA B 529 -22.11 13.87 -40.27
CA ALA B 529 -22.53 12.83 -41.20
C ALA B 529 -23.22 11.68 -40.50
N TYR B 530 -22.82 11.41 -39.26
CA TYR B 530 -23.53 10.44 -38.41
C TYR B 530 -24.64 11.15 -37.64
N LYS B 531 -25.86 10.68 -37.85
CA LYS B 531 -27.03 11.22 -37.18
C LYS B 531 -27.52 10.32 -36.02
N VAL B 532 -28.28 10.92 -35.11
CA VAL B 532 -28.91 10.19 -34.03
C VAL B 532 -30.08 9.44 -34.60
N ASP B 533 -30.18 8.15 -34.28
CA ASP B 533 -31.28 7.32 -34.68
C ASP B 533 -32.24 7.21 -33.55
N ALA B 534 -33.23 8.09 -33.57
CA ALA B 534 -34.19 8.22 -32.54
C ALA B 534 -35.14 7.09 -32.57
N THR B 535 -35.10 6.22 -33.58
CA THR B 535 -35.95 5.03 -33.51
C THR B 535 -35.41 3.97 -32.52
N LYS B 536 -34.14 4.07 -32.19
CA LYS B 536 -33.45 3.13 -31.30
C LYS B 536 -33.26 3.64 -29.86
N LEU B 537 -33.54 4.90 -29.62
CA LEU B 537 -33.54 5.46 -28.31
C LEU B 537 -34.94 5.70 -27.83
N THR B 538 -35.09 5.72 -26.52
CA THR B 538 -36.25 6.27 -25.88
C THR B 538 -35.97 7.57 -25.27
N HIS B 539 -34.75 7.81 -24.85
CA HIS B 539 -34.38 9.01 -24.13
C HIS B 539 -33.02 9.44 -24.62
N ILE B 540 -32.81 10.74 -24.64
CA ILE B 540 -31.53 11.39 -24.84
C ILE B 540 -31.26 12.30 -23.64
N ASN B 541 -30.04 12.25 -23.07
CA ASN B 541 -29.53 13.31 -22.23
C ASN B 541 -28.60 14.20 -23.09
N TYR B 542 -28.84 15.52 -23.12
CA TYR B 542 -28.04 16.45 -23.84
C TYR B 542 -27.00 16.96 -22.83
N ALA B 543 -25.74 16.74 -23.17
CA ALA B 543 -24.56 17.09 -22.35
C ALA B 543 -23.91 18.37 -22.90
N PHE B 544 -23.89 19.52 -22.17
CA PHE B 544 -24.48 19.76 -20.87
C PHE B 544 -24.95 21.21 -20.77
N ALA B 545 -25.83 21.47 -19.83
CA ALA B 545 -26.00 22.82 -19.29
C ALA B 545 -25.11 22.93 -18.02
N ARG B 546 -24.80 24.17 -17.64
CA ARG B 546 -23.87 24.48 -16.57
C ARG B 546 -24.48 25.52 -15.66
N ILE B 547 -23.82 25.76 -14.53
CA ILE B 547 -24.27 26.68 -13.49
C ILE B 547 -23.29 27.85 -13.43
N LYS B 548 -23.80 29.08 -13.46
CA LYS B 548 -22.97 30.27 -13.43
C LYS B 548 -23.74 31.23 -12.59
N ASP B 549 -23.16 31.77 -11.54
CA ASP B 549 -23.89 32.70 -10.66
C ASP B 549 -25.22 32.08 -10.18
N ASN B 550 -25.26 30.76 -9.99
CA ASN B 550 -26.45 30.10 -9.48
C ASN B 550 -27.63 30.08 -10.45
N LYS B 551 -27.31 30.19 -11.74
CA LYS B 551 -28.24 30.12 -12.85
C LYS B 551 -27.81 29.05 -13.86
N VAL B 552 -28.75 28.56 -14.67
CA VAL B 552 -28.48 27.52 -15.62
C VAL B 552 -28.20 28.18 -16.96
N VAL B 553 -27.06 27.90 -17.52
CA VAL B 553 -26.62 28.51 -18.76
C VAL B 553 -26.10 27.45 -19.77
N LYS B 554 -25.92 27.82 -21.00
CA LYS B 554 -25.29 26.96 -21.97
C LYS B 554 -23.82 26.75 -21.65
N ILE B 555 -23.31 25.57 -21.97
CA ILE B 555 -21.91 25.21 -21.64
C ILE B 555 -20.86 26.26 -22.19
N SER B 556 -21.17 26.90 -23.33
CA SER B 556 -20.36 27.97 -23.91
C SER B 556 -20.23 29.20 -22.99
N GLU B 557 -21.05 29.32 -21.94
CA GLU B 557 -20.98 30.41 -20.95
C GLU B 557 -20.33 29.94 -19.68
N ASP B 558 -19.78 28.72 -19.66
CA ASP B 558 -19.12 28.19 -18.46
C ASP B 558 -17.64 28.44 -18.63
N ILE B 559 -17.10 29.50 -18.03
CA ILE B 559 -15.70 29.90 -18.36
C ILE B 559 -14.64 28.82 -17.97
N ASN B 560 -14.89 28.07 -16.89
CA ASN B 560 -14.02 26.97 -16.47
CA ASN B 560 -13.99 26.97 -16.48
C ASN B 560 -13.78 25.97 -17.64
N TRP B 561 -14.88 25.55 -18.29
CA TRP B 561 -14.81 24.70 -19.49
C TRP B 561 -14.26 25.42 -20.72
N VAL B 562 -14.84 26.59 -21.03
CA VAL B 562 -14.42 27.28 -22.26
C VAL B 562 -12.89 27.54 -22.16
N ASN B 563 -12.42 27.88 -20.95
CA ASN B 563 -10.99 28.20 -20.77
C ASN B 563 -10.14 27.08 -20.18
N GLU B 564 -10.64 25.84 -20.20
CA GLU B 564 -9.91 24.68 -19.67
C GLU B 564 -8.49 24.61 -20.24
N PHE B 565 -8.35 24.78 -21.56
CA PHE B 565 -7.05 24.80 -22.24
C PHE B 565 -6.67 26.23 -22.67
N PRO B 566 -5.44 26.70 -22.35
CA PRO B 566 -4.95 28.05 -22.72
C PRO B 566 -5.17 28.47 -24.15
N SER B 567 -5.09 27.51 -25.07
CA SER B 567 -5.10 27.81 -26.51
C SER B 567 -6.36 28.43 -27.08
N GLU B 568 -6.18 29.54 -27.81
CA GLU B 568 -7.28 30.30 -28.34
C GLU B 568 -8.09 29.47 -29.34
N GLU B 569 -7.45 28.73 -30.23
CA GLU B 569 -8.21 27.90 -31.19
C GLU B 569 -9.28 26.96 -30.48
N ILE B 570 -8.94 26.38 -29.35
CA ILE B 570 -9.89 25.57 -28.58
C ILE B 570 -10.89 26.49 -27.84
N ARG B 571 -10.39 27.59 -27.29
CA ARG B 571 -11.27 28.53 -26.65
C ARG B 571 -12.32 29.09 -27.60
N GLU B 572 -11.98 29.24 -28.87
CA GLU B 572 -12.90 29.79 -29.83
C GLU B 572 -13.96 28.75 -30.18
N GLN B 573 -13.56 27.50 -30.40
CA GLN B 573 -14.56 26.41 -30.64
C GLN B 573 -15.57 26.31 -29.51
N ARG B 574 -15.12 26.42 -28.28
CA ARG B 574 -15.92 26.25 -27.08
C ARG B 574 -16.84 27.44 -26.79
N ARG B 575 -16.36 28.66 -27.06
CA ARG B 575 -17.23 29.83 -27.04
C ARG B 575 -18.34 29.73 -28.05
N ASN B 576 -18.04 29.15 -29.20
CA ASN B 576 -18.97 28.92 -30.31
C ASN B 576 -19.57 27.48 -30.40
N ASN B 577 -19.66 26.83 -29.27
CA ASN B 577 -20.27 25.51 -29.15
C ASN B 577 -21.63 25.56 -29.86
N PRO B 578 -21.98 24.55 -30.65
CA PRO B 578 -23.23 24.67 -31.45
C PRO B 578 -24.54 24.33 -30.71
N ASP B 579 -24.77 24.95 -29.54
CA ASP B 579 -25.96 24.68 -28.70
C ASP B 579 -27.30 25.01 -29.42
N ASP B 580 -27.40 26.21 -30.05
CA ASP B 580 -28.62 26.58 -30.80
C ASP B 580 -28.91 25.60 -31.92
N ALA B 581 -27.92 25.31 -32.74
CA ALA B 581 -28.17 24.37 -33.82
C ALA B 581 -28.51 22.98 -33.24
N ASN B 582 -27.86 22.56 -32.17
CA ASN B 582 -28.23 21.23 -31.63
C ASN B 582 -29.67 21.22 -31.07
N PHE B 583 -30.14 22.32 -30.44
CA PHE B 583 -31.49 22.34 -29.88
C PHE B 583 -32.53 22.20 -31.02
N ALA B 584 -32.21 22.80 -32.17
CA ALA B 584 -33.01 22.66 -33.39
C ALA B 584 -32.90 21.25 -33.95
N TYR B 585 -31.74 20.64 -33.86
CA TYR B 585 -31.59 19.31 -34.34
C TYR B 585 -32.48 18.35 -33.50
N LEU B 586 -32.36 18.46 -32.20
CA LEU B 586 -33.14 17.60 -31.28
C LEU B 586 -34.62 17.75 -31.54
N LYS B 587 -35.10 18.96 -31.70
CA LYS B 587 -36.55 19.18 -31.99
C LYS B 587 -36.94 18.34 -33.23
N THR B 588 -36.11 18.32 -34.27
CA THR B 588 -36.44 17.47 -35.43
C THR B 588 -36.39 15.97 -35.21
N LEU B 589 -35.69 15.46 -34.21
CA LEU B 589 -35.75 14.07 -33.94
C LEU B 589 -37.14 13.59 -33.51
N LYS B 590 -37.95 14.43 -32.89
CA LYS B 590 -39.31 14.00 -32.56
CA LYS B 590 -39.33 14.01 -32.57
C LYS B 590 -40.11 13.54 -33.83
N GLN B 591 -39.71 14.01 -35.04
CA GLN B 591 -40.16 13.33 -36.29
C GLN B 591 -39.96 11.84 -36.11
N GLN B 592 -38.73 11.38 -36.12
CA GLN B 592 -38.45 9.92 -36.15
C GLN B 592 -38.87 9.23 -34.87
N ASN B 593 -39.17 10.01 -33.81
CA ASN B 593 -39.74 9.40 -32.64
C ASN B 593 -40.58 10.41 -31.86
N PRO B 594 -41.90 10.47 -32.09
CA PRO B 594 -42.69 11.42 -31.28
C PRO B 594 -42.78 11.02 -29.80
N SER B 595 -42.46 9.75 -29.47
CA SER B 595 -42.34 9.31 -28.08
C SER B 595 -40.92 9.54 -27.48
N LEU B 596 -40.02 10.11 -28.23
CA LEU B 596 -38.69 10.44 -27.71
C LEU B 596 -38.74 11.44 -26.56
N LYS B 597 -37.98 11.17 -25.50
CA LYS B 597 -37.81 12.14 -24.42
C LYS B 597 -36.37 12.67 -24.46
N VAL B 598 -36.19 13.97 -24.48
CA VAL B 598 -34.89 14.61 -24.49
C VAL B 598 -34.76 15.47 -23.24
N LEU B 599 -33.83 15.10 -22.39
CA LEU B 599 -33.62 15.78 -21.16
C LEU B 599 -32.36 16.60 -21.29
N VAL B 600 -32.28 17.68 -20.51
CA VAL B 600 -31.02 18.43 -20.41
C VAL B 600 -30.25 17.98 -19.17
N SER B 601 -29.02 17.55 -19.38
CA SER B 601 -28.11 17.20 -18.29
C SER B 601 -27.40 18.44 -17.89
N ILE B 602 -27.60 18.79 -16.63
CA ILE B 602 -26.94 19.88 -16.04
C ILE B 602 -25.77 19.35 -15.18
N GLY B 603 -24.58 19.74 -15.52
CA GLY B 603 -23.43 19.41 -14.71
C GLY B 603 -22.38 18.72 -15.55
N GLY B 604 -21.97 17.56 -15.07
CA GLY B 604 -20.95 16.76 -15.64
C GLY B 604 -19.62 17.00 -14.93
N TRP B 605 -18.60 16.44 -15.53
CA TRP B 605 -17.30 16.33 -14.91
C TRP B 605 -16.69 17.69 -14.83
N ALA B 606 -16.24 18.00 -13.63
CA ALA B 606 -15.61 19.26 -13.29
C ALA B 606 -16.57 20.44 -13.41
N ALA B 607 -17.88 20.18 -13.52
CA ALA B 607 -18.83 21.28 -13.50
C ALA B 607 -19.02 21.80 -12.10
N GLU B 608 -18.93 23.13 -11.93
CA GLU B 608 -19.01 23.81 -10.62
C GLU B 608 -20.38 24.31 -10.29
N GLY B 609 -20.59 24.68 -9.03
CA GLY B 609 -21.78 25.39 -8.58
C GLY B 609 -22.82 24.64 -7.79
N PHE B 610 -22.81 23.29 -7.79
CA PHE B 610 -23.83 22.55 -7.09
C PHE B 610 -23.79 22.70 -5.60
N SER B 611 -22.57 22.63 -5.03
CA SER B 611 -22.41 22.73 -3.58
C SER B 611 -23.00 24.05 -3.07
N ASP B 612 -22.56 25.16 -3.70
CA ASP B 612 -23.12 26.51 -3.46
C ASP B 612 -24.63 26.62 -3.73
N ALA B 613 -25.10 25.97 -4.80
CA ALA B 613 -26.53 26.02 -5.18
C ALA B 613 -27.44 25.31 -4.24
N ALA B 614 -26.91 24.25 -3.62
CA ALA B 614 -27.72 23.46 -2.76
C ALA B 614 -27.74 23.96 -1.33
N LEU B 615 -26.82 24.83 -0.95
CA LEU B 615 -26.65 25.29 0.47
C LEU B 615 -27.88 25.67 1.23
N THR B 616 -28.76 26.46 0.60
CA THR B 616 -29.90 27.07 1.33
C THR B 616 -31.19 27.05 0.55
N PRO B 617 -32.36 27.17 1.21
CA PRO B 617 -33.64 27.20 0.49
C PRO B 617 -33.64 28.25 -0.60
N GLU B 618 -32.88 29.34 -0.44
CA GLU B 618 -32.90 30.42 -1.42
C GLU B 618 -32.02 30.11 -2.62
N THR B 619 -30.82 29.57 -2.42
CA THR B 619 -29.97 29.22 -3.58
C THR B 619 -30.65 28.08 -4.38
N ARG B 620 -31.29 27.14 -3.69
CA ARG B 620 -32.01 26.00 -4.30
C ARG B 620 -33.16 26.42 -5.17
N GLU B 621 -33.93 27.35 -4.64
CA GLU B 621 -35.06 27.93 -5.35
C GLU B 621 -34.57 28.59 -6.61
N GLU B 622 -33.49 29.32 -6.50
CA GLU B 622 -33.01 30.08 -7.55
C GLU B 622 -32.46 29.18 -8.67
N LEU B 623 -31.68 28.16 -8.31
CA LEU B 623 -31.15 27.19 -9.31
C LEU B 623 -32.31 26.45 -10.01
N ALA B 624 -33.23 25.98 -9.22
CA ALA B 624 -34.34 25.24 -9.73
C ALA B 624 -35.21 26.04 -10.69
N ASN B 625 -35.60 27.26 -10.31
CA ASN B 625 -36.39 28.10 -11.23
C ASN B 625 -35.61 28.35 -12.48
N SER B 626 -34.32 28.63 -12.33
CA SER B 626 -33.52 28.87 -13.50
C SER B 626 -33.34 27.64 -14.45
N ALA B 627 -33.25 26.44 -13.87
CA ALA B 627 -33.11 25.17 -14.65
C ALA B 627 -34.42 24.89 -15.38
N ILE B 628 -35.55 25.17 -14.71
CA ILE B 628 -36.88 25.13 -15.33
C ILE B 628 -37.01 26.09 -16.49
N ALA B 629 -36.59 27.34 -16.31
CA ALA B 629 -36.56 28.28 -17.42
C ALA B 629 -35.73 27.72 -18.63
N PHE B 630 -34.57 27.12 -18.37
CA PHE B 630 -33.67 26.69 -19.47
C PHE B 630 -34.32 25.53 -20.24
N MET B 631 -34.93 24.63 -19.48
CA MET B 631 -35.67 23.45 -19.93
C MET B 631 -36.74 23.87 -20.92
N HIS B 632 -37.58 24.83 -20.50
CA HIS B 632 -38.61 25.42 -21.39
C HIS B 632 -38.06 26.17 -22.61
N GLN B 633 -37.05 27.01 -22.40
CA GLN B 633 -36.56 27.85 -23.47
C GLN B 633 -36.10 27.03 -24.65
N TYR B 634 -35.51 25.87 -24.39
CA TYR B 634 -34.87 25.11 -25.44
C TYR B 634 -35.55 23.81 -25.76
N GLY B 635 -36.72 23.53 -25.18
CA GLY B 635 -37.54 22.47 -25.67
C GLY B 635 -37.28 21.10 -25.05
N PHE B 636 -36.84 21.05 -23.80
CA PHE B 636 -36.57 19.74 -23.18
C PHE B 636 -37.75 19.16 -22.43
N ASP B 637 -37.67 17.86 -22.21
CA ASP B 637 -38.68 17.01 -21.61
C ASP B 637 -38.39 16.72 -20.15
N GLY B 638 -37.27 17.22 -19.64
CA GLY B 638 -37.00 17.06 -18.22
C GLY B 638 -35.56 17.46 -17.96
N ILE B 639 -35.11 17.13 -16.78
CA ILE B 639 -33.88 17.58 -16.25
C ILE B 639 -33.15 16.40 -15.64
N ASP B 640 -31.88 16.27 -16.03
CA ASP B 640 -30.99 15.31 -15.39
C ASP B 640 -29.88 16.07 -14.68
N LEU B 641 -29.62 15.75 -13.40
CA LEU B 641 -28.53 16.42 -12.68
C LEU B 641 -27.32 15.48 -12.50
N ASP B 642 -26.15 15.90 -13.03
CA ASP B 642 -24.87 15.14 -13.03
C ASP B 642 -23.88 15.94 -12.17
N TRP B 643 -24.05 15.76 -10.88
CA TRP B 643 -23.23 16.45 -9.87
C TRP B 643 -22.12 15.44 -9.56
N GLU B 644 -20.88 15.81 -9.91
CA GLU B 644 -19.74 14.94 -9.86
C GLU B 644 -18.67 15.50 -8.88
N TYR B 645 -18.81 15.28 -7.58
CA TYR B 645 -19.82 14.53 -6.88
C TYR B 645 -19.97 15.20 -5.49
N PRO B 646 -21.11 15.04 -4.86
CA PRO B 646 -21.34 15.61 -3.55
C PRO B 646 -20.33 15.08 -2.48
N VAL B 647 -20.05 15.93 -1.48
CA VAL B 647 -19.18 15.69 -0.30
C VAL B 647 -17.75 15.58 -0.65
N TYR B 648 -17.39 14.62 -1.50
CA TYR B 648 -15.95 14.48 -1.81
C TYR B 648 -15.55 15.26 -3.00
N GLY B 649 -16.46 15.69 -3.83
CA GLY B 649 -16.03 16.60 -4.88
C GLY B 649 -15.10 16.06 -5.94
N ALA B 650 -15.14 14.75 -6.14
CA ALA B 650 -14.17 14.06 -7.02
C ALA B 650 -12.73 14.31 -6.54
N PHE B 651 -12.58 14.36 -5.22
CA PHE B 651 -11.27 14.59 -4.57
C PHE B 651 -10.62 15.89 -4.99
N GLY B 652 -11.40 16.97 -4.81
CA GLY B 652 -10.98 18.31 -5.10
C GLY B 652 -11.17 18.86 -6.49
N VAL B 653 -11.80 18.17 -7.47
CA VAL B 653 -11.95 18.88 -8.73
C VAL B 653 -13.02 19.95 -8.65
N ILE B 654 -13.94 19.79 -7.72
CA ILE B 654 -15.06 20.62 -7.52
C ILE B 654 -15.16 20.97 -6.07
N LYS B 655 -15.71 22.13 -5.79
CA LYS B 655 -15.98 22.51 -4.41
C LYS B 655 -16.98 21.55 -3.82
N SER B 656 -16.78 21.14 -2.56
CA SER B 656 -17.74 20.31 -1.82
C SER B 656 -17.79 20.53 -0.28
N ARG B 657 -18.84 20.00 0.36
CA ARG B 657 -19.12 20.25 1.79
C ARG B 657 -19.78 19.02 2.39
N PRO B 658 -19.54 18.74 3.68
CA PRO B 658 -20.29 17.62 4.28
C PRO B 658 -21.80 17.71 4.13
N GLU B 659 -22.30 18.94 4.14
CA GLU B 659 -23.74 19.21 4.07
C GLU B 659 -24.33 18.91 2.63
N ASP B 660 -23.48 18.78 1.62
CA ASP B 660 -23.90 18.29 0.27
C ASP B 660 -24.80 17.07 0.35
N LYS B 661 -24.57 16.14 1.30
CA LYS B 661 -25.36 14.92 1.35
C LYS B 661 -26.87 15.18 1.59
N GLN B 662 -27.18 15.94 2.61
CA GLN B 662 -28.54 16.25 2.88
C GLN B 662 -29.06 17.31 1.91
N ASN B 663 -28.19 18.24 1.51
CA ASN B 663 -28.66 19.30 0.63
C ASN B 663 -28.95 18.78 -0.82
N PHE B 664 -28.24 17.76 -1.28
CA PHE B 664 -28.60 17.11 -2.55
C PHE B 664 -30.03 16.62 -2.48
N THR B 665 -30.37 15.95 -1.39
CA THR B 665 -31.70 15.47 -1.20
C THR B 665 -32.75 16.63 -1.24
N ALA B 666 -32.47 17.73 -0.54
CA ALA B 666 -33.32 18.94 -0.53
C ALA B 666 -33.50 19.46 -1.92
N LEU B 667 -32.38 19.52 -2.65
CA LEU B 667 -32.39 19.96 -4.03
C LEU B 667 -33.27 19.13 -4.92
N LEU B 668 -33.12 17.80 -4.88
CA LEU B 668 -33.94 16.95 -5.75
C LEU B 668 -35.38 17.08 -5.35
N LYS B 669 -35.63 17.13 -4.05
CA LYS B 669 -36.99 17.34 -3.58
C LYS B 669 -37.63 18.59 -4.20
N LEU B 670 -36.91 19.71 -4.16
CA LEU B 670 -37.40 21.00 -4.72
C LEU B 670 -37.56 20.95 -6.24
N PHE B 671 -36.58 20.38 -6.95
CA PHE B 671 -36.67 20.19 -8.40
C PHE B 671 -37.92 19.39 -8.77
N ARG B 672 -38.22 18.33 -8.04
CA ARG B 672 -39.41 17.56 -8.30
C ARG B 672 -40.71 18.33 -8.06
N GLU B 673 -40.75 19.17 -7.00
CA GLU B 673 -41.92 19.95 -6.74
C GLU B 673 -42.09 20.93 -7.88
N LYS B 674 -41.02 21.56 -8.36
CA LYS B 674 -41.13 22.53 -9.42
C LYS B 674 -41.50 21.88 -10.72
N LEU B 675 -41.08 20.66 -10.96
CA LEU B 675 -41.44 19.97 -12.23
C LEU B 675 -42.85 19.48 -12.14
N ASP B 676 -43.38 19.20 -10.91
CA ASP B 676 -44.81 18.92 -10.77
C ASP B 676 -45.63 20.16 -11.12
N VAL B 677 -45.16 21.32 -10.69
CA VAL B 677 -45.84 22.58 -11.01
C VAL B 677 -45.82 22.73 -12.55
N GLU B 678 -44.67 22.58 -13.16
CA GLU B 678 -44.62 22.69 -14.62
C GLU B 678 -45.45 21.69 -15.38
N GLY B 679 -45.45 20.43 -14.98
CA GLY B 679 -46.29 19.44 -15.59
C GLY B 679 -47.78 19.75 -15.45
N ALA B 680 -48.17 20.31 -14.34
CA ALA B 680 -49.57 20.68 -14.14
C ALA B 680 -49.99 21.87 -15.04
N LEU B 681 -49.02 22.70 -15.40
CA LEU B 681 -49.25 23.88 -16.21
C LEU B 681 -49.26 23.51 -17.69
N HIS B 682 -48.42 22.57 -18.05
CA HIS B 682 -48.18 22.25 -19.43
C HIS B 682 -48.87 21.02 -19.94
N GLY B 683 -49.63 20.37 -19.09
CA GLY B 683 -50.36 19.21 -19.52
C GLY B 683 -49.44 18.08 -19.97
N LYS B 684 -48.38 17.95 -19.20
CA LYS B 684 -47.40 16.98 -19.54
C LYS B 684 -46.53 16.62 -18.36
N TYR B 685 -45.86 15.49 -18.47
CA TYR B 685 -45.01 15.01 -17.39
C TYR B 685 -43.53 15.32 -17.69
N TYR B 686 -42.85 15.99 -16.74
CA TYR B 686 -41.45 16.29 -16.82
C TYR B 686 -40.69 15.33 -15.91
N GLU B 687 -39.69 14.67 -16.49
CA GLU B 687 -38.85 13.73 -15.77
C GLU B 687 -37.75 14.43 -15.00
N LEU B 688 -37.33 13.81 -13.92
CA LEU B 688 -36.16 14.21 -13.21
C LEU B 688 -35.34 12.97 -13.00
N ALA B 689 -34.06 13.04 -13.35
CA ALA B 689 -33.13 11.97 -13.22
C ALA B 689 -31.82 12.52 -12.69
N ILE B 690 -30.99 11.60 -12.25
CA ILE B 690 -29.54 11.89 -12.00
C ILE B 690 -28.62 10.82 -12.64
N ALA B 691 -27.36 11.16 -12.84
CA ALA B 691 -26.32 10.24 -13.16
C ALA B 691 -25.56 10.09 -11.85
N SER B 692 -25.32 8.87 -11.49
CA SER B 692 -24.70 8.58 -10.18
C SER B 692 -23.52 7.61 -10.33
N ALA B 693 -22.67 7.57 -9.32
CA ALA B 693 -21.39 6.90 -9.44
C ALA B 693 -21.37 5.56 -8.74
N ALA B 694 -20.39 4.77 -9.09
CA ALA B 694 -20.21 3.37 -8.66
C ALA B 694 -19.44 3.17 -7.32
N ALA B 695 -18.68 4.19 -6.93
CA ALA B 695 -17.76 4.05 -5.83
C ALA B 695 -18.46 3.96 -4.45
N PRO B 696 -17.92 3.12 -3.53
CA PRO B 696 -18.54 3.14 -2.19
C PRO B 696 -18.64 4.55 -1.57
N ILE B 697 -17.65 5.37 -1.80
CA ILE B 697 -17.68 6.74 -1.23
C ILE B 697 -18.86 7.57 -1.78
N TYR B 698 -19.24 7.31 -3.05
CA TYR B 698 -20.44 7.96 -3.62
C TYR B 698 -21.67 7.54 -2.90
N ILE B 699 -21.83 6.24 -2.77
CA ILE B 699 -22.95 5.63 -2.12
C ILE B 699 -23.06 6.14 -0.70
N ASN B 700 -21.88 6.38 -0.14
CA ASN B 700 -21.78 6.92 1.19
C ASN B 700 -22.13 8.42 1.27
N SER B 701 -21.89 9.14 0.20
CA SER B 701 -22.14 10.54 0.17
C SER B 701 -23.54 11.02 -0.23
N VAL B 702 -24.37 10.12 -0.67
CA VAL B 702 -25.68 10.47 -1.14
C VAL B 702 -26.68 9.73 -0.36
N GLU B 703 -27.85 10.29 -0.14
CA GLU B 703 -28.87 9.54 0.56
C GLU B 703 -29.72 8.75 -0.44
N LEU B 704 -29.20 7.60 -0.86
CA LEU B 704 -29.86 6.86 -1.98
C LEU B 704 -31.27 6.43 -1.58
N ASP B 705 -31.52 6.02 -0.33
CA ASP B 705 -32.86 5.55 0.06
C ASP B 705 -33.91 6.66 0.19
N LYS B 706 -33.47 7.89 0.31
CA LYS B 706 -34.34 9.05 0.41
C LYS B 706 -34.57 9.76 -0.90
N ILE B 707 -33.71 9.59 -1.91
CA ILE B 707 -33.84 10.46 -3.13
C ILE B 707 -34.59 9.76 -4.25
N HIS B 708 -34.63 8.45 -4.25
CA HIS B 708 -35.27 7.77 -5.37
C HIS B 708 -36.74 8.11 -5.47
N GLN B 709 -37.45 8.42 -4.38
CA GLN B 709 -38.85 8.89 -4.57
C GLN B 709 -39.03 10.09 -5.51
N TYR B 710 -38.02 10.92 -5.64
CA TYR B 710 -38.08 12.12 -6.47
C TYR B 710 -37.64 11.94 -7.91
N LEU B 711 -37.10 10.77 -8.23
CA LEU B 711 -36.40 10.50 -9.43
C LEU B 711 -37.21 9.53 -10.27
N ASP B 712 -37.17 9.73 -11.57
CA ASP B 712 -37.60 8.68 -12.51
C ASP B 712 -36.67 7.53 -12.55
N TYR B 713 -35.35 7.81 -12.52
CA TYR B 713 -34.34 6.77 -12.52
C TYR B 713 -33.04 7.43 -12.19
N MET B 714 -32.07 6.62 -11.80
CA MET B 714 -30.67 6.99 -11.66
C MET B 714 -29.90 6.24 -12.72
N SER B 715 -29.20 6.99 -13.58
CA SER B 715 -28.27 6.42 -14.52
C SER B 715 -27.01 6.19 -13.82
N VAL B 716 -26.75 4.95 -13.46
CA VAL B 716 -25.53 4.59 -12.74
C VAL B 716 -24.36 4.40 -13.68
N MET B 717 -23.31 5.17 -13.47
CA MET B 717 -22.12 5.09 -14.33
CA MET B 717 -22.17 5.06 -14.35
C MET B 717 -21.32 3.84 -13.97
N THR B 718 -21.76 2.68 -14.49
CA THR B 718 -21.14 1.34 -14.30
C THR B 718 -20.02 1.16 -15.30
N TYR B 719 -19.01 2.03 -15.16
CA TYR B 719 -17.82 2.02 -15.97
C TYR B 719 -16.79 2.97 -15.29
N ASP B 720 -15.65 3.23 -15.94
CA ASP B 720 -14.47 3.90 -15.34
C ASP B 720 -14.09 3.34 -14.01
N TYR B 721 -14.23 2.02 -13.79
CA TYR B 721 -13.92 1.43 -12.53
C TYR B 721 -12.39 1.47 -12.22
N HIS B 722 -11.58 1.40 -13.27
CA HIS B 722 -10.18 1.29 -13.20
C HIS B 722 -9.65 2.05 -14.40
N GLY B 723 -8.38 2.46 -14.31
CA GLY B 723 -7.76 3.19 -15.37
C GLY B 723 -6.34 3.57 -15.01
N SER B 724 -5.79 4.44 -15.84
CA SER B 724 -4.39 4.84 -15.89
C SER B 724 -3.85 5.35 -14.56
N TRP B 725 -4.72 5.99 -13.77
CA TRP B 725 -4.48 6.31 -12.37
C TRP B 725 -4.09 5.14 -11.45
N GLU B 726 -4.17 3.90 -11.90
CA GLU B 726 -3.73 2.70 -11.18
C GLU B 726 -2.62 1.99 -11.94
N SER B 727 -1.85 1.20 -11.19
CA SER B 727 -0.63 0.56 -11.67
C SER B 727 -0.90 -0.80 -12.23
N LYS B 728 -2.08 -1.33 -11.94
CA LYS B 728 -2.44 -2.65 -12.30
C LYS B 728 -3.70 -2.60 -13.22
N THR B 729 -3.76 -3.52 -14.12
CA THR B 729 -4.84 -3.57 -15.09
C THR B 729 -6.03 -4.37 -14.53
N ALA B 730 -7.18 -3.99 -15.00
CA ALA B 730 -8.42 -4.64 -14.61
C ALA B 730 -9.51 -4.20 -15.61
N HIS B 731 -10.73 -4.74 -15.48
CA HIS B 731 -11.91 -4.33 -16.37
C HIS B 731 -12.48 -3.02 -15.91
N GLN B 732 -12.54 -2.05 -16.81
CA GLN B 732 -13.07 -0.77 -16.43
C GLN B 732 -14.60 -0.77 -16.41
N ALA B 733 -15.21 -1.75 -17.05
CA ALA B 733 -16.66 -1.70 -17.25
C ALA B 733 -17.42 -3.01 -17.12
N SER B 734 -16.85 -4.01 -16.46
CA SER B 734 -17.33 -5.38 -16.50
C SER B 734 -18.78 -5.51 -15.94
N VAL B 735 -19.63 -6.25 -16.62
CA VAL B 735 -21.01 -6.43 -16.13
C VAL B 735 -21.01 -7.32 -14.88
N TYR B 736 -20.12 -8.34 -14.82
CA TYR B 736 -20.02 -9.18 -13.66
C TYR B 736 -18.56 -9.11 -13.21
N THR B 737 -18.33 -9.49 -11.98
CA THR B 737 -17.05 -9.30 -11.32
C THR B 737 -16.24 -10.54 -11.71
N SER B 738 -15.03 -10.38 -12.20
CA SER B 738 -14.25 -11.52 -12.76
C SER B 738 -13.93 -12.55 -11.69
N ALA B 739 -13.97 -13.82 -12.03
CA ALA B 739 -13.51 -14.88 -11.12
C ALA B 739 -12.09 -14.64 -10.59
N LEU B 740 -11.24 -14.02 -11.40
CA LEU B 740 -9.83 -13.74 -11.00
C LEU B 740 -9.64 -12.46 -10.27
N SER B 741 -10.72 -11.72 -9.98
CA SER B 741 -10.60 -10.49 -9.20
C SER B 741 -11.75 -10.37 -8.20
N PRO B 742 -11.74 -11.26 -7.18
CA PRO B 742 -12.83 -11.34 -6.23
C PRO B 742 -13.00 -10.03 -5.55
N GLY B 743 -14.24 -9.65 -5.34
CA GLY B 743 -14.53 -8.34 -4.70
C GLY B 743 -14.38 -7.13 -5.64
N ASP B 744 -14.03 -7.31 -6.91
CA ASP B 744 -13.85 -6.16 -7.83
C ASP B 744 -15.21 -5.59 -8.29
N PHE B 745 -15.13 -4.42 -8.86
CA PHE B 745 -16.24 -3.64 -9.37
C PHE B 745 -16.87 -4.33 -10.57
N SER B 746 -18.18 -4.31 -10.59
CA SER B 746 -18.95 -4.74 -11.75
C SER B 746 -20.28 -4.14 -11.72
N ALA B 747 -21.00 -4.16 -12.84
CA ALA B 747 -22.37 -3.56 -12.76
C ALA B 747 -23.17 -4.33 -11.74
N ASP B 748 -23.08 -5.64 -11.76
CA ASP B 748 -23.68 -6.50 -10.75
C ASP B 748 -23.38 -6.13 -9.30
N SER B 749 -22.12 -5.96 -8.95
CA SER B 749 -21.75 -5.56 -7.60
C SER B 749 -22.27 -4.17 -7.28
N VAL B 750 -22.13 -3.23 -8.21
CA VAL B 750 -22.54 -1.86 -7.97
C VAL B 750 -24.07 -1.76 -7.80
N LEU B 751 -24.76 -2.38 -8.74
CA LEU B 751 -26.24 -2.29 -8.76
C LEU B 751 -26.89 -3.06 -7.58
N THR B 752 -26.22 -4.15 -7.17
CA THR B 752 -26.51 -4.83 -5.97
C THR B 752 -26.37 -3.92 -4.74
N ALA B 753 -25.26 -3.20 -4.60
CA ALA B 753 -25.05 -2.27 -3.51
C ALA B 753 -26.09 -1.16 -3.50
N TYR B 754 -26.54 -0.69 -4.67
CA TYR B 754 -27.61 0.32 -4.72
C TYR B 754 -28.87 -0.27 -4.23
N ARG B 755 -29.19 -1.50 -4.62
CA ARG B 755 -30.39 -2.16 -4.18
C ARG B 755 -30.34 -2.49 -2.69
N LYS B 756 -29.15 -2.77 -2.20
CA LYS B 756 -28.96 -3.02 -0.75
C LYS B 756 -29.14 -1.75 0.06
N GLN B 757 -29.09 -0.57 -0.57
CA GLN B 757 -29.44 0.67 0.10
C GLN B 757 -30.86 0.97 0.08
N GLY B 758 -31.68 0.20 -0.63
CA GLY B 758 -33.10 0.50 -0.69
C GLY B 758 -33.63 0.89 -2.03
N VAL B 759 -32.75 1.15 -3.01
CA VAL B 759 -33.22 1.62 -4.29
C VAL B 759 -33.95 0.58 -5.01
N PRO B 760 -35.17 0.89 -5.44
CA PRO B 760 -35.88 -0.08 -6.27
C PRO B 760 -35.17 -0.36 -7.60
N ALA B 761 -35.29 -1.59 -8.08
CA ALA B 761 -34.68 -1.94 -9.31
C ALA B 761 -35.16 -1.06 -10.41
N SER B 762 -36.47 -0.82 -10.41
CA SER B 762 -37.07 -0.04 -11.44
C SER B 762 -36.71 1.46 -11.39
N LYS B 763 -35.85 1.89 -10.49
CA LYS B 763 -35.25 3.23 -10.53
C LYS B 763 -33.78 3.21 -10.84
N LEU B 764 -33.29 2.08 -11.35
CA LEU B 764 -31.89 1.96 -11.71
C LEU B 764 -31.75 1.74 -13.19
N VAL B 765 -30.76 2.37 -13.76
CA VAL B 765 -30.36 2.19 -15.19
C VAL B 765 -28.87 1.83 -15.18
N ILE B 766 -28.57 0.72 -15.83
CA ILE B 766 -27.22 0.28 -16.07
C ILE B 766 -26.58 1.03 -17.18
N GLY B 767 -25.30 1.33 -16.98
CA GLY B 767 -24.51 2.13 -17.89
C GLY B 767 -23.42 1.41 -18.70
N GLY B 768 -23.32 1.80 -19.95
CA GLY B 768 -22.36 1.27 -20.94
C GLY B 768 -21.50 2.44 -21.40
N ALA B 769 -20.24 2.19 -21.72
CA ALA B 769 -19.37 3.23 -22.16
C ALA B 769 -18.87 2.94 -23.58
N PHE B 770 -18.89 3.96 -24.45
CA PHE B 770 -18.44 3.71 -25.85
C PHE B 770 -17.01 4.12 -26.01
N TYR B 771 -16.23 4.11 -24.93
CA TYR B 771 -14.80 4.43 -24.97
C TYR B 771 -14.05 3.49 -24.07
N ALA B 772 -12.76 3.36 -24.32
CA ALA B 772 -11.92 2.43 -23.62
C ALA B 772 -10.97 3.13 -22.63
N ARG B 773 -10.40 2.34 -21.75
CA ARG B 773 -9.30 2.82 -20.90
C ARG B 773 -8.24 1.76 -21.08
N GLY B 774 -7.03 2.01 -20.64
CA GLY B 774 -6.05 0.96 -20.75
C GLY B 774 -4.69 1.37 -20.10
N TRP B 775 -3.73 0.48 -20.27
CA TRP B 775 -2.41 0.63 -19.62
C TRP B 775 -1.34 0.28 -20.64
N VAL B 776 -0.28 1.07 -20.63
CA VAL B 776 0.95 0.69 -21.30
C VAL B 776 1.94 0.12 -20.29
N ASN B 777 3.03 -0.40 -20.85
CA ASN B 777 4.09 -1.06 -20.09
C ASN B 777 3.49 -2.17 -19.28
N VAL B 778 2.68 -2.99 -19.96
CA VAL B 778 2.00 -4.13 -19.33
C VAL B 778 2.64 -5.38 -19.82
N PRO B 779 3.09 -6.29 -18.93
CA PRO B 779 3.80 -7.52 -19.40
C PRO B 779 2.92 -8.53 -20.04
N ASN B 780 3.53 -9.37 -20.88
CA ASN B 780 2.79 -10.34 -21.67
C ASN B 780 2.52 -11.63 -20.92
N ILE B 781 1.66 -11.49 -19.90
CA ILE B 781 1.27 -12.57 -19.03
C ILE B 781 -0.25 -12.52 -18.92
N ASN B 782 -0.93 -13.66 -19.09
CA ASN B 782 -2.40 -13.73 -19.26
C ASN B 782 -2.94 -12.56 -20.09
N HIS B 783 -2.26 -12.28 -21.19
CA HIS B 783 -2.68 -11.27 -22.13
C HIS B 783 -2.80 -9.91 -21.50
N GLY B 784 -2.02 -9.67 -20.46
CA GLY B 784 -2.03 -8.45 -19.68
C GLY B 784 -3.13 -8.24 -18.66
N LEU B 785 -3.95 -9.26 -18.43
CA LEU B 785 -5.18 -9.12 -17.63
C LEU B 785 -4.78 -9.24 -16.16
N PHE B 786 -5.04 -8.21 -15.36
CA PHE B 786 -4.70 -8.23 -13.91
C PHE B 786 -3.18 -8.28 -13.69
N GLN B 787 -2.41 -7.48 -14.41
CA GLN B 787 -0.94 -7.46 -14.26
C GLN B 787 -0.53 -6.09 -13.79
N GLN B 788 0.68 -6.01 -13.23
CA GLN B 788 1.24 -4.70 -12.86
C GLN B 788 1.76 -3.99 -14.07
N ALA B 789 1.66 -2.68 -14.09
CA ALA B 789 2.17 -1.99 -15.22
C ALA B 789 3.07 -0.82 -14.85
N GLY B 790 3.92 -0.45 -15.81
CA GLY B 790 4.96 0.56 -15.63
C GLY B 790 4.53 1.99 -15.82
N ASP B 791 5.43 2.82 -16.36
CA ASP B 791 5.15 4.26 -16.54
C ASP B 791 4.00 4.45 -17.59
N GLN B 792 3.10 5.37 -17.26
CA GLN B 792 1.84 5.58 -18.00
C GLN B 792 1.85 6.91 -18.71
N ALA B 793 3.02 7.59 -18.79
CA ALA B 793 3.14 8.75 -19.73
C ALA B 793 2.66 8.45 -21.15
N LYS B 794 2.90 7.24 -21.65
CA LYS B 794 2.39 6.93 -23.01
C LYS B 794 0.99 6.27 -23.04
N ASN B 795 0.19 6.50 -22.00
CA ASN B 795 -1.07 5.80 -21.81
C ASN B 795 -2.02 6.31 -22.91
N PRO B 796 -2.88 5.42 -23.45
CA PRO B 796 -3.74 5.89 -24.53
C PRO B 796 -4.77 6.97 -24.16
N GLY B 797 -5.22 6.98 -22.92
CA GLY B 797 -6.19 7.95 -22.42
C GLY B 797 -7.52 7.19 -22.60
N THR B 798 -8.39 7.72 -23.41
CA THR B 798 -9.74 7.22 -23.50
C THR B 798 -10.09 7.15 -24.96
N PRO B 799 -9.43 6.27 -25.73
CA PRO B 799 -9.79 6.25 -27.07
C PRO B 799 -11.26 5.71 -27.16
N THR B 800 -11.96 6.28 -28.09
CA THR B 800 -13.34 5.94 -28.33
C THR B 800 -13.41 4.67 -29.11
N TYR B 801 -14.60 4.04 -29.15
CA TYR B 801 -14.76 2.90 -30.05
C TYR B 801 -14.33 3.27 -31.49
N ASN B 802 -14.65 4.48 -31.92
CA ASN B 802 -14.20 4.96 -33.25
C ASN B 802 -12.67 4.81 -33.36
N ASP B 803 -11.94 5.25 -32.35
CA ASP B 803 -10.49 5.16 -32.37
C ASP B 803 -10.03 3.71 -32.41
N LEU B 804 -10.67 2.79 -31.66
CA LEU B 804 -10.35 1.37 -31.76
C LEU B 804 -10.53 0.80 -33.16
N VAL B 805 -11.62 1.19 -33.83
CA VAL B 805 -11.89 0.68 -35.17
C VAL B 805 -10.75 1.17 -36.12
N LYS B 806 -10.40 2.41 -35.98
CA LYS B 806 -9.31 2.99 -36.82
C LYS B 806 -7.88 2.53 -36.52
N ASP B 807 -7.52 2.46 -35.24
CA ASP B 807 -6.12 2.35 -34.81
C ASP B 807 -5.77 1.07 -34.07
N TYR B 808 -6.75 0.29 -33.60
CA TYR B 808 -6.45 -0.91 -32.84
C TYR B 808 -6.87 -2.20 -33.45
N PHE B 809 -8.14 -2.34 -33.86
CA PHE B 809 -8.64 -3.66 -34.14
C PHE B 809 -7.85 -4.47 -35.16
N ASP B 810 -7.46 -4.06 -36.33
CA ASP B 810 -6.72 -5.24 -36.99
C ASP B 810 -5.20 -5.01 -37.09
N LYS B 811 -4.65 -4.51 -35.99
CA LYS B 811 -3.41 -3.71 -35.93
C LYS B 811 -2.46 -4.18 -34.79
N GLY B 812 -2.39 -5.48 -34.59
CA GLY B 812 -1.50 -6.08 -33.59
C GLY B 812 -2.19 -6.32 -32.26
N TYR B 813 -3.40 -5.76 -32.11
CA TYR B 813 -4.21 -6.01 -30.92
C TYR B 813 -5.07 -7.20 -31.16
N THR B 814 -5.12 -8.11 -30.23
CA THR B 814 -6.08 -9.18 -30.39
C THR B 814 -7.15 -9.12 -29.24
N ARG B 815 -8.40 -9.50 -29.55
CA ARG B 815 -9.51 -9.39 -28.62
C ARG B 815 -9.62 -10.69 -27.86
N TYR B 816 -9.77 -10.56 -26.55
CA TYR B 816 -10.07 -11.67 -25.67
C TYR B 816 -11.31 -11.36 -24.83
N TRP B 817 -11.82 -12.36 -24.13
CA TRP B 817 -13.14 -12.32 -23.50
C TRP B 817 -13.03 -12.97 -22.14
N ASP B 818 -13.23 -12.22 -21.05
CA ASP B 818 -13.31 -12.80 -19.74
C ASP B 818 -14.72 -13.25 -19.58
N ASN B 819 -14.90 -14.56 -19.65
CA ASN B 819 -16.23 -15.12 -19.65
C ASN B 819 -16.85 -15.03 -18.28
N SER B 820 -16.09 -14.95 -17.18
CA SER B 820 -16.73 -14.75 -15.85
C SER B 820 -17.15 -13.27 -15.65
N ALA B 821 -16.43 -12.33 -16.23
CA ALA B 821 -16.78 -10.92 -16.13
C ALA B 821 -17.83 -10.48 -17.21
N LYS B 822 -17.98 -11.28 -18.25
CA LYS B 822 -18.55 -10.93 -19.55
C LYS B 822 -17.97 -9.65 -20.14
N ALA B 823 -16.66 -9.61 -20.25
CA ALA B 823 -15.97 -8.38 -20.63
C ALA B 823 -14.90 -8.64 -21.62
N PRO B 824 -14.86 -7.80 -22.65
CA PRO B 824 -13.81 -7.92 -23.61
C PRO B 824 -12.54 -7.16 -23.22
N TYR B 825 -11.40 -7.58 -23.75
CA TYR B 825 -10.20 -6.73 -23.65
C TYR B 825 -9.25 -6.96 -24.80
N LEU B 826 -8.42 -5.96 -25.11
CA LEU B 826 -7.47 -6.09 -26.15
C LEU B 826 -6.08 -6.19 -25.53
N TYR B 827 -5.22 -6.99 -26.15
CA TYR B 827 -3.80 -6.93 -25.79
C TYR B 827 -2.93 -6.82 -27.03
N ASN B 828 -1.95 -5.92 -26.97
CA ASN B 828 -0.93 -5.93 -28.03
C ASN B 828 0.44 -5.95 -27.31
N PRO B 829 1.16 -7.08 -27.43
CA PRO B 829 2.52 -7.21 -26.83
C PRO B 829 3.53 -6.22 -27.35
N ASP B 830 3.42 -5.86 -28.63
CA ASP B 830 4.47 -5.09 -29.28
C ASP B 830 4.26 -3.61 -29.18
N ALA B 831 3.13 -3.13 -28.64
CA ALA B 831 2.85 -1.70 -28.67
C ALA B 831 3.17 -1.03 -27.31
N ASN B 832 4.01 0.02 -27.37
CA ASN B 832 4.42 0.83 -26.21
C ASN B 832 4.58 0.04 -24.93
N GLY B 833 5.07 -1.20 -24.92
CA GLY B 833 5.10 -1.82 -23.60
C GLY B 833 5.12 -3.24 -23.18
N GLY B 834 4.11 -4.07 -23.47
CA GLY B 834 2.91 -3.79 -24.31
C GLY B 834 1.66 -3.09 -23.75
N THR B 835 0.53 -3.20 -24.49
CA THR B 835 -0.71 -2.44 -24.11
C THR B 835 -2.00 -3.22 -23.97
N PHE B 836 -2.70 -2.97 -22.86
CA PHE B 836 -3.93 -3.69 -22.54
C PHE B 836 -5.04 -2.64 -22.60
N ILE B 837 -6.13 -2.97 -23.33
CA ILE B 837 -7.24 -2.06 -23.49
C ILE B 837 -8.50 -2.69 -22.88
N THR B 838 -9.17 -1.93 -22.06
CA THR B 838 -10.43 -2.43 -21.45
C THR B 838 -11.61 -1.64 -21.91
N TYR B 839 -12.65 -2.32 -22.43
CA TYR B 839 -13.72 -1.58 -23.07
C TYR B 839 -15.04 -2.34 -22.98
N ASP B 840 -16.13 -1.66 -23.37
CA ASP B 840 -17.42 -2.29 -23.70
C ASP B 840 -17.52 -2.54 -25.23
N ASP B 841 -18.02 -3.70 -25.64
CA ASP B 841 -18.22 -3.99 -27.09
C ASP B 841 -19.67 -4.45 -27.28
N GLU B 842 -19.96 -5.00 -28.46
CA GLU B 842 -21.32 -5.49 -28.77
C GLU B 842 -21.70 -6.56 -27.77
N GLU B 843 -20.78 -7.48 -27.47
CA GLU B 843 -21.06 -8.56 -26.57
C GLU B 843 -21.35 -8.09 -25.14
N SER B 844 -20.47 -7.29 -24.58
CA SER B 844 -20.70 -6.85 -23.23
C SER B 844 -21.92 -5.99 -23.14
N LEU B 845 -22.19 -5.14 -24.14
CA LEU B 845 -23.42 -4.36 -24.17
C LEU B 845 -24.65 -5.23 -24.20
N LYS B 846 -24.56 -6.34 -24.91
CA LYS B 846 -25.69 -7.32 -24.90
C LYS B 846 -25.92 -7.81 -23.50
N TYR B 847 -24.82 -8.13 -22.80
CA TYR B 847 -24.96 -8.72 -21.50
C TYR B 847 -25.45 -7.70 -20.45
N LYS B 848 -25.14 -6.41 -20.67
CA LYS B 848 -25.67 -5.33 -19.85
C LYS B 848 -27.18 -5.19 -20.04
N ALA B 849 -27.63 -5.31 -21.28
CA ALA B 849 -29.06 -5.12 -21.55
C ALA B 849 -29.77 -6.35 -21.01
N GLU B 850 -29.17 -7.52 -21.15
CA GLU B 850 -29.72 -8.72 -20.57
C GLU B 850 -29.74 -8.68 -19.06
N TYR B 851 -28.71 -8.10 -18.41
CA TYR B 851 -28.77 -7.89 -16.95
C TYR B 851 -29.98 -6.99 -16.61
N ALA B 852 -30.18 -5.94 -17.39
CA ALA B 852 -31.25 -4.95 -17.11
C ALA B 852 -32.62 -5.63 -17.14
N LYS B 853 -32.84 -6.46 -18.17
CA LYS B 853 -34.08 -7.21 -18.28
C LYS B 853 -34.25 -8.24 -17.21
N ASN B 854 -33.22 -9.04 -16.94
CA ASN B 854 -33.34 -10.10 -15.96
C ASN B 854 -33.36 -9.62 -14.53
N GLN B 855 -32.87 -8.41 -14.25
CA GLN B 855 -32.87 -7.86 -12.94
C GLN B 855 -34.05 -6.91 -12.64
N GLY B 856 -34.84 -6.60 -13.63
CA GLY B 856 -35.89 -5.64 -13.47
C GLY B 856 -35.49 -4.19 -13.35
N LEU B 857 -34.40 -3.81 -13.99
CA LEU B 857 -33.96 -2.44 -14.01
C LEU B 857 -34.87 -1.60 -14.91
N ARG B 858 -34.71 -0.30 -14.77
CA ARG B 858 -35.45 0.60 -15.68
C ARG B 858 -35.02 0.54 -17.12
N GLY B 859 -33.76 0.20 -17.36
CA GLY B 859 -33.18 0.20 -18.68
C GLY B 859 -31.67 0.36 -18.71
N VAL B 860 -31.20 0.92 -19.82
CA VAL B 860 -29.76 1.03 -20.15
C VAL B 860 -29.47 2.41 -20.63
N MET B 861 -28.32 2.96 -20.21
CA MET B 861 -27.82 4.27 -20.58
C MET B 861 -26.44 3.99 -21.17
N PHE B 862 -26.02 4.83 -22.08
CA PHE B 862 -24.65 4.86 -22.57
C PHE B 862 -24.08 6.23 -22.79
N TRP B 863 -22.77 6.30 -22.62
CA TRP B 863 -21.96 7.48 -22.90
C TRP B 863 -20.89 7.10 -23.93
N ASP B 864 -20.81 7.71 -25.13
CA ASP B 864 -21.82 8.65 -25.66
C ASP B 864 -22.04 8.41 -27.13
N TYR B 865 -23.08 9.04 -27.69
CA TYR B 865 -23.58 8.68 -29.05
C TYR B 865 -22.51 8.91 -30.10
N SER B 866 -21.69 9.93 -29.90
CA SER B 866 -20.71 10.31 -30.90
C SER B 866 -19.59 9.30 -31.06
N GLN B 867 -19.40 8.39 -30.09
CA GLN B 867 -18.17 7.59 -30.00
C GLN B 867 -18.19 6.32 -30.78
N ASP B 868 -19.29 5.98 -31.48
CA ASP B 868 -19.34 4.88 -32.36
C ASP B 868 -20.27 5.23 -33.56
N ILE B 869 -19.65 5.64 -34.66
CA ILE B 869 -20.30 6.10 -35.86
C ILE B 869 -20.76 4.89 -36.70
N SER B 870 -20.39 3.68 -36.27
CA SER B 870 -20.96 2.47 -36.86
C SER B 870 -22.38 2.16 -36.45
N GLY B 871 -22.87 2.63 -35.30
CA GLY B 871 -24.20 2.17 -34.88
C GLY B 871 -24.25 0.77 -34.27
N LYS B 872 -23.11 0.08 -34.22
CA LYS B 872 -23.08 -1.29 -33.76
C LYS B 872 -23.29 -1.45 -32.25
N LEU B 873 -22.64 -0.59 -31.46
CA LEU B 873 -22.81 -0.64 -30.00
C LEU B 873 -24.23 -0.35 -29.58
N LEU B 874 -24.81 0.73 -30.09
CA LEU B 874 -26.21 1.00 -29.88
C LEU B 874 -27.07 -0.13 -30.43
N GLY B 875 -26.75 -0.66 -31.60
CA GLY B 875 -27.54 -1.80 -32.10
C GLY B 875 -27.59 -3.00 -31.22
N ALA B 876 -26.43 -3.29 -30.58
CA ALA B 876 -26.37 -4.39 -29.67
C ALA B 876 -27.23 -4.19 -28.46
N ILE B 877 -27.28 -2.96 -27.94
CA ILE B 877 -28.16 -2.69 -26.80
C ILE B 877 -29.58 -2.88 -27.23
N PHE B 878 -29.90 -2.22 -28.32
CA PHE B 878 -31.26 -2.17 -28.90
C PHE B 878 -31.79 -3.55 -29.24
N ASN B 879 -30.97 -4.35 -29.92
CA ASN B 879 -31.34 -5.73 -30.27
C ASN B 879 -31.64 -6.60 -29.11
N GLU B 880 -30.87 -6.49 -28.04
CA GLU B 880 -31.16 -7.27 -26.86
C GLU B 880 -32.33 -6.69 -26.04
N LEU B 881 -32.40 -5.41 -25.95
CA LEU B 881 -33.23 -4.81 -24.93
C LEU B 881 -34.67 -4.63 -25.38
N LYS B 882 -34.83 -4.15 -26.61
CA LYS B 882 -36.09 -3.67 -27.19
C LYS B 882 -36.57 -4.60 -28.32
N ALA B 883 -35.77 -5.60 -28.69
CA ALA B 883 -36.12 -6.53 -29.80
C ALA B 883 -35.67 -7.97 -29.52
#